data_9G60
#
_entry.id   9G60
#
_cell.length_a   1.00
_cell.length_b   1.00
_cell.length_c   1.00
_cell.angle_alpha   90.00
_cell.angle_beta   90.00
_cell.angle_gamma   90.00
#
_symmetry.space_group_name_H-M   'P 1'
#
loop_
_entity.id
_entity.type
_entity.pdbx_description
1 polymer 'Gamma-aminobutyric acid receptor subunit rho-1'
2 non-polymer Muscimol
3 non-polymer 2-acetamido-2-deoxy-beta-D-glucopyranose
4 non-polymer N-OCTANE
5 non-polymer HEXANE
6 non-polymer DECANE
#
_entity_poly.entity_id   1
_entity_poly.type   'polypeptide(L)'
_entity_poly.pdbx_seq_one_letter_code
;MLAVPNMRFGIFLLWWGWVLATESRMHWPGREVHEMSKKGRPQRQRREVHEDAHKQVSPILRRSPDITKSPLTKSEQLLR
IDDHDFSMRPGFGGPAIPVGVDVQVESLDSISEVDMDFTMTLYLRHYWKDERLSFPSTNNLSMTFDGRLVKKIWVPDMFF
VHSKRSFIHDTTTDNVMLRVQPDGKVLYSLRVTVTAMCNMDFSRFPLDTQTCSLEIESYAYTEDDLMLYWKKGNDSLKTD
ERISLSQFLIQEFHTTTKLAFYSSTGWYNRLYINFTLRRHIFFFLLQTYFPATLMVMLSWVSFWIDRRAVPARVPLGITT
VLTMSTIITGVNASMPRVSYIKAVDIYLWVSFVFVFLSVLEYAAVNYLTTVQERKEQKLREKLPCTSGLPPPRTAMLDGN
YSDGEVNDLDNYMPENGEKPDRMMVQLTLASERSSPQRKSQRSSYVSMRIDTHAIDKYSRIIFPAAYILFNLIYWSIFS
;
_entity_poly.pdbx_strand_id   A,B,C,D,E
#
loop_
_chem_comp.id
_chem_comp.type
_chem_comp.name
_chem_comp.formula
A1IIN non-polymer Muscimol 'C4 H6 N2 O2'
D10 non-polymer DECANE 'C10 H22'
HEX non-polymer HEXANE 'C6 H14'
NAG D-saccharide, beta linking 2-acetamido-2-deoxy-beta-D-glucopyranose 'C8 H15 N O6'
OCT non-polymer N-OCTANE 'C8 H18'
#
# COMPACT_ATOMS: atom_id res chain seq x y z
N SER A 75 -48.85 2.11 13.88
CA SER A 75 -48.45 1.20 12.81
C SER A 75 -48.06 -0.16 13.37
N GLU A 76 -47.58 -0.17 14.61
CA GLU A 76 -47.19 -1.41 15.28
C GLU A 76 -48.36 -2.09 15.96
N GLN A 77 -49.56 -1.55 15.84
CA GLN A 77 -50.76 -2.16 16.41
C GLN A 77 -51.71 -2.71 15.37
N LEU A 78 -51.72 -2.17 14.15
CA LEU A 78 -52.45 -2.79 13.06
C LEU A 78 -51.85 -4.15 12.72
N LEU A 79 -50.53 -4.22 12.67
CA LEU A 79 -49.85 -5.50 12.49
C LEU A 79 -49.73 -6.22 13.83
N ARG A 80 -50.12 -7.49 13.84
CA ARG A 80 -50.09 -8.29 15.07
C ARG A 80 -48.67 -8.80 15.33
N ILE A 81 -47.78 -7.86 15.68
CA ILE A 81 -46.39 -8.20 15.93
C ILE A 81 -46.26 -9.07 17.18
N ASP A 82 -46.95 -8.68 18.26
CA ASP A 82 -46.82 -9.40 19.52
C ASP A 82 -47.68 -10.65 19.59
N ASP A 83 -48.64 -10.81 18.67
CA ASP A 83 -49.55 -11.94 18.71
C ASP A 83 -49.08 -13.14 17.89
N HIS A 84 -47.93 -13.03 17.22
CA HIS A 84 -47.44 -14.10 16.36
C HIS A 84 -45.97 -14.38 16.68
N ASP A 85 -45.59 -15.64 16.48
CA ASP A 85 -44.20 -16.08 16.67
C ASP A 85 -43.49 -15.94 15.33
N PHE A 86 -42.65 -14.91 15.21
CA PHE A 86 -41.97 -14.61 13.96
C PHE A 86 -40.61 -15.31 13.83
N SER A 87 -40.28 -16.22 14.75
CA SER A 87 -39.06 -17.01 14.62
C SER A 87 -39.22 -18.19 13.69
N MET A 88 -40.43 -18.45 13.20
CA MET A 88 -40.71 -19.54 12.28
C MET A 88 -41.19 -18.99 10.95
N ARG A 89 -40.78 -19.64 9.86
CA ARG A 89 -41.15 -19.20 8.53
C ARG A 89 -42.65 -19.38 8.30
N PRO A 90 -43.24 -18.58 7.42
CA PRO A 90 -44.66 -18.78 7.09
C PRO A 90 -44.90 -20.16 6.50
N GLY A 91 -46.04 -20.74 6.84
CA GLY A 91 -46.32 -22.10 6.41
C GLY A 91 -45.44 -23.15 7.03
N PHE A 92 -45.05 -22.97 8.29
CA PHE A 92 -44.19 -23.93 8.97
C PHE A 92 -44.84 -25.32 9.00
N GLY A 93 -44.05 -26.34 8.69
CA GLY A 93 -44.53 -27.69 8.64
C GLY A 93 -45.25 -28.06 7.36
N GLY A 94 -45.35 -27.16 6.39
CA GLY A 94 -46.05 -27.42 5.17
C GLY A 94 -45.18 -27.23 3.94
N PRO A 95 -45.80 -26.83 2.82
CA PRO A 95 -45.03 -26.64 1.58
C PRO A 95 -44.04 -25.49 1.69
N ALA A 96 -43.04 -25.52 0.83
CA ALA A 96 -42.02 -24.48 0.81
C ALA A 96 -42.61 -23.15 0.35
N ILE A 97 -42.10 -22.07 0.93
CA ILE A 97 -42.57 -20.73 0.57
C ILE A 97 -41.73 -20.19 -0.58
N PRO A 98 -42.35 -19.79 -1.70
CA PRO A 98 -41.56 -19.26 -2.83
C PRO A 98 -41.16 -17.82 -2.58
N VAL A 99 -39.91 -17.49 -2.92
CA VAL A 99 -39.35 -16.15 -2.77
C VAL A 99 -38.76 -15.72 -4.10
N GLY A 100 -39.13 -14.54 -4.57
CA GLY A 100 -38.60 -13.98 -5.80
C GLY A 100 -37.52 -12.96 -5.53
N VAL A 101 -36.59 -12.83 -6.49
CA VAL A 101 -35.43 -11.95 -6.35
C VAL A 101 -35.31 -11.08 -7.59
N ASP A 102 -35.06 -9.78 -7.37
CA ASP A 102 -34.73 -8.84 -8.43
C ASP A 102 -33.41 -8.16 -8.10
N VAL A 103 -32.60 -7.95 -9.12
CA VAL A 103 -31.25 -7.40 -8.96
C VAL A 103 -31.05 -6.27 -9.95
N GLN A 104 -30.51 -5.15 -9.46
CA GLN A 104 -30.08 -4.05 -10.30
C GLN A 104 -28.63 -3.72 -9.96
N VAL A 105 -27.76 -3.78 -10.96
CA VAL A 105 -26.34 -3.53 -10.76
C VAL A 105 -26.08 -2.04 -10.88
N GLU A 106 -25.39 -1.47 -9.91
CA GLU A 106 -25.13 -0.03 -9.90
C GLU A 106 -23.80 0.33 -10.55
N SER A 107 -22.71 -0.30 -10.10
CA SER A 107 -21.40 0.00 -10.66
C SER A 107 -20.42 -1.09 -10.24
N LEU A 108 -19.31 -1.17 -10.99
CA LEU A 108 -18.18 -2.03 -10.64
C LEU A 108 -17.06 -1.13 -10.14
N ASP A 109 -16.53 -1.45 -8.96
CA ASP A 109 -15.58 -0.57 -8.30
C ASP A 109 -14.13 -0.82 -8.70
N SER A 110 -13.65 -2.05 -8.64
CA SER A 110 -12.26 -2.35 -8.94
C SER A 110 -12.12 -3.83 -9.20
N ILE A 111 -10.99 -4.20 -9.79
CA ILE A 111 -10.65 -5.60 -10.07
C ILE A 111 -9.18 -5.80 -9.77
N SER A 112 -8.86 -6.93 -9.13
CA SER A 112 -7.50 -7.24 -8.73
C SER A 112 -7.04 -8.49 -9.49
N GLU A 113 -5.91 -8.37 -10.18
CA GLU A 113 -5.37 -9.49 -10.95
C GLU A 113 -4.46 -10.38 -10.13
N VAL A 114 -3.96 -9.90 -8.99
CA VAL A 114 -3.10 -10.73 -8.14
C VAL A 114 -3.93 -11.57 -7.19
N ASP A 115 -4.90 -10.94 -6.51
CA ASP A 115 -5.78 -11.67 -5.59
C ASP A 115 -6.96 -12.32 -6.29
N MET A 116 -7.20 -11.98 -7.56
CA MET A 116 -8.25 -12.60 -8.37
C MET A 116 -9.64 -12.42 -7.73
N ASP A 117 -10.06 -11.16 -7.64
CA ASP A 117 -11.38 -10.84 -7.13
C ASP A 117 -11.85 -9.52 -7.73
N PHE A 118 -13.16 -9.29 -7.64
CA PHE A 118 -13.77 -8.05 -8.13
C PHE A 118 -14.78 -7.56 -7.12
N THR A 119 -15.08 -6.26 -7.18
CA THR A 119 -16.01 -5.62 -6.27
C THR A 119 -17.20 -5.07 -7.04
N MET A 120 -18.40 -5.35 -6.55
CA MET A 120 -19.64 -4.92 -7.21
C MET A 120 -20.59 -4.33 -6.17
N THR A 121 -21.35 -3.31 -6.61
CA THR A 121 -22.38 -2.69 -5.79
C THR A 121 -23.71 -2.84 -6.52
N LEU A 122 -24.75 -3.23 -5.78
CA LEU A 122 -26.01 -3.58 -6.41
C LEU A 122 -27.16 -3.37 -5.43
N TYR A 123 -28.37 -3.35 -5.97
CA TYR A 123 -29.60 -3.32 -5.18
C TYR A 123 -30.22 -4.71 -5.20
N LEU A 124 -30.61 -5.19 -4.02
CA LEU A 124 -31.20 -6.53 -3.88
C LEU A 124 -32.61 -6.39 -3.34
N ARG A 125 -33.57 -7.05 -4.01
CA ARG A 125 -34.98 -6.98 -3.66
C ARG A 125 -35.54 -8.38 -3.49
N HIS A 126 -36.46 -8.53 -2.54
CA HIS A 126 -37.11 -9.81 -2.27
C HIS A 126 -38.62 -9.64 -2.32
N TYR A 127 -39.32 -10.69 -2.76
CA TYR A 127 -40.77 -10.69 -2.84
C TYR A 127 -41.31 -11.97 -2.22
N TRP A 128 -42.24 -11.84 -1.28
CA TRP A 128 -42.90 -13.00 -0.70
C TRP A 128 -44.19 -12.52 -0.03
N LYS A 129 -45.03 -13.49 0.35
CA LYS A 129 -46.32 -13.21 0.96
C LYS A 129 -46.36 -13.81 2.35
N ASP A 130 -46.91 -13.04 3.29
CA ASP A 130 -47.04 -13.47 4.68
C ASP A 130 -48.38 -12.96 5.20
N GLU A 131 -49.32 -13.88 5.44
CA GLU A 131 -50.65 -13.49 5.89
C GLU A 131 -50.65 -12.90 7.30
N ARG A 132 -49.61 -13.16 8.08
CA ARG A 132 -49.57 -12.66 9.46
C ARG A 132 -49.39 -11.15 9.52
N LEU A 133 -48.98 -10.52 8.43
CA LEU A 133 -48.75 -9.08 8.39
C LEU A 133 -49.91 -8.32 7.76
N SER A 134 -51.04 -8.98 7.50
CA SER A 134 -52.18 -8.30 6.92
C SER A 134 -52.81 -7.33 7.93
N PHE A 135 -53.31 -6.21 7.40
CA PHE A 135 -53.95 -5.20 8.23
C PHE A 135 -55.21 -4.72 7.51
N PRO A 136 -56.24 -4.32 8.25
CA PRO A 136 -57.46 -3.83 7.61
C PRO A 136 -57.26 -2.43 7.04
N SER A 137 -57.77 -2.22 5.82
CA SER A 137 -57.68 -0.93 5.18
C SER A 137 -58.86 -0.77 4.22
N THR A 138 -59.33 0.47 4.09
CA THR A 138 -60.44 0.77 3.19
C THR A 138 -59.98 0.97 1.76
N ASN A 139 -58.67 0.99 1.51
CA ASN A 139 -58.13 1.18 0.18
C ASN A 139 -56.89 0.33 0.03
N ASN A 140 -56.28 0.41 -1.17
CA ASN A 140 -55.07 -0.34 -1.48
C ASN A 140 -53.79 0.40 -1.11
N LEU A 141 -53.86 1.36 -0.20
CA LEU A 141 -52.68 2.14 0.20
C LEU A 141 -51.77 1.28 1.05
N SER A 142 -50.56 1.04 0.56
CA SER A 142 -49.59 0.25 1.31
C SER A 142 -48.78 1.13 2.26
N MET A 143 -48.33 0.53 3.36
CA MET A 143 -47.54 1.23 4.35
C MET A 143 -46.06 1.05 4.08
N THR A 144 -45.26 2.02 4.54
CA THR A 144 -43.82 1.99 4.38
C THR A 144 -43.17 2.06 5.76
N PHE A 145 -42.12 1.26 5.96
CA PHE A 145 -41.43 1.19 7.24
C PHE A 145 -39.93 1.34 7.01
N ASP A 146 -39.18 1.14 8.09
CA ASP A 146 -37.72 1.29 8.04
C ASP A 146 -37.03 0.03 8.54
N GLY A 147 -35.71 0.11 8.74
CA GLY A 147 -34.95 -1.03 9.19
C GLY A 147 -35.23 -1.46 10.62
N ARG A 148 -35.88 -0.62 11.41
CA ARG A 148 -36.18 -1.00 12.79
C ARG A 148 -37.22 -2.12 12.86
N LEU A 149 -38.16 -2.15 11.92
CA LEU A 149 -39.17 -3.20 11.92
C LEU A 149 -38.61 -4.54 11.48
N VAL A 150 -37.47 -4.54 10.77
CA VAL A 150 -36.90 -5.78 10.26
C VAL A 150 -36.53 -6.73 11.39
N LYS A 151 -36.06 -6.19 12.52
CA LYS A 151 -35.63 -7.04 13.63
C LYS A 151 -36.79 -7.78 14.28
N LYS A 152 -38.03 -7.43 13.97
CA LYS A 152 -39.20 -8.08 14.55
C LYS A 152 -39.85 -9.10 13.63
N ILE A 153 -40.02 -8.77 12.35
CA ILE A 153 -40.68 -9.66 11.40
C ILE A 153 -39.66 -10.65 10.83
N TRP A 154 -40.15 -11.72 10.23
CA TRP A 154 -39.28 -12.71 9.62
C TRP A 154 -38.88 -12.29 8.21
N VAL A 155 -37.60 -12.44 7.90
CA VAL A 155 -37.06 -12.03 6.60
C VAL A 155 -36.12 -13.10 6.08
N PRO A 156 -35.99 -13.20 4.76
CA PRO A 156 -35.07 -14.19 4.19
C PRO A 156 -33.62 -13.88 4.53
N ASP A 157 -32.79 -14.92 4.44
CA ASP A 157 -31.39 -14.83 4.87
C ASP A 157 -30.43 -15.12 3.73
N MET A 158 -30.66 -14.54 2.57
CA MET A 158 -29.80 -14.77 1.41
C MET A 158 -28.38 -14.29 1.68
N PHE A 159 -27.40 -15.06 1.22
CA PHE A 159 -25.99 -14.69 1.35
C PHE A 159 -25.28 -15.01 0.04
N PHE A 160 -24.14 -14.35 -0.15
CA PHE A 160 -23.37 -14.46 -1.38
C PHE A 160 -22.28 -15.51 -1.18
N VAL A 161 -22.30 -16.55 -2.02
CA VAL A 161 -21.34 -17.64 -1.89
C VAL A 161 -20.00 -17.20 -2.46
N HIS A 162 -18.92 -17.76 -1.91
CA HIS A 162 -17.54 -17.51 -2.35
C HIS A 162 -17.14 -16.05 -2.23
N SER A 163 -17.81 -15.29 -1.36
CA SER A 163 -17.47 -13.90 -1.17
C SER A 163 -16.38 -13.75 -0.10
N LYS A 164 -15.52 -12.75 -0.27
CA LYS A 164 -14.45 -12.49 0.68
C LYS A 164 -14.86 -11.51 1.76
N ARG A 165 -15.52 -10.42 1.38
CA ARG A 165 -15.98 -9.43 2.34
C ARG A 165 -17.16 -8.67 1.74
N SER A 166 -18.04 -8.20 2.62
CA SER A 166 -19.21 -7.44 2.19
C SER A 166 -19.75 -6.66 3.38
N PHE A 167 -20.50 -5.60 3.07
CA PHE A 167 -21.09 -4.77 4.10
C PHE A 167 -22.29 -4.02 3.52
N ILE A 168 -23.15 -3.56 4.42
CA ILE A 168 -24.34 -2.79 4.05
C ILE A 168 -24.12 -1.35 4.46
N HIS A 169 -24.39 -0.42 3.53
CA HIS A 169 -24.20 0.99 3.81
C HIS A 169 -25.17 1.48 4.86
N ASP A 170 -24.73 2.45 5.67
CA ASP A 170 -25.54 2.95 6.77
C ASP A 170 -25.50 4.47 6.90
N THR A 171 -25.34 5.19 5.78
CA THR A 171 -25.30 6.65 5.79
C THR A 171 -26.44 7.20 4.94
N THR A 172 -27.26 8.08 5.51
CA THR A 172 -27.11 8.53 6.89
C THR A 172 -27.78 7.57 7.86
N THR A 173 -28.49 6.59 7.30
CA THR A 173 -29.12 5.54 8.08
C THR A 173 -29.05 4.25 7.28
N ASP A 174 -29.55 3.17 7.87
CA ASP A 174 -29.55 1.87 7.17
C ASP A 174 -30.36 1.96 5.88
N ASN A 175 -29.77 1.47 4.80
CA ASN A 175 -30.41 1.50 3.48
C ASN A 175 -31.31 0.28 3.34
N VAL A 176 -32.41 0.29 4.08
CA VAL A 176 -33.39 -0.78 4.07
C VAL A 176 -34.78 -0.15 4.00
N MET A 177 -35.65 -0.74 3.18
CA MET A 177 -37.03 -0.30 3.07
C MET A 177 -37.95 -1.50 3.17
N LEU A 178 -39.17 -1.26 3.65
CA LEU A 178 -40.20 -2.27 3.73
C LEU A 178 -41.54 -1.69 3.27
N ARG A 179 -42.22 -2.42 2.39
CA ARG A 179 -43.55 -2.06 1.93
C ARG A 179 -44.46 -3.25 2.09
N VAL A 180 -45.59 -3.06 2.78
CA VAL A 180 -46.51 -4.13 3.11
C VAL A 180 -47.86 -3.81 2.48
N GLN A 181 -48.35 -4.72 1.64
CA GLN A 181 -49.68 -4.59 1.06
C GLN A 181 -50.74 -4.92 2.09
N PRO A 182 -51.98 -4.46 1.89
CA PRO A 182 -53.05 -4.82 2.84
C PRO A 182 -53.28 -6.32 2.97
N ASP A 183 -53.10 -7.08 1.90
CA ASP A 183 -53.31 -8.52 1.95
C ASP A 183 -52.09 -9.29 2.43
N GLY A 184 -50.99 -8.61 2.74
CA GLY A 184 -49.82 -9.24 3.32
C GLY A 184 -48.63 -9.41 2.41
N LYS A 185 -48.69 -8.92 1.17
CA LYS A 185 -47.53 -8.98 0.29
C LYS A 185 -46.46 -8.01 0.77
N VAL A 186 -45.21 -8.46 0.77
CA VAL A 186 -44.10 -7.73 1.37
C VAL A 186 -43.01 -7.53 0.32
N LEU A 187 -42.49 -6.30 0.25
CA LEU A 187 -41.33 -5.98 -0.57
C LEU A 187 -40.18 -5.57 0.34
N TYR A 188 -39.03 -6.21 0.17
CA TYR A 188 -37.86 -5.97 1.01
C TYR A 188 -36.67 -5.66 0.11
N SER A 189 -36.05 -4.49 0.33
CA SER A 189 -34.97 -4.01 -0.51
C SER A 189 -33.83 -3.51 0.35
N LEU A 190 -32.60 -3.69 -0.14
CA LEU A 190 -31.42 -3.21 0.57
C LEU A 190 -30.29 -3.00 -0.42
N ARG A 191 -29.35 -2.15 -0.04
CA ARG A 191 -28.19 -1.80 -0.87
C ARG A 191 -26.93 -2.34 -0.21
N VAL A 192 -26.16 -3.12 -0.97
CA VAL A 192 -25.04 -3.88 -0.42
C VAL A 192 -23.89 -3.92 -1.43
N THR A 193 -22.67 -3.86 -0.91
CA THR A 193 -21.46 -4.00 -1.71
C THR A 193 -20.77 -5.31 -1.35
N VAL A 194 -20.42 -6.09 -2.38
CA VAL A 194 -19.90 -7.44 -2.18
C VAL A 194 -18.65 -7.64 -3.04
N THR A 195 -17.66 -8.31 -2.47
CA THR A 195 -16.45 -8.70 -3.18
C THR A 195 -16.42 -10.21 -3.30
N ALA A 196 -16.21 -10.70 -4.52
CA ALA A 196 -16.26 -12.13 -4.81
C ALA A 196 -15.00 -12.56 -5.57
N MET A 197 -14.60 -13.80 -5.33
CA MET A 197 -13.42 -14.35 -5.99
C MET A 197 -13.75 -14.78 -7.41
N CYS A 198 -12.73 -14.84 -8.25
CA CYS A 198 -12.88 -15.27 -9.64
C CYS A 198 -11.56 -15.80 -10.14
N ASN A 199 -11.52 -17.07 -10.53
CA ASN A 199 -10.31 -17.67 -11.07
C ASN A 199 -10.01 -17.10 -12.45
N MET A 200 -8.75 -16.71 -12.68
CA MET A 200 -8.32 -16.12 -13.94
C MET A 200 -7.12 -16.89 -14.48
N ASP A 201 -7.01 -16.95 -15.81
CA ASP A 201 -5.90 -17.59 -16.48
C ASP A 201 -5.19 -16.54 -17.33
N PHE A 202 -3.89 -16.38 -17.13
CA PHE A 202 -3.09 -15.39 -17.82
C PHE A 202 -2.12 -15.99 -18.83
N SER A 203 -2.37 -17.23 -19.27
CA SER A 203 -1.47 -17.87 -20.23
C SER A 203 -1.43 -17.11 -21.57
N ARG A 204 -2.57 -16.56 -21.99
CA ARG A 204 -2.68 -15.86 -23.27
C ARG A 204 -2.58 -14.35 -23.13
N PHE A 205 -2.00 -13.85 -22.04
CA PHE A 205 -1.85 -12.42 -21.85
C PHE A 205 -0.99 -11.84 -22.98
N PRO A 206 -1.31 -10.65 -23.49
CA PRO A 206 -2.43 -9.77 -23.13
C PRO A 206 -3.71 -10.00 -23.95
N LEU A 207 -3.81 -11.14 -24.63
CA LEU A 207 -4.97 -11.44 -25.45
C LEU A 207 -5.99 -12.32 -24.74
N ASP A 208 -5.88 -12.45 -23.42
CA ASP A 208 -6.75 -13.33 -22.68
C ASP A 208 -8.16 -12.75 -22.55
N THR A 209 -9.13 -13.63 -22.34
CA THR A 209 -10.51 -13.26 -22.08
C THR A 209 -10.97 -13.94 -20.80
N GLN A 210 -11.56 -13.16 -19.90
CA GLN A 210 -11.93 -13.65 -18.57
C GLN A 210 -13.44 -13.63 -18.41
N THR A 211 -13.94 -14.61 -17.66
CA THR A 211 -15.36 -14.73 -17.35
C THR A 211 -15.53 -14.75 -15.83
N CYS A 212 -16.56 -14.07 -15.34
CA CYS A 212 -16.80 -13.95 -13.91
C CYS A 212 -18.27 -14.27 -13.63
N SER A 213 -18.55 -14.62 -12.37
CA SER A 213 -19.90 -14.94 -11.96
C SER A 213 -20.12 -14.55 -10.51
N LEU A 214 -21.36 -14.22 -10.19
CA LEU A 214 -21.78 -13.91 -8.83
C LEU A 214 -22.92 -14.85 -8.43
N GLU A 215 -22.85 -15.38 -7.21
CA GLU A 215 -23.77 -16.41 -6.76
C GLU A 215 -24.54 -15.97 -5.53
N ILE A 216 -25.83 -16.26 -5.51
CA ILE A 216 -26.72 -15.94 -4.40
C ILE A 216 -27.41 -17.22 -3.96
N GLU A 217 -27.44 -17.47 -2.64
CA GLU A 217 -27.98 -18.72 -2.12
C GLU A 217 -28.52 -18.48 -0.72
N SER A 218 -29.53 -19.26 -0.36
CA SER A 218 -30.07 -19.25 1.00
C SER A 218 -29.15 -20.05 1.92
N TYR A 219 -29.01 -19.58 3.16
CA TYR A 219 -28.04 -20.19 4.07
C TYR A 219 -28.64 -21.38 4.81
N ALA A 220 -29.73 -21.15 5.55
CA ALA A 220 -30.22 -22.13 6.50
C ALA A 220 -31.36 -23.01 5.97
N TYR A 221 -32.14 -22.52 5.01
CA TYR A 221 -33.32 -23.23 4.53
C TYR A 221 -33.02 -23.95 3.23
N THR A 222 -33.29 -25.26 3.20
CA THR A 222 -33.07 -26.05 2.01
C THR A 222 -34.22 -25.86 1.02
N GLU A 223 -34.16 -26.61 -0.09
CA GLU A 223 -35.21 -26.53 -1.10
C GLU A 223 -36.54 -27.05 -0.59
N ASP A 224 -36.55 -27.87 0.46
CA ASP A 224 -37.78 -28.37 1.03
C ASP A 224 -38.52 -27.33 1.85
N ASP A 225 -37.87 -26.24 2.23
CA ASP A 225 -38.49 -25.19 3.03
C ASP A 225 -38.56 -23.84 2.33
N LEU A 226 -37.60 -23.50 1.47
CA LEU A 226 -37.60 -22.23 0.76
C LEU A 226 -37.27 -22.48 -0.70
N MET A 227 -38.06 -21.90 -1.59
CA MET A 227 -37.88 -22.03 -3.03
C MET A 227 -37.49 -20.67 -3.60
N LEU A 228 -36.35 -20.61 -4.27
CA LEU A 228 -35.77 -19.37 -4.76
C LEU A 228 -35.78 -19.36 -6.28
N TYR A 229 -36.21 -18.25 -6.87
CA TYR A 229 -36.29 -18.15 -8.32
C TYR A 229 -36.29 -16.68 -8.73
N TRP A 230 -35.94 -16.43 -9.99
CA TRP A 230 -36.04 -15.09 -10.55
C TRP A 230 -37.50 -14.74 -10.80
N LYS A 231 -37.92 -13.57 -10.34
CA LYS A 231 -39.33 -13.21 -10.42
C LYS A 231 -39.81 -13.04 -11.85
N LYS A 232 -38.99 -12.42 -12.71
CA LYS A 232 -39.39 -12.14 -14.09
C LYS A 232 -38.44 -12.76 -15.11
N GLY A 233 -37.78 -13.86 -14.76
CA GLY A 233 -36.89 -14.51 -15.71
C GLY A 233 -35.67 -13.67 -15.99
N ASN A 234 -35.30 -13.61 -17.28
CA ASN A 234 -34.11 -12.88 -17.69
C ASN A 234 -34.30 -11.37 -17.65
N ASP A 235 -35.54 -10.88 -17.47
CA ASP A 235 -35.79 -9.46 -17.36
C ASP A 235 -35.54 -8.92 -15.96
N SER A 236 -35.20 -9.78 -14.99
CA SER A 236 -35.01 -9.38 -13.62
C SER A 236 -33.67 -8.69 -13.36
N LEU A 237 -32.78 -8.67 -14.34
CA LEU A 237 -31.46 -8.07 -14.19
C LEU A 237 -31.40 -6.75 -14.96
N LYS A 238 -31.02 -5.69 -14.25
CA LYS A 238 -30.86 -4.37 -14.84
C LYS A 238 -29.46 -3.86 -14.55
N THR A 239 -28.92 -3.06 -15.49
CA THR A 239 -27.58 -2.53 -15.36
C THR A 239 -27.60 -1.02 -15.58
N ASP A 240 -26.77 -0.31 -14.83
CA ASP A 240 -26.64 1.14 -15.01
C ASP A 240 -25.98 1.43 -16.36
N GLU A 241 -26.36 2.55 -16.96
CA GLU A 241 -25.82 2.92 -18.26
C GLU A 241 -24.39 3.43 -18.17
N ARG A 242 -23.92 3.79 -16.98
CA ARG A 242 -22.61 4.41 -16.82
C ARG A 242 -21.57 3.46 -16.21
N ILE A 243 -21.85 2.16 -16.19
CA ILE A 243 -20.90 1.20 -15.63
C ILE A 243 -19.72 1.05 -16.59
N SER A 244 -18.50 1.16 -16.05
CA SER A 244 -17.31 1.07 -16.88
C SER A 244 -16.12 0.72 -16.01
N LEU A 245 -15.05 0.27 -16.66
CA LEU A 245 -13.79 -0.05 -16.01
C LEU A 245 -12.65 0.69 -16.71
N SER A 246 -11.59 0.98 -15.94
CA SER A 246 -10.47 1.73 -16.49
C SER A 246 -9.70 0.95 -17.54
N GLN A 247 -9.50 -0.35 -17.33
CA GLN A 247 -8.68 -1.15 -18.23
C GLN A 247 -9.36 -2.39 -18.76
N PHE A 248 -10.69 -2.52 -18.60
CA PHE A 248 -11.41 -3.67 -19.08
C PHE A 248 -12.68 -3.22 -19.79
N LEU A 249 -13.19 -4.09 -20.66
CA LEU A 249 -14.46 -3.89 -21.34
C LEU A 249 -15.46 -4.92 -20.86
N ILE A 250 -16.65 -4.47 -20.46
CA ILE A 250 -17.66 -5.31 -19.83
C ILE A 250 -18.79 -5.53 -20.83
N GLN A 251 -19.23 -6.78 -20.96
CA GLN A 251 -20.28 -7.12 -21.91
C GLN A 251 -20.91 -8.46 -21.50
N GLU A 252 -22.04 -8.76 -22.14
CA GLU A 252 -22.69 -10.06 -22.04
C GLU A 252 -23.19 -10.36 -20.62
N PHE A 253 -24.08 -9.51 -20.12
CA PHE A 253 -24.75 -9.77 -18.86
C PHE A 253 -25.94 -10.71 -19.07
N HIS A 254 -25.96 -11.81 -18.32
CA HIS A 254 -27.10 -12.72 -18.37
C HIS A 254 -27.14 -13.52 -17.08
N THR A 255 -28.30 -14.13 -16.82
CA THR A 255 -28.56 -14.83 -15.57
C THR A 255 -28.89 -16.30 -15.83
N THR A 256 -28.48 -17.15 -14.90
CA THR A 256 -28.75 -18.58 -14.96
C THR A 256 -29.01 -19.11 -13.56
N THR A 257 -29.53 -20.34 -13.49
CA THR A 257 -29.86 -20.97 -12.22
C THR A 257 -29.32 -22.39 -12.21
N LYS A 258 -29.03 -22.90 -11.01
CA LYS A 258 -28.52 -24.25 -10.85
C LYS A 258 -28.76 -24.71 -9.42
N LEU A 259 -28.76 -26.02 -9.22
CA LEU A 259 -28.94 -26.62 -7.91
C LEU A 259 -27.58 -27.01 -7.33
N ALA A 260 -27.39 -26.73 -6.05
CA ALA A 260 -26.18 -27.08 -5.33
C ALA A 260 -26.48 -28.11 -4.25
N PHE A 261 -25.52 -29.00 -4.02
CA PHE A 261 -25.68 -30.08 -3.06
C PHE A 261 -24.57 -30.00 -2.01
N TYR A 262 -24.95 -30.17 -0.76
CA TYR A 262 -24.02 -30.26 0.36
C TYR A 262 -24.20 -31.63 1.00
N SER A 263 -23.08 -32.30 1.27
CA SER A 263 -23.15 -33.68 1.77
C SER A 263 -23.82 -33.75 3.13
N SER A 264 -23.53 -32.82 4.04
CA SER A 264 -24.03 -32.92 5.40
C SER A 264 -25.30 -32.11 5.63
N THR A 265 -25.78 -31.36 4.65
CA THR A 265 -26.95 -30.52 4.89
C THR A 265 -28.09 -30.77 3.91
N GLY A 266 -27.77 -31.01 2.64
CA GLY A 266 -28.81 -31.28 1.66
C GLY A 266 -28.63 -30.45 0.41
N TRP A 267 -29.76 -30.20 -0.26
CA TRP A 267 -29.79 -29.49 -1.53
C TRP A 267 -30.20 -28.04 -1.35
N TYR A 268 -29.70 -27.17 -2.22
CA TYR A 268 -30.01 -25.75 -2.19
C TYR A 268 -30.17 -25.20 -3.59
N ASN A 269 -31.04 -24.21 -3.75
CA ASN A 269 -31.15 -23.47 -5.01
C ASN A 269 -30.13 -22.35 -5.05
N ARG A 270 -29.53 -22.16 -6.23
CA ARG A 270 -28.49 -21.13 -6.40
C ARG A 270 -28.77 -20.33 -7.65
N LEU A 271 -28.47 -19.03 -7.59
CA LEU A 271 -28.65 -18.11 -8.70
C LEU A 271 -27.31 -17.56 -9.16
N TYR A 272 -27.23 -17.22 -10.44
CA TYR A 272 -25.98 -16.79 -11.05
C TYR A 272 -26.17 -15.50 -11.86
N ILE A 273 -25.14 -14.66 -11.84
CA ILE A 273 -25.05 -13.49 -12.71
C ILE A 273 -23.70 -13.54 -13.41
N ASN A 274 -23.70 -13.47 -14.74
CA ASN A 274 -22.50 -13.70 -15.53
C ASN A 274 -22.18 -12.49 -16.40
N PHE A 275 -20.90 -12.29 -16.66
CA PHE A 275 -20.43 -11.26 -17.56
C PHE A 275 -19.02 -11.60 -18.02
N THR A 276 -18.56 -10.89 -19.05
CA THR A 276 -17.28 -11.15 -19.68
C THR A 276 -16.44 -9.88 -19.71
N LEU A 277 -15.11 -10.05 -19.65
CA LEU A 277 -14.17 -8.94 -19.63
C LEU A 277 -13.14 -9.10 -20.74
N ARG A 278 -12.74 -7.97 -21.33
CA ARG A 278 -11.73 -7.95 -22.39
C ARG A 278 -10.80 -6.77 -22.17
N ARG A 279 -9.62 -6.85 -22.77
CA ARG A 279 -8.58 -5.84 -22.60
C ARG A 279 -8.48 -4.95 -23.84
N HIS A 280 -7.64 -3.92 -23.74
CA HIS A 280 -7.29 -3.06 -24.87
C HIS A 280 -6.02 -3.59 -25.50
N ILE A 281 -6.14 -4.19 -26.68
CA ILE A 281 -5.02 -4.88 -27.30
C ILE A 281 -3.97 -3.88 -27.78
N PHE A 282 -4.39 -2.77 -28.39
CA PHE A 282 -3.46 -1.90 -29.09
C PHE A 282 -2.46 -1.22 -28.15
N PHE A 283 -2.83 -1.05 -26.88
CA PHE A 283 -1.91 -0.41 -25.95
C PHE A 283 -0.68 -1.27 -25.69
N PHE A 284 -0.89 -2.57 -25.49
CA PHE A 284 0.22 -3.46 -25.15
C PHE A 284 1.13 -3.69 -26.35
N LEU A 285 0.59 -3.66 -27.57
CA LEU A 285 1.42 -3.84 -28.76
C LEU A 285 2.45 -2.72 -28.89
N LEU A 286 2.01 -1.48 -28.63
CA LEU A 286 2.92 -0.34 -28.77
C LEU A 286 4.00 -0.35 -27.68
N GLN A 287 3.63 -0.69 -26.45
CA GLN A 287 4.56 -0.61 -25.33
C GLN A 287 5.55 -1.77 -25.28
N THR A 288 5.16 -2.96 -25.71
CA THR A 288 6.01 -4.14 -25.53
C THR A 288 6.52 -4.71 -26.84
N TYR A 289 5.60 -5.02 -27.77
CA TYR A 289 6.01 -5.65 -29.01
C TYR A 289 6.75 -4.68 -29.92
N PHE A 290 6.33 -3.41 -29.94
CA PHE A 290 6.96 -2.45 -30.85
C PHE A 290 8.42 -2.20 -30.53
N PRO A 291 8.82 -1.89 -29.29
CA PRO A 291 10.26 -1.67 -29.04
C PRO A 291 11.12 -2.89 -29.31
N ALA A 292 10.60 -4.09 -29.04
CA ALA A 292 11.42 -5.29 -29.21
C ALA A 292 11.77 -5.52 -30.67
N THR A 293 10.83 -5.29 -31.58
CA THR A 293 11.09 -5.52 -33.00
C THR A 293 12.15 -4.56 -33.54
N LEU A 294 12.08 -3.29 -33.11
CA LEU A 294 13.03 -2.30 -33.63
C LEU A 294 14.46 -2.63 -33.24
N MET A 295 14.68 -3.08 -32.00
CA MET A 295 16.03 -3.39 -31.56
C MET A 295 16.61 -4.58 -32.32
N VAL A 296 15.78 -5.59 -32.62
CA VAL A 296 16.26 -6.73 -33.37
C VAL A 296 16.68 -6.31 -34.77
N MET A 297 15.86 -5.48 -35.43
CA MET A 297 16.22 -4.98 -36.75
C MET A 297 17.45 -4.07 -36.69
N LEU A 298 17.68 -3.43 -35.54
CA LEU A 298 18.83 -2.56 -35.39
C LEU A 298 20.14 -3.33 -35.35
N SER A 299 20.13 -4.57 -34.87
CA SER A 299 21.36 -5.35 -34.82
C SER A 299 21.76 -5.85 -36.19
N TRP A 300 20.82 -5.93 -37.13
CA TRP A 300 21.14 -6.36 -38.49
C TRP A 300 21.97 -5.34 -39.26
N VAL A 301 22.10 -4.12 -38.73
CA VAL A 301 22.89 -3.09 -39.40
C VAL A 301 24.36 -3.50 -39.45
N SER A 302 24.84 -4.16 -38.40
CA SER A 302 26.26 -4.51 -38.32
C SER A 302 26.70 -5.42 -39.45
N PHE A 303 25.76 -6.12 -40.09
CA PHE A 303 26.11 -6.98 -41.21
C PHE A 303 26.52 -6.20 -42.45
N TRP A 304 26.30 -4.89 -42.48
CA TRP A 304 26.62 -4.08 -43.65
C TRP A 304 27.83 -3.17 -43.42
N ILE A 305 28.42 -3.20 -42.24
CA ILE A 305 29.59 -2.38 -41.93
C ILE A 305 30.85 -3.18 -42.25
N ASP A 306 31.91 -2.48 -42.68
CA ASP A 306 33.15 -3.13 -43.05
C ASP A 306 33.73 -3.91 -41.89
N ARG A 307 34.18 -5.14 -42.16
CA ARG A 307 34.71 -6.00 -41.12
C ARG A 307 36.02 -5.50 -40.54
N ARG A 308 36.74 -4.64 -41.26
CA ARG A 308 38.03 -4.14 -40.76
C ARG A 308 37.87 -3.14 -39.63
N ALA A 309 36.68 -2.57 -39.45
CA ALA A 309 36.42 -1.60 -38.39
C ALA A 309 36.09 -2.32 -37.08
N VAL A 310 37.11 -2.94 -36.49
CA VAL A 310 36.98 -3.66 -35.23
C VAL A 310 36.48 -2.74 -34.11
N PRO A 311 37.01 -1.52 -33.94
CA PRO A 311 36.49 -0.66 -32.86
C PRO A 311 35.07 -0.16 -33.09
N ALA A 312 34.43 -0.52 -34.20
CA ALA A 312 33.05 -0.12 -34.46
C ALA A 312 32.06 -1.27 -34.35
N ARG A 313 32.43 -2.44 -34.89
CA ARG A 313 31.52 -3.59 -34.87
C ARG A 313 31.28 -4.09 -33.45
N VAL A 314 32.32 -4.16 -32.64
CA VAL A 314 32.23 -4.76 -31.31
C VAL A 314 31.40 -3.88 -30.36
N PRO A 315 31.66 -2.58 -30.23
CA PRO A 315 30.82 -1.77 -29.33
C PRO A 315 29.36 -1.73 -29.74
N LEU A 316 29.06 -1.78 -31.04
CA LEU A 316 27.67 -1.77 -31.48
C LEU A 316 26.92 -3.00 -31.00
N GLY A 317 27.54 -4.17 -31.09
CA GLY A 317 26.90 -5.41 -30.68
C GLY A 317 26.61 -5.50 -29.19
N ILE A 318 27.59 -5.15 -28.36
CA ILE A 318 27.42 -5.27 -26.92
C ILE A 318 26.42 -4.26 -26.38
N THR A 319 26.40 -3.05 -26.96
CA THR A 319 25.48 -2.03 -26.47
C THR A 319 24.02 -2.38 -26.77
N THR A 320 23.77 -3.05 -27.90
CA THR A 320 22.41 -3.47 -28.22
C THR A 320 21.89 -4.47 -27.20
N VAL A 321 22.74 -5.36 -26.72
CA VAL A 321 22.35 -6.32 -25.69
C VAL A 321 21.98 -5.58 -24.40
N LEU A 322 22.76 -4.55 -24.07
CA LEU A 322 22.46 -3.75 -22.87
C LEU A 322 21.12 -3.04 -23.01
N THR A 323 20.84 -2.47 -24.19
CA THR A 323 19.58 -1.78 -24.39
C THR A 323 18.39 -2.73 -24.29
N MET A 324 18.53 -3.94 -24.84
CA MET A 324 17.46 -4.92 -24.77
C MET A 324 17.20 -5.36 -23.33
N SER A 325 18.26 -5.48 -22.53
CA SER A 325 18.09 -5.93 -21.15
C SER A 325 17.27 -4.93 -20.33
N THR A 326 17.50 -3.64 -20.55
CA THR A 326 16.75 -2.63 -19.80
C THR A 326 15.27 -2.63 -20.18
N ILE A 327 14.96 -2.91 -21.45
CA ILE A 327 13.56 -2.93 -21.87
C ILE A 327 12.83 -4.08 -21.19
N ILE A 328 13.45 -5.26 -21.12
CA ILE A 328 12.81 -6.42 -20.51
C ILE A 328 12.58 -6.18 -19.03
N THR A 329 13.56 -5.59 -18.35
CA THR A 329 13.42 -5.32 -16.92
C THR A 329 12.28 -4.35 -16.65
N GLY A 330 12.14 -3.32 -17.47
CA GLY A 330 11.08 -2.34 -17.27
C GLY A 330 9.70 -2.91 -17.47
N VAL A 331 9.55 -3.81 -18.46
CA VAL A 331 8.25 -4.39 -18.75
C VAL A 331 7.78 -5.26 -17.57
N ASN A 332 8.69 -6.04 -17.00
CA ASN A 332 8.31 -6.92 -15.90
C ASN A 332 7.81 -6.14 -14.70
N ALA A 333 8.42 -4.99 -14.41
CA ALA A 333 7.99 -4.19 -13.27
C ALA A 333 6.57 -3.65 -13.43
N SER A 334 6.17 -3.33 -14.66
CA SER A 334 4.85 -2.77 -14.89
C SER A 334 3.74 -3.82 -14.85
N MET A 335 4.04 -5.06 -15.23
CA MET A 335 3.03 -6.11 -15.24
C MET A 335 2.78 -6.64 -13.84
N PRO A 336 1.60 -7.20 -13.58
CA PRO A 336 1.31 -7.74 -12.25
C PRO A 336 2.20 -8.95 -11.94
N ARG A 337 2.40 -9.18 -10.64
CA ARG A 337 3.27 -10.24 -10.16
C ARG A 337 2.62 -11.62 -10.35
N VAL A 338 2.51 -12.02 -11.61
CA VAL A 338 1.99 -13.33 -11.98
C VAL A 338 3.20 -14.24 -12.20
N SER A 339 3.33 -15.26 -11.36
CA SER A 339 4.53 -16.08 -11.33
C SER A 339 4.46 -17.33 -12.18
N TYR A 340 4.13 -17.19 -13.46
CA TYR A 340 4.30 -18.28 -14.42
C TYR A 340 4.43 -17.71 -15.82
N ILE A 341 4.88 -18.55 -16.74
CA ILE A 341 5.20 -18.11 -18.09
C ILE A 341 3.92 -17.69 -18.81
N LYS A 342 3.97 -16.52 -19.44
CA LYS A 342 2.87 -15.98 -20.22
C LYS A 342 3.26 -15.89 -21.68
N ALA A 343 2.29 -15.54 -22.53
CA ALA A 343 2.54 -15.42 -23.95
C ALA A 343 3.52 -14.31 -24.27
N VAL A 344 3.44 -13.19 -23.55
CA VAL A 344 4.32 -12.06 -23.82
C VAL A 344 5.77 -12.39 -23.47
N ASP A 345 5.99 -13.20 -22.43
CA ASP A 345 7.36 -13.52 -22.02
C ASP A 345 8.08 -14.32 -23.08
N ILE A 346 7.37 -15.19 -23.79
CA ILE A 346 8.00 -16.00 -24.84
C ILE A 346 8.54 -15.12 -25.95
N TYR A 347 7.76 -14.12 -26.37
CA TYR A 347 8.19 -13.27 -27.47
C TYR A 347 9.42 -12.45 -27.11
N LEU A 348 9.48 -11.93 -25.88
CA LEU A 348 10.60 -11.06 -25.51
C LEU A 348 11.91 -11.83 -25.44
N TRP A 349 11.90 -13.04 -24.87
CA TRP A 349 13.15 -13.77 -24.66
C TRP A 349 13.66 -14.38 -25.96
N VAL A 350 12.79 -14.70 -26.90
CA VAL A 350 13.24 -15.18 -28.21
C VAL A 350 13.98 -14.07 -28.94
N SER A 351 13.47 -12.84 -28.86
CA SER A 351 14.16 -11.71 -29.48
C SER A 351 15.52 -11.48 -28.83
N PHE A 352 15.64 -11.74 -27.53
CA PHE A 352 16.93 -11.58 -26.85
C PHE A 352 17.96 -12.56 -27.41
N VAL A 353 17.54 -13.78 -27.74
CA VAL A 353 18.46 -14.75 -28.31
C VAL A 353 18.96 -14.30 -29.67
N PHE A 354 18.08 -13.69 -30.47
CA PHE A 354 18.50 -13.21 -31.79
C PHE A 354 19.59 -12.15 -31.68
N VAL A 355 19.46 -11.24 -30.70
CA VAL A 355 20.50 -10.23 -30.50
C VAL A 355 21.80 -10.89 -30.02
N PHE A 356 21.68 -11.90 -29.16
CA PHE A 356 22.87 -12.59 -28.65
C PHE A 356 23.62 -13.30 -29.77
N LEU A 357 22.89 -13.93 -30.69
CA LEU A 357 23.53 -14.67 -31.77
C LEU A 357 24.30 -13.76 -32.71
N SER A 358 23.87 -12.51 -32.85
CA SER A 358 24.58 -11.59 -33.74
C SER A 358 25.95 -11.23 -33.21
N VAL A 359 26.13 -11.23 -31.88
CA VAL A 359 27.43 -10.92 -31.31
C VAL A 359 28.42 -12.03 -31.58
N LEU A 360 27.99 -13.29 -31.46
CA LEU A 360 28.88 -14.41 -31.76
C LEU A 360 29.21 -14.50 -33.24
N GLU A 361 28.33 -13.97 -34.10
CA GLU A 361 28.57 -14.04 -35.54
C GLU A 361 29.81 -13.26 -35.94
N TYR A 362 30.01 -12.07 -35.36
CA TYR A 362 31.19 -11.29 -35.69
C TYR A 362 32.46 -11.90 -35.13
N ALA A 363 32.35 -12.61 -33.99
CA ALA A 363 33.53 -13.25 -33.41
C ALA A 363 34.10 -14.29 -34.34
N ALA A 364 33.25 -15.04 -35.03
CA ALA A 364 33.73 -16.01 -36.00
C ALA A 364 34.41 -15.31 -37.18
N VAL A 365 33.83 -14.21 -37.65
CA VAL A 365 34.42 -13.47 -38.77
C VAL A 365 35.78 -12.91 -38.39
N ASN A 366 35.89 -12.32 -37.20
CA ASN A 366 37.15 -11.71 -36.79
C ASN A 366 38.24 -12.76 -36.63
N TYR A 367 37.91 -13.89 -36.02
CA TYR A 367 38.92 -14.93 -35.79
C TYR A 367 39.42 -15.51 -37.10
N LEU A 368 38.50 -15.79 -38.03
CA LEU A 368 38.90 -16.37 -39.31
C LEU A 368 39.76 -15.41 -40.12
N THR A 369 39.42 -14.12 -40.09
CA THR A 369 40.23 -13.13 -40.81
C THR A 369 41.64 -13.06 -40.26
N THR A 370 41.77 -13.08 -38.93
CA THR A 370 43.10 -13.00 -38.32
C THR A 370 43.95 -14.23 -38.67
N VAL A 371 43.34 -15.41 -38.67
CA VAL A 371 44.08 -16.63 -39.00
C VAL A 371 44.59 -16.58 -40.43
N GLN A 372 43.73 -16.13 -41.36
CA GLN A 372 44.12 -16.08 -42.77
C GLN A 372 45.28 -15.12 -42.99
N GLU A 373 45.24 -13.96 -42.36
CA GLU A 373 46.30 -12.97 -42.54
C GLU A 373 47.63 -13.49 -41.99
N ARG A 374 47.60 -14.13 -40.82
CA ARG A 374 48.83 -14.67 -40.24
C ARG A 374 49.39 -15.79 -41.09
N LYS A 375 48.52 -16.63 -41.66
CA LYS A 375 48.98 -17.74 -42.49
C LYS A 375 49.71 -17.24 -43.73
N GLU A 376 49.18 -16.19 -44.37
CA GLU A 376 49.83 -15.64 -45.56
C GLU A 376 51.20 -15.04 -45.22
N GLN A 377 51.30 -14.35 -44.08
CA GLN A 377 52.58 -13.77 -43.69
C GLN A 377 53.61 -14.85 -43.40
N LYS A 378 53.19 -15.95 -42.76
CA LYS A 378 54.11 -17.04 -42.48
C LYS A 378 54.58 -17.71 -43.76
N LEU A 379 53.69 -17.85 -44.75
CA LEU A 379 54.08 -18.47 -46.01
C LEU A 379 55.07 -17.60 -46.78
N ARG A 380 54.98 -16.28 -46.65
CA ARG A 380 55.90 -15.38 -47.33
C ARG A 380 57.16 -15.14 -46.49
N ASP A 451 36.84 -7.20 -49.63
CA ASP A 451 35.90 -8.24 -50.05
C ASP A 451 35.04 -8.70 -48.88
N THR A 452 33.76 -8.90 -49.14
CA THR A 452 32.82 -9.34 -48.10
C THR A 452 33.04 -10.82 -47.80
N HIS A 453 33.09 -11.14 -46.51
CA HIS A 453 33.30 -12.52 -46.09
C HIS A 453 32.07 -13.35 -46.40
N ALA A 454 32.27 -14.66 -46.57
CA ALA A 454 31.16 -15.54 -46.91
C ALA A 454 30.11 -15.60 -45.81
N ILE A 455 30.54 -15.53 -44.54
CA ILE A 455 29.58 -15.57 -43.43
C ILE A 455 28.67 -14.36 -43.47
N ASP A 456 29.23 -13.18 -43.75
CA ASP A 456 28.43 -11.97 -43.81
C ASP A 456 27.39 -12.03 -44.91
N LYS A 457 27.76 -12.60 -46.06
CA LYS A 457 26.83 -12.65 -47.19
C LYS A 457 25.59 -13.47 -46.86
N TYR A 458 25.77 -14.63 -46.21
CA TYR A 458 24.63 -15.48 -45.88
C TYR A 458 23.84 -14.94 -44.69
N SER A 459 24.52 -14.28 -43.75
CA SER A 459 23.81 -13.73 -42.58
C SER A 459 22.81 -12.67 -43.00
N ARG A 460 23.07 -11.97 -44.10
CA ARG A 460 22.14 -10.94 -44.57
C ARG A 460 20.81 -11.54 -45.01
N ILE A 461 20.78 -12.83 -45.34
CA ILE A 461 19.58 -13.50 -45.82
C ILE A 461 18.97 -14.40 -44.75
N ILE A 462 19.80 -15.18 -44.06
CA ILE A 462 19.29 -16.17 -43.11
C ILE A 462 18.62 -15.49 -41.92
N PHE A 463 19.27 -14.46 -41.37
CA PHE A 463 18.71 -13.81 -40.18
C PHE A 463 17.37 -13.15 -40.43
N PRO A 464 17.16 -12.34 -41.47
CA PRO A 464 15.80 -11.81 -41.72
C PRO A 464 14.77 -12.90 -42.00
N ALA A 465 15.18 -13.97 -42.70
CA ALA A 465 14.23 -15.03 -43.03
C ALA A 465 13.79 -15.79 -41.79
N ALA A 466 14.72 -16.05 -40.87
CA ALA A 466 14.38 -16.81 -39.67
C ALA A 466 13.41 -16.06 -38.78
N TYR A 467 13.57 -14.73 -38.66
CA TYR A 467 12.70 -13.95 -37.79
C TYR A 467 11.28 -13.87 -38.33
N ILE A 468 11.12 -13.76 -39.65
CA ILE A 468 9.77 -13.73 -40.23
C ILE A 468 9.08 -15.06 -40.03
N LEU A 469 9.82 -16.16 -40.15
CA LEU A 469 9.24 -17.49 -39.92
C LEU A 469 8.75 -17.64 -38.49
N PHE A 470 9.50 -17.09 -37.53
CA PHE A 470 9.08 -17.15 -36.13
C PHE A 470 7.77 -16.41 -35.91
N ASN A 471 7.62 -15.24 -36.54
CA ASN A 471 6.40 -14.46 -36.35
C ASN A 471 5.18 -15.18 -36.89
N LEU A 472 5.31 -15.85 -38.04
CA LEU A 472 4.18 -16.57 -38.61
C LEU A 472 3.71 -17.69 -37.69
N ILE A 473 4.65 -18.44 -37.11
CA ILE A 473 4.30 -19.52 -36.21
C ILE A 473 3.72 -18.96 -34.91
N TYR A 474 4.33 -17.90 -34.38
CA TYR A 474 3.90 -17.36 -33.09
C TYR A 474 2.48 -16.80 -33.18
N TRP A 475 2.18 -16.04 -34.23
CA TRP A 475 0.87 -15.43 -34.35
C TRP A 475 -0.21 -16.41 -34.82
N SER A 476 0.18 -17.55 -35.39
CA SER A 476 -0.82 -18.55 -35.77
C SER A 476 -1.33 -19.32 -34.56
N ILE A 477 -0.50 -19.46 -33.53
CA ILE A 477 -0.92 -20.22 -32.34
C ILE A 477 -1.73 -19.32 -31.40
N PHE A 478 -1.23 -18.12 -31.13
CA PHE A 478 -1.86 -17.21 -30.19
C PHE A 478 -2.87 -16.27 -30.86
N SER A 479 -3.38 -16.64 -32.04
CA SER A 479 -4.41 -15.87 -32.74
C SER A 479 -3.99 -14.41 -32.94
N SER B 75 -42.08 -20.96 19.33
CA SER B 75 -40.85 -21.73 19.29
C SER B 75 -40.03 -21.51 20.55
N GLU B 76 -40.18 -20.34 21.16
CA GLU B 76 -39.49 -20.00 22.39
C GLU B 76 -40.23 -20.49 23.64
N GLN B 77 -41.36 -21.17 23.46
CA GLN B 77 -42.11 -21.74 24.58
C GLN B 77 -42.06 -23.25 24.64
N LEU B 78 -41.87 -23.94 23.51
CA LEU B 78 -41.60 -25.37 23.56
C LEU B 78 -40.28 -25.65 24.24
N LEU B 79 -39.25 -24.85 23.91
CA LEU B 79 -37.98 -24.94 24.60
C LEU B 79 -38.05 -24.16 25.92
N ARG B 80 -37.62 -24.79 27.01
CA ARG B 80 -37.66 -24.17 28.33
C ARG B 80 -36.45 -23.23 28.51
N ILE B 81 -36.49 -22.13 27.75
CA ILE B 81 -35.39 -21.17 27.79
C ILE B 81 -35.33 -20.49 29.16
N ASP B 82 -36.48 -20.04 29.66
CA ASP B 82 -36.50 -19.30 30.93
C ASP B 82 -36.45 -20.20 32.15
N ASP B 83 -36.68 -21.51 31.99
CA ASP B 83 -36.71 -22.42 33.12
C ASP B 83 -35.38 -23.06 33.43
N HIS B 84 -34.34 -22.77 32.66
CA HIS B 84 -33.03 -23.38 32.85
C HIS B 84 -31.94 -22.32 32.87
N ASP B 85 -30.88 -22.59 33.62
CA ASP B 85 -29.72 -21.72 33.69
C ASP B 85 -28.73 -22.16 32.62
N PHE B 86 -28.65 -21.38 31.55
CA PHE B 86 -27.80 -21.71 30.40
C PHE B 86 -26.39 -21.16 30.51
N SER B 87 -26.02 -20.59 31.65
CA SER B 87 -24.65 -20.14 31.87
C SER B 87 -23.71 -21.28 32.27
N MET B 88 -24.25 -22.47 32.50
CA MET B 88 -23.45 -23.63 32.87
C MET B 88 -23.57 -24.70 31.80
N ARG B 89 -22.46 -25.40 31.55
CA ARG B 89 -22.44 -26.43 30.54
C ARG B 89 -23.32 -27.61 30.94
N PRO B 90 -23.83 -28.36 29.97
CA PRO B 90 -24.60 -29.57 30.29
C PRO B 90 -23.76 -30.55 31.08
N GLY B 91 -24.40 -31.24 32.03
CA GLY B 91 -23.67 -32.14 32.89
C GLY B 91 -22.70 -31.47 33.83
N PHE B 92 -23.03 -30.28 34.33
CA PHE B 92 -22.15 -29.56 35.22
C PHE B 92 -21.87 -30.38 36.48
N GLY B 93 -20.59 -30.41 36.87
CA GLY B 93 -20.16 -31.19 38.01
C GLY B 93 -19.96 -32.66 37.75
N GLY B 94 -20.14 -33.12 36.51
CA GLY B 94 -19.99 -34.51 36.17
C GLY B 94 -18.96 -34.75 35.08
N PRO B 95 -19.17 -35.80 34.28
CA PRO B 95 -18.22 -36.11 33.22
C PRO B 95 -18.20 -35.05 32.14
N ALA B 96 -17.09 -35.02 31.39
CA ALA B 96 -16.94 -34.05 30.32
C ALA B 96 -17.91 -34.33 29.18
N ILE B 97 -18.39 -33.27 28.55
CA ILE B 97 -19.34 -33.40 27.43
C ILE B 97 -18.55 -33.50 26.13
N PRO B 98 -18.77 -34.55 25.33
CA PRO B 98 -18.04 -34.67 24.06
C PRO B 98 -18.66 -33.79 22.99
N VAL B 99 -17.79 -33.12 22.21
CA VAL B 99 -18.21 -32.23 21.13
C VAL B 99 -17.47 -32.66 19.86
N GLY B 100 -18.21 -32.85 18.77
CA GLY B 100 -17.62 -33.20 17.49
C GLY B 100 -17.52 -32.00 16.58
N VAL B 101 -16.54 -32.03 15.68
CA VAL B 101 -16.26 -30.92 14.78
C VAL B 101 -16.14 -31.43 13.36
N ASP B 102 -16.79 -30.72 12.42
CA ASP B 102 -16.63 -30.95 10.99
C ASP B 102 -16.20 -29.66 10.32
N VAL B 103 -15.31 -29.79 9.34
CA VAL B 103 -14.72 -28.65 8.66
C VAL B 103 -14.79 -28.85 7.16
N GLN B 104 -15.24 -27.81 6.45
CA GLN B 104 -15.19 -27.78 4.99
C GLN B 104 -14.47 -26.51 4.56
N VAL B 105 -13.40 -26.67 3.80
CA VAL B 105 -12.59 -25.54 3.35
C VAL B 105 -13.20 -24.99 2.06
N GLU B 106 -13.42 -23.68 2.01
CA GLU B 106 -14.04 -23.07 0.84
C GLU B 106 -13.01 -22.55 -0.15
N SER B 107 -12.06 -21.73 0.29
CA SER B 107 -11.05 -21.19 -0.61
C SER B 107 -9.90 -20.61 0.21
N LEU B 108 -8.75 -20.46 -0.44
CA LEU B 108 -7.61 -19.75 0.12
C LEU B 108 -7.49 -18.40 -0.58
N ASP B 109 -7.43 -17.34 0.22
CA ASP B 109 -7.49 -15.98 -0.31
C ASP B 109 -6.15 -15.42 -0.74
N SER B 110 -5.15 -15.46 0.12
CA SER B 110 -3.85 -14.86 -0.20
C SER B 110 -2.82 -15.41 0.76
N ILE B 111 -1.55 -15.22 0.40
CA ILE B 111 -0.42 -15.64 1.22
C ILE B 111 0.64 -14.54 1.16
N SER B 112 1.23 -14.25 2.32
CA SER B 112 2.23 -13.19 2.44
C SER B 112 3.56 -13.82 2.83
N GLU B 113 4.60 -13.54 2.04
CA GLU B 113 5.92 -14.09 2.31
C GLU B 113 6.74 -13.20 3.23
N VAL B 114 6.37 -11.94 3.41
CA VAL B 114 7.10 -11.05 4.30
C VAL B 114 6.58 -11.18 5.73
N ASP B 115 5.26 -11.13 5.89
CA ASP B 115 4.66 -11.27 7.21
C ASP B 115 4.46 -12.73 7.61
N MET B 116 4.61 -13.67 6.68
CA MET B 116 4.53 -15.10 6.96
C MET B 116 3.18 -15.49 7.56
N ASP B 117 2.12 -15.30 6.75
CA ASP B 117 0.78 -15.69 7.15
C ASP B 117 -0.05 -15.99 5.91
N PHE B 118 -1.16 -16.70 6.13
CA PHE B 118 -2.08 -17.05 5.05
C PHE B 118 -3.51 -16.84 5.54
N THR B 119 -4.41 -16.66 4.58
CA THR B 119 -5.83 -16.42 4.86
C THR B 119 -6.66 -17.56 4.30
N MET B 120 -7.59 -18.07 5.12
CA MET B 120 -8.45 -19.19 4.74
C MET B 120 -9.89 -18.89 5.13
N THR B 121 -10.81 -19.35 4.30
CA THR B 121 -12.25 -19.26 4.55
C THR B 121 -12.82 -20.66 4.60
N LEU B 122 -13.66 -20.94 5.61
CA LEU B 122 -14.12 -22.29 5.84
C LEU B 122 -15.47 -22.27 6.56
N TYR B 123 -16.13 -23.43 6.54
CA TYR B 123 -17.35 -23.66 7.30
C TYR B 123 -17.02 -24.50 8.52
N LEU B 124 -17.51 -24.08 9.69
CA LEU B 124 -17.25 -24.77 10.94
C LEU B 124 -18.56 -25.26 11.53
N ARG B 125 -18.61 -26.55 11.89
CA ARG B 125 -19.81 -27.18 12.42
C ARG B 125 -19.50 -27.87 13.74
N HIS B 126 -20.47 -27.83 14.66
CA HIS B 126 -20.33 -28.47 15.96
C HIS B 126 -21.50 -29.42 16.19
N TYR B 127 -21.24 -30.49 16.92
CA TYR B 127 -22.26 -31.49 17.26
C TYR B 127 -22.17 -31.81 18.75
N TRP B 128 -23.30 -31.69 19.45
CA TRP B 128 -23.38 -32.08 20.85
C TRP B 128 -24.84 -32.29 21.20
N LYS B 129 -25.06 -32.86 22.39
CA LYS B 129 -26.39 -33.18 22.87
C LYS B 129 -26.67 -32.42 24.16
N ASP B 130 -27.88 -31.86 24.26
CA ASP B 130 -28.31 -31.12 25.44
C ASP B 130 -29.77 -31.45 25.70
N GLU B 131 -30.03 -32.17 26.80
CA GLU B 131 -31.38 -32.58 27.11
C GLU B 131 -32.29 -31.42 27.48
N ARG B 132 -31.72 -30.28 27.87
CA ARG B 132 -32.54 -29.13 28.27
C ARG B 132 -33.27 -28.50 27.11
N LEU B 133 -32.88 -28.81 25.86
CA LEU B 133 -33.50 -28.24 24.68
C LEU B 133 -34.51 -29.18 24.03
N SER B 134 -34.85 -30.30 24.68
CA SER B 134 -35.82 -31.22 24.13
C SER B 134 -37.21 -30.61 24.13
N PHE B 135 -37.99 -30.95 23.10
CA PHE B 135 -39.36 -30.47 22.98
C PHE B 135 -40.23 -31.62 22.51
N PRO B 136 -41.51 -31.64 22.92
CA PRO B 136 -42.40 -32.73 22.49
C PRO B 136 -42.81 -32.56 21.03
N SER B 137 -42.79 -33.68 20.29
CA SER B 137 -43.18 -33.67 18.88
C SER B 137 -43.72 -35.03 18.51
N THR B 138 -44.71 -35.04 17.62
CA THR B 138 -45.30 -36.29 17.15
C THR B 138 -44.50 -36.93 16.04
N ASN B 139 -43.46 -36.26 15.54
CA ASN B 139 -42.64 -36.80 14.47
C ASN B 139 -41.19 -36.36 14.70
N ASN B 140 -40.31 -36.78 13.79
CA ASN B 140 -38.89 -36.47 13.87
C ASN B 140 -38.53 -35.15 13.18
N LEU B 141 -39.50 -34.26 12.99
CA LEU B 141 -39.25 -32.99 12.31
C LEU B 141 -38.46 -32.06 13.23
N SER B 142 -37.25 -31.70 12.81
CA SER B 142 -36.41 -30.81 13.60
C SER B 142 -36.72 -29.36 13.27
N MET B 143 -36.49 -28.49 14.25
CA MET B 143 -36.74 -27.06 14.09
C MET B 143 -35.45 -26.35 13.68
N THR B 144 -35.60 -25.22 13.00
CA THR B 144 -34.49 -24.41 12.54
C THR B 144 -34.63 -23.00 13.13
N PHE B 145 -33.51 -22.44 13.57
CA PHE B 145 -33.50 -21.13 14.20
C PHE B 145 -32.41 -20.28 13.56
N ASP B 146 -32.19 -19.10 14.15
CA ASP B 146 -31.21 -18.16 13.62
C ASP B 146 -30.21 -17.77 14.69
N GLY B 147 -29.39 -16.75 14.41
CA GLY B 147 -28.38 -16.30 15.34
C GLY B 147 -28.92 -15.61 16.58
N ARG B 148 -30.20 -15.22 16.57
CA ARG B 148 -30.76 -14.56 17.75
C ARG B 148 -30.91 -15.53 18.92
N LEU B 149 -31.18 -16.80 18.64
CA LEU B 149 -31.34 -17.78 19.71
C LEU B 149 -30.00 -18.14 20.34
N VAL B 150 -28.89 -17.92 19.63
CA VAL B 150 -27.57 -18.29 20.14
C VAL B 150 -27.24 -17.56 21.42
N LYS B 151 -27.66 -16.31 21.54
CA LYS B 151 -27.34 -15.51 22.73
C LYS B 151 -28.02 -16.03 23.99
N LYS B 152 -28.99 -16.94 23.86
CA LYS B 152 -29.71 -17.48 25.01
C LYS B 152 -29.22 -18.87 25.42
N ILE B 153 -29.01 -19.76 24.46
CA ILE B 153 -28.61 -21.13 24.77
C ILE B 153 -27.08 -21.19 24.93
N TRP B 154 -26.59 -22.26 25.52
CA TRP B 154 -25.16 -22.44 25.70
C TRP B 154 -24.53 -23.04 24.45
N VAL B 155 -23.39 -22.48 24.04
CA VAL B 155 -22.70 -22.90 22.83
C VAL B 155 -21.21 -23.02 23.10
N PRO B 156 -20.51 -23.89 22.38
CA PRO B 156 -19.06 -24.01 22.56
C PRO B 156 -18.34 -22.74 22.14
N ASP B 157 -17.12 -22.59 22.67
CA ASP B 157 -16.34 -21.37 22.48
C ASP B 157 -15.00 -21.64 21.79
N MET B 158 -15.02 -22.42 20.72
CA MET B 158 -13.81 -22.75 19.99
C MET B 158 -13.16 -21.50 19.42
N PHE B 159 -11.84 -21.44 19.48
CA PHE B 159 -11.08 -20.33 18.91
C PHE B 159 -9.85 -20.88 18.20
N PHE B 160 -9.32 -20.09 17.27
CA PHE B 160 -8.19 -20.48 16.43
C PHE B 160 -6.91 -19.98 17.08
N VAL B 161 -6.00 -20.90 17.39
CA VAL B 161 -4.75 -20.54 18.05
C VAL B 161 -3.79 -19.95 17.04
N HIS B 162 -2.93 -19.04 17.50
CA HIS B 162 -1.90 -18.39 16.69
C HIS B 162 -2.47 -17.59 15.53
N SER B 163 -3.73 -17.17 15.62
CA SER B 163 -4.34 -16.37 14.58
C SER B 163 -4.07 -14.89 14.80
N LYS B 164 -3.94 -14.15 13.70
CA LYS B 164 -3.71 -12.71 13.79
C LYS B 164 -5.00 -11.91 13.76
N ARG B 165 -5.93 -12.26 12.88
CA ARG B 165 -7.21 -11.56 12.81
C ARG B 165 -8.23 -12.50 12.18
N SER B 166 -9.49 -12.30 12.58
CA SER B 166 -10.58 -13.12 12.05
C SER B 166 -11.89 -12.38 12.28
N PHE B 167 -12.90 -12.75 11.49
CA PHE B 167 -14.22 -12.15 11.60
C PHE B 167 -15.26 -13.09 11.00
N ILE B 168 -16.52 -12.87 11.39
CA ILE B 168 -17.65 -13.65 10.91
C ILE B 168 -18.46 -12.77 9.97
N HIS B 169 -18.79 -13.31 8.80
CA HIS B 169 -19.55 -12.54 7.81
C HIS B 169 -20.97 -12.27 8.32
N ASP B 170 -21.52 -11.12 7.93
CA ASP B 170 -22.83 -10.72 8.40
C ASP B 170 -23.70 -10.12 7.29
N THR B 171 -23.54 -10.58 6.05
CA THR B 171 -24.32 -10.09 4.93
C THR B 171 -25.09 -11.25 4.30
N THR B 172 -26.40 -11.09 4.18
CA THR B 172 -27.13 -9.89 4.59
C THR B 172 -27.48 -9.95 6.08
N THR B 173 -27.20 -11.10 6.68
CA THR B 173 -27.38 -11.28 8.12
C THR B 173 -26.30 -12.21 8.62
N ASP B 174 -26.28 -12.46 9.92
CA ASP B 174 -25.29 -13.34 10.51
C ASP B 174 -25.39 -14.73 9.91
N ASN B 175 -24.24 -15.28 9.49
CA ASN B 175 -24.19 -16.60 8.87
C ASN B 175 -24.09 -17.66 9.96
N VAL B 176 -25.20 -17.84 10.67
CA VAL B 176 -25.30 -18.80 11.75
C VAL B 176 -26.62 -19.55 11.59
N MET B 177 -26.57 -20.88 11.80
CA MET B 177 -27.78 -21.70 11.75
C MET B 177 -27.81 -22.59 12.97
N LEU B 178 -29.02 -22.96 13.38
CA LEU B 178 -29.24 -23.89 14.49
C LEU B 178 -30.32 -24.88 14.12
N ARG B 179 -30.05 -26.16 14.36
CA ARG B 179 -31.03 -27.22 14.15
C ARG B 179 -31.08 -28.08 15.41
N VAL B 180 -32.29 -28.24 15.95
CA VAL B 180 -32.49 -28.94 17.21
C VAL B 180 -33.39 -30.15 16.95
N GLN B 181 -32.89 -31.34 17.28
CA GLN B 181 -33.67 -32.56 17.20
C GLN B 181 -34.69 -32.62 18.34
N PRO B 182 -35.75 -33.41 18.19
CA PRO B 182 -36.71 -33.55 19.30
C PRO B 182 -36.08 -34.07 20.59
N ASP B 183 -35.09 -34.94 20.50
CA ASP B 183 -34.45 -35.50 21.69
C ASP B 183 -33.35 -34.61 22.25
N GLY B 184 -33.07 -33.48 21.61
CA GLY B 184 -32.11 -32.53 22.12
C GLY B 184 -30.78 -32.45 21.41
N LYS B 185 -30.59 -33.20 20.33
CA LYS B 185 -29.35 -33.09 19.56
C LYS B 185 -29.34 -31.76 18.81
N VAL B 186 -28.17 -31.11 18.83
CA VAL B 186 -28.03 -29.75 18.32
C VAL B 186 -26.92 -29.72 17.27
N LEU B 187 -27.20 -29.06 16.15
CA LEU B 187 -26.21 -28.78 15.12
C LEU B 187 -25.99 -27.28 15.04
N TYR B 188 -24.73 -26.86 15.12
CA TYR B 188 -24.37 -25.45 15.13
C TYR B 188 -23.32 -25.21 14.05
N SER B 189 -23.61 -24.30 13.12
CA SER B 189 -22.75 -24.05 11.97
C SER B 189 -22.57 -22.55 11.79
N LEU B 190 -21.38 -22.16 11.32
CA LEU B 190 -21.09 -20.76 11.06
C LEU B 190 -19.98 -20.67 10.02
N ARG B 191 -19.93 -19.52 9.35
CA ARG B 191 -18.95 -19.26 8.29
C ARG B 191 -18.01 -18.16 8.75
N VAL B 192 -16.71 -18.44 8.71
CA VAL B 192 -15.71 -17.56 9.31
C VAL B 192 -14.44 -17.56 8.46
N THR B 193 -13.80 -16.40 8.38
CA THR B 193 -12.53 -16.21 7.71
C THR B 193 -11.44 -15.93 8.74
N VAL B 194 -10.34 -16.67 8.66
CA VAL B 194 -9.29 -16.62 9.68
C VAL B 194 -7.94 -16.48 8.99
N THR B 195 -7.07 -15.66 9.58
CA THR B 195 -5.68 -15.50 9.15
C THR B 195 -4.77 -16.05 10.23
N ALA B 196 -3.84 -16.92 9.83
CA ALA B 196 -2.96 -17.59 10.79
C ALA B 196 -1.51 -17.46 10.34
N MET B 197 -0.62 -17.41 11.33
CA MET B 197 0.80 -17.30 11.04
C MET B 197 1.39 -18.65 10.65
N CYS B 198 2.52 -18.59 9.92
CA CYS B 198 3.20 -19.81 9.48
C CYS B 198 4.67 -19.46 9.24
N ASN B 199 5.56 -20.11 9.98
CA ASN B 199 6.99 -19.90 9.81
C ASN B 199 7.44 -20.49 8.49
N MET B 200 8.23 -19.73 7.74
CA MET B 200 8.74 -20.15 6.43
C MET B 200 10.25 -20.00 6.38
N ASP B 201 10.90 -20.88 5.63
CA ASP B 201 12.34 -20.83 5.42
C ASP B 201 12.61 -20.65 3.94
N PHE B 202 13.38 -19.62 3.60
CA PHE B 202 13.69 -19.28 2.22
C PHE B 202 15.13 -19.56 1.84
N SER B 203 15.83 -20.42 2.60
CA SER B 203 17.23 -20.71 2.28
C SER B 203 17.38 -21.38 0.93
N ARG B 204 16.43 -22.24 0.55
CA ARG B 204 16.49 -22.98 -0.71
C ARG B 204 15.65 -22.34 -1.80
N PHE B 205 15.34 -21.06 -1.70
CA PHE B 205 14.58 -20.38 -2.74
C PHE B 205 15.33 -20.44 -4.06
N PRO B 206 14.65 -20.64 -5.21
CA PRO B 206 13.21 -20.82 -5.36
C PRO B 206 12.75 -22.28 -5.33
N LEU B 207 13.58 -23.19 -4.83
CA LEU B 207 13.26 -24.60 -4.78
C LEU B 207 12.72 -25.03 -3.41
N ASP B 208 12.33 -24.07 -2.58
CA ASP B 208 11.89 -24.40 -1.23
C ASP B 208 10.50 -25.01 -1.23
N THR B 209 10.21 -25.77 -0.18
CA THR B 209 8.89 -26.36 0.05
C THR B 209 8.43 -25.97 1.44
N GLN B 210 7.19 -25.47 1.53
CA GLN B 210 6.65 -24.94 2.77
C GLN B 210 5.49 -25.78 3.25
N THR B 211 5.35 -25.88 4.57
CA THR B 211 4.27 -26.62 5.22
C THR B 211 3.55 -25.68 6.16
N CYS B 212 2.22 -25.78 6.19
CA CYS B 212 1.38 -24.90 7.00
C CYS B 212 0.41 -25.74 7.80
N SER B 213 -0.12 -25.14 8.88
CA SER B 213 -1.09 -25.83 9.72
C SER B 213 -2.05 -24.82 10.32
N LEU B 214 -3.27 -25.30 10.59
CA LEU B 214 -4.31 -24.51 11.25
C LEU B 214 -4.76 -25.26 12.50
N GLU B 215 -4.93 -24.53 13.60
CA GLU B 215 -5.18 -25.12 14.90
C GLU B 215 -6.49 -24.61 15.48
N ILE B 216 -7.28 -25.53 16.06
CA ILE B 216 -8.55 -25.22 16.70
C ILE B 216 -8.51 -25.75 18.12
N GLU B 217 -8.93 -24.92 19.07
CA GLU B 217 -8.84 -25.29 20.48
C GLU B 217 -9.94 -24.58 21.27
N SER B 218 -10.38 -25.23 22.34
CA SER B 218 -11.31 -24.62 23.27
C SER B 218 -10.59 -23.63 24.17
N TYR B 219 -11.26 -22.53 24.50
CA TYR B 219 -10.60 -21.46 25.25
C TYR B 219 -10.68 -21.71 26.76
N ALA B 220 -11.89 -21.80 27.29
CA ALA B 220 -12.08 -21.76 28.74
C ALA B 220 -12.20 -23.14 29.40
N TYR B 221 -12.63 -24.15 28.67
CA TYR B 221 -12.90 -25.47 29.25
C TYR B 221 -11.74 -26.42 28.95
N THR B 222 -11.19 -27.02 30.01
CA THR B 222 -10.10 -27.97 29.86
C THR B 222 -10.63 -29.33 29.44
N GLU B 223 -9.72 -30.31 29.36
CA GLU B 223 -10.10 -31.65 28.98
C GLU B 223 -10.99 -32.32 30.04
N ASP B 224 -10.96 -31.84 31.27
CA ASP B 224 -11.81 -32.40 32.32
C ASP B 224 -13.26 -31.97 32.19
N ASP B 225 -13.55 -30.94 31.40
CA ASP B 225 -14.91 -30.45 31.22
C ASP B 225 -15.43 -30.57 29.80
N LEU B 226 -14.57 -30.46 28.79
CA LEU B 226 -14.99 -30.54 27.40
C LEU B 226 -14.01 -31.43 26.65
N MET B 227 -14.55 -32.38 25.89
CA MET B 227 -13.74 -33.32 25.10
C MET B 227 -14.00 -33.04 23.63
N LEU B 228 -12.93 -32.76 22.88
CA LEU B 228 -13.01 -32.34 21.50
C LEU B 228 -12.39 -33.41 20.61
N TYR B 229 -13.08 -33.76 19.53
CA TYR B 229 -12.61 -34.80 18.62
C TYR B 229 -13.25 -34.61 17.25
N TRP B 230 -12.63 -35.19 16.23
CA TRP B 230 -13.22 -35.23 14.90
C TRP B 230 -14.36 -36.24 14.87
N LYS B 231 -15.52 -35.81 14.35
CA LYS B 231 -16.70 -36.66 14.40
C LYS B 231 -16.55 -37.92 13.55
N LYS B 232 -15.95 -37.81 12.37
CA LYS B 232 -15.83 -38.94 11.45
C LYS B 232 -14.38 -39.23 11.07
N GLY B 233 -13.43 -38.91 11.95
CA GLY B 233 -12.04 -39.21 11.66
C GLY B 233 -11.50 -38.36 10.53
N ASN B 234 -10.75 -39.01 9.64
CA ASN B 234 -10.13 -38.31 8.52
C ASN B 234 -11.13 -37.93 7.43
N ASP B 235 -12.36 -38.44 7.50
CA ASP B 235 -13.38 -38.07 6.52
C ASP B 235 -14.08 -36.77 6.87
N SER B 236 -13.75 -36.15 8.00
CA SER B 236 -14.41 -34.93 8.45
C SER B 236 -13.93 -33.68 7.73
N LEU B 237 -12.89 -33.79 6.90
CA LEU B 237 -12.34 -32.65 6.18
C LEU B 237 -12.72 -32.73 4.70
N LYS B 238 -13.32 -31.67 4.19
CA LYS B 238 -13.70 -31.56 2.79
C LYS B 238 -13.10 -30.29 2.20
N THR B 239 -12.78 -30.35 0.91
CA THR B 239 -12.16 -29.24 0.21
C THR B 239 -12.93 -28.94 -1.06
N ASP B 240 -13.03 -27.65 -1.39
CA ASP B 240 -13.67 -27.25 -2.63
C ASP B 240 -12.81 -27.68 -3.82
N GLU B 241 -13.47 -27.99 -4.93
CA GLU B 241 -12.75 -28.43 -6.12
C GLU B 241 -12.04 -27.30 -6.84
N ARG B 242 -12.38 -26.04 -6.55
CA ARG B 242 -11.86 -24.89 -7.27
C ARG B 242 -10.82 -24.11 -6.47
N ILE B 243 -10.31 -24.68 -5.37
CA ILE B 243 -9.32 -23.97 -4.57
C ILE B 243 -8.00 -23.94 -5.31
N SER B 244 -7.40 -22.76 -5.40
CA SER B 244 -6.15 -22.60 -6.14
C SER B 244 -5.45 -21.33 -5.67
N LEU B 245 -4.16 -21.24 -5.98
CA LEU B 245 -3.35 -20.07 -5.69
C LEU B 245 -2.64 -19.60 -6.96
N SER B 246 -2.36 -18.30 -7.01
CA SER B 246 -1.75 -17.72 -8.21
C SER B 246 -0.32 -18.21 -8.42
N GLN B 247 0.47 -18.34 -7.36
CA GLN B 247 1.88 -18.69 -7.49
C GLN B 247 2.29 -19.89 -6.66
N PHE B 248 1.35 -20.67 -6.13
CA PHE B 248 1.67 -21.84 -5.33
C PHE B 248 0.79 -23.00 -5.75
N LEU B 249 1.26 -24.22 -5.46
CA LEU B 249 0.51 -25.44 -5.68
C LEU B 249 0.17 -26.07 -4.33
N ILE B 250 -1.10 -26.41 -4.14
CA ILE B 250 -1.62 -26.88 -2.87
C ILE B 250 -1.90 -28.37 -2.98
N GLN B 251 -1.47 -29.14 -1.97
CA GLN B 251 -1.65 -30.58 -1.99
C GLN B 251 -1.52 -31.12 -0.57
N GLU B 252 -1.90 -32.38 -0.41
CA GLU B 252 -1.69 -33.14 0.82
C GLU B 252 -2.47 -32.56 2.00
N PHE B 253 -3.79 -32.52 1.87
CA PHE B 253 -4.64 -32.14 3.00
C PHE B 253 -4.88 -33.35 3.90
N HIS B 254 -4.60 -33.18 5.19
CA HIS B 254 -4.87 -34.24 6.16
C HIS B 254 -5.00 -33.61 7.55
N THR B 255 -5.60 -34.36 8.46
CA THR B 255 -5.91 -33.88 9.80
C THR B 255 -5.22 -34.73 10.86
N THR B 256 -4.83 -34.08 11.96
CA THR B 256 -4.20 -34.74 13.10
C THR B 256 -4.68 -34.10 14.38
N THR B 257 -4.39 -34.76 15.51
CA THR B 257 -4.79 -34.27 16.82
C THR B 257 -3.60 -34.37 17.77
N LYS B 258 -3.61 -33.50 18.79
CA LYS B 258 -2.55 -33.49 19.78
C LYS B 258 -3.06 -32.78 21.03
N LEU B 259 -2.40 -33.06 22.16
CA LEU B 259 -2.74 -32.44 23.43
C LEU B 259 -1.79 -31.28 23.72
N ALA B 260 -2.33 -30.17 24.20
CA ALA B 260 -1.56 -29.00 24.56
C ALA B 260 -1.63 -28.77 26.07
N PHE B 261 -0.54 -28.26 26.62
CA PHE B 261 -0.44 -28.03 28.06
C PHE B 261 -0.12 -26.57 28.33
N TYR B 262 -0.83 -25.98 29.28
CA TYR B 262 -0.55 -24.63 29.77
C TYR B 262 -0.18 -24.72 31.23
N SER B 263 0.90 -24.02 31.62
CA SER B 263 1.41 -24.16 32.97
C SER B 263 0.41 -23.65 34.01
N SER B 264 -0.27 -22.54 33.75
CA SER B 264 -1.14 -21.95 34.75
C SER B 264 -2.60 -22.34 34.59
N THR B 265 -2.97 -23.10 33.57
CA THR B 265 -4.37 -23.41 33.37
C THR B 265 -4.65 -24.91 33.31
N GLY B 266 -3.78 -25.68 32.65
CA GLY B 266 -3.96 -27.11 32.57
C GLY B 266 -3.80 -27.61 31.15
N TRP B 267 -4.47 -28.73 30.85
CA TRP B 267 -4.36 -29.42 29.58
C TRP B 267 -5.55 -29.10 28.69
N TYR B 268 -5.32 -29.12 27.38
CA TYR B 268 -6.35 -28.85 26.39
C TYR B 268 -6.19 -29.76 25.19
N ASN B 269 -7.31 -30.12 24.56
CA ASN B 269 -7.28 -30.85 23.29
C ASN B 269 -7.15 -29.87 22.12
N ARG B 270 -6.36 -30.24 21.13
CA ARG B 270 -6.10 -29.38 19.99
C ARG B 270 -6.24 -30.18 18.70
N LEU B 271 -6.77 -29.54 17.66
CA LEU B 271 -6.97 -30.15 16.35
C LEU B 271 -6.11 -29.44 15.32
N TYR B 272 -5.72 -30.17 14.28
CA TYR B 272 -4.81 -29.66 13.26
C TYR B 272 -5.34 -29.94 11.87
N ILE B 273 -5.08 -29.01 10.95
CA ILE B 273 -5.31 -29.19 9.52
C ILE B 273 -4.01 -28.83 8.80
N ASN B 274 -3.51 -29.75 7.98
CA ASN B 274 -2.19 -29.59 7.37
C ASN B 274 -2.28 -29.63 5.85
N PHE B 275 -1.36 -28.91 5.21
CA PHE B 275 -1.22 -28.92 3.75
C PHE B 275 0.18 -28.45 3.39
N THR B 276 0.53 -28.66 2.12
CA THR B 276 1.86 -28.36 1.61
C THR B 276 1.77 -27.45 0.40
N LEU B 277 2.79 -26.61 0.21
CA LEU B 277 2.84 -25.64 -0.88
C LEU B 277 4.13 -25.80 -1.68
N ARG B 278 4.03 -25.61 -2.99
CA ARG B 278 5.17 -25.69 -3.89
C ARG B 278 5.10 -24.57 -4.92
N ARG B 279 6.24 -24.26 -5.51
CA ARG B 279 6.36 -23.17 -6.47
C ARG B 279 6.43 -23.69 -7.90
N HIS B 280 6.42 -22.76 -8.84
CA HIS B 280 6.66 -23.05 -10.25
C HIS B 280 8.14 -22.84 -10.55
N ILE B 281 8.87 -23.95 -10.75
CA ILE B 281 10.32 -23.86 -10.88
C ILE B 281 10.72 -23.21 -12.20
N PHE B 282 10.03 -23.58 -13.29
CA PHE B 282 10.50 -23.19 -14.63
C PHE B 282 10.46 -21.68 -14.86
N PHE B 283 9.57 -20.97 -14.15
CA PHE B 283 9.50 -19.52 -14.35
C PHE B 283 10.76 -18.84 -13.85
N PHE B 284 11.25 -19.23 -12.67
CA PHE B 284 12.42 -18.57 -12.10
C PHE B 284 13.70 -18.89 -12.86
N LEU B 285 13.78 -20.08 -13.44
CA LEU B 285 14.97 -20.43 -14.22
C LEU B 285 15.14 -19.52 -15.42
N LEU B 286 14.03 -19.23 -16.11
CA LEU B 286 14.10 -18.38 -17.30
C LEU B 286 14.44 -16.93 -16.94
N GLN B 287 13.85 -16.42 -15.87
CA GLN B 287 14.03 -15.02 -15.52
C GLN B 287 15.36 -14.70 -14.87
N THR B 288 15.93 -15.63 -14.09
CA THR B 288 17.12 -15.32 -13.31
C THR B 288 18.34 -16.09 -13.78
N TYR B 289 18.23 -17.42 -13.83
CA TYR B 289 19.39 -18.24 -14.18
C TYR B 289 19.76 -18.09 -15.66
N PHE B 290 18.77 -17.98 -16.53
CA PHE B 290 19.05 -17.92 -17.97
C PHE B 290 19.83 -16.67 -18.36
N PRO B 291 19.44 -15.45 -17.97
CA PRO B 291 20.25 -14.28 -18.37
C PRO B 291 21.66 -14.30 -17.82
N ALA B 292 21.86 -14.82 -16.61
CA ALA B 292 23.17 -14.80 -15.99
C ALA B 292 24.17 -15.67 -16.77
N THR B 293 23.73 -16.84 -17.23
CA THR B 293 24.62 -17.73 -17.96
C THR B 293 25.06 -17.13 -19.29
N LEU B 294 24.14 -16.47 -20.00
CA LEU B 294 24.47 -15.92 -21.30
C LEU B 294 25.53 -14.83 -21.20
N MET B 295 25.44 -13.97 -20.18
CA MET B 295 26.40 -12.89 -20.04
C MET B 295 27.80 -13.41 -19.72
N VAL B 296 27.89 -14.48 -18.91
CA VAL B 296 29.18 -15.06 -18.59
C VAL B 296 29.83 -15.64 -19.85
N MET B 297 29.03 -16.35 -20.65
CA MET B 297 29.56 -16.89 -21.91
C MET B 297 29.91 -15.78 -22.88
N LEU B 298 29.24 -14.63 -22.76
CA LEU B 298 29.53 -13.51 -23.66
C LEU B 298 30.89 -12.89 -23.39
N SER B 299 31.37 -12.95 -22.14
CA SER B 299 32.68 -12.37 -21.83
C SER B 299 33.82 -13.22 -22.37
N TRP B 300 33.57 -14.52 -22.61
CA TRP B 300 34.59 -15.39 -23.14
C TRP B 300 34.93 -15.08 -24.59
N VAL B 301 34.12 -14.26 -25.26
CA VAL B 301 34.40 -13.88 -26.65
C VAL B 301 35.70 -13.11 -26.75
N SER B 302 36.00 -12.27 -25.75
CA SER B 302 37.17 -11.40 -25.82
C SER B 302 38.47 -12.21 -25.89
N PHE B 303 38.45 -13.47 -25.48
CA PHE B 303 39.63 -14.31 -25.56
C PHE B 303 40.01 -14.67 -26.99
N TRP B 304 39.13 -14.42 -27.96
CA TRP B 304 39.38 -14.77 -29.36
C TRP B 304 39.65 -13.56 -30.23
N ILE B 305 39.61 -12.36 -29.69
CA ILE B 305 39.87 -11.13 -30.44
C ILE B 305 41.36 -10.81 -30.34
N ASP B 306 41.90 -10.21 -31.40
CA ASP B 306 43.32 -9.87 -31.46
C ASP B 306 43.70 -8.93 -30.33
N ARG B 307 44.82 -9.22 -29.66
CA ARG B 307 45.26 -8.42 -28.52
C ARG B 307 45.68 -7.02 -28.92
N ARG B 308 46.01 -6.79 -30.19
CA ARG B 308 46.46 -5.46 -30.62
C ARG B 308 45.32 -4.46 -30.69
N ALA B 309 44.06 -4.92 -30.70
CA ALA B 309 42.90 -4.02 -30.76
C ALA B 309 42.52 -3.55 -29.36
N VAL B 310 43.36 -2.69 -28.81
CA VAL B 310 43.16 -2.10 -27.48
C VAL B 310 41.83 -1.36 -27.40
N PRO B 311 41.46 -0.51 -28.38
CA PRO B 311 40.15 0.18 -28.28
C PRO B 311 38.95 -0.74 -28.40
N ALA B 312 39.13 -2.04 -28.62
CA ALA B 312 38.04 -2.98 -28.72
C ALA B 312 37.93 -3.89 -27.51
N ARG B 313 39.05 -4.40 -27.02
CA ARG B 313 39.03 -5.34 -25.89
C ARG B 313 38.56 -4.66 -24.61
N VAL B 314 39.02 -3.43 -24.35
CA VAL B 314 38.74 -2.74 -23.09
C VAL B 314 37.26 -2.35 -23.00
N PRO B 315 36.67 -1.67 -24.00
CA PRO B 315 35.24 -1.33 -23.87
C PRO B 315 34.33 -2.54 -23.75
N LEU B 316 34.69 -3.66 -24.39
CA LEU B 316 33.86 -4.86 -24.30
C LEU B 316 33.79 -5.38 -22.87
N GLY B 317 34.94 -5.42 -22.19
CA GLY B 317 35.01 -5.92 -20.84
C GLY B 317 34.24 -5.10 -19.82
N ILE B 318 34.41 -3.78 -19.86
CA ILE B 318 33.77 -2.92 -18.88
C ILE B 318 32.26 -2.87 -19.09
N THR B 319 31.80 -2.91 -20.34
CA THR B 319 30.37 -2.84 -20.61
C THR B 319 29.64 -4.09 -20.13
N THR B 320 30.29 -5.25 -20.20
CA THR B 320 29.67 -6.48 -19.71
C THR B 320 29.44 -6.42 -18.20
N VAL B 321 30.37 -5.81 -17.47
CA VAL B 321 30.18 -5.63 -16.02
C VAL B 321 28.98 -4.75 -15.75
N LEU B 322 28.83 -3.68 -16.54
CA LEU B 322 27.68 -2.80 -16.38
C LEU B 322 26.37 -3.52 -16.65
N THR B 323 26.33 -4.36 -17.69
CA THR B 323 25.11 -5.09 -18.02
C THR B 323 24.75 -6.07 -16.92
N MET B 324 25.76 -6.75 -16.36
CA MET B 324 25.51 -7.70 -15.28
C MET B 324 24.97 -6.99 -14.03
N SER B 325 25.47 -5.79 -13.75
CA SER B 325 25.04 -5.07 -12.56
C SER B 325 23.56 -4.70 -12.63
N THR B 326 23.09 -4.30 -13.81
CA THR B 326 21.68 -3.94 -13.95
C THR B 326 20.77 -5.16 -13.79
N ILE B 327 21.21 -6.34 -14.23
CA ILE B 327 20.40 -7.55 -14.09
C ILE B 327 20.22 -7.89 -12.61
N ILE B 328 21.31 -7.82 -11.84
CA ILE B 328 21.24 -8.16 -10.42
C ILE B 328 20.34 -7.20 -9.67
N THR B 329 20.43 -5.90 -9.99
CA THR B 329 19.59 -4.91 -9.32
C THR B 329 18.12 -5.15 -9.61
N GLY B 330 17.79 -5.49 -10.85
CA GLY B 330 16.39 -5.72 -11.20
C GLY B 330 15.80 -6.94 -10.52
N VAL B 331 16.58 -8.00 -10.37
CA VAL B 331 16.09 -9.22 -9.74
C VAL B 331 15.75 -8.97 -8.27
N ASN B 332 16.61 -8.22 -7.57
CA ASN B 332 16.39 -7.97 -6.15
C ASN B 332 15.09 -7.21 -5.92
N ALA B 333 14.76 -6.26 -6.80
CA ALA B 333 13.55 -5.47 -6.62
C ALA B 333 12.30 -6.33 -6.76
N SER B 334 12.34 -7.35 -7.62
CA SER B 334 11.16 -8.19 -7.85
C SER B 334 10.92 -9.20 -6.72
N MET B 335 11.98 -9.66 -6.07
CA MET B 335 11.87 -10.65 -5.01
C MET B 335 11.39 -9.99 -3.71
N PRO B 336 10.75 -10.75 -2.83
CA PRO B 336 10.31 -10.17 -1.55
C PRO B 336 11.49 -9.76 -0.69
N ARG B 337 11.22 -8.79 0.20
CA ARG B 337 12.26 -8.23 1.07
C ARG B 337 12.63 -9.21 2.19
N VAL B 338 13.30 -10.28 1.79
CA VAL B 338 13.80 -11.29 2.72
C VAL B 338 15.27 -10.95 2.98
N SER B 339 15.59 -10.61 4.22
CA SER B 339 16.90 -10.06 4.54
C SER B 339 17.90 -11.11 5.03
N TYR B 340 18.11 -12.17 4.26
CA TYR B 340 19.23 -13.07 4.50
C TYR B 340 19.58 -13.78 3.20
N ILE B 341 20.76 -14.41 3.20
CA ILE B 341 21.29 -15.02 1.98
C ILE B 341 20.44 -16.20 1.56
N LYS B 342 20.08 -16.24 0.28
CA LYS B 342 19.29 -17.33 -0.29
C LYS B 342 20.13 -18.08 -1.32
N ALA B 343 19.57 -19.18 -1.82
CA ALA B 343 20.29 -19.99 -2.81
C ALA B 343 20.50 -19.22 -4.11
N VAL B 344 19.51 -18.42 -4.53
CA VAL B 344 19.63 -17.68 -5.78
C VAL B 344 20.73 -16.62 -5.71
N ASP B 345 20.89 -16.00 -4.54
CA ASP B 345 21.89 -14.94 -4.41
C ASP B 345 23.31 -15.46 -4.61
N ILE B 346 23.56 -16.70 -4.16
CA ILE B 346 24.90 -17.27 -4.32
C ILE B 346 25.26 -17.44 -5.78
N TYR B 347 24.30 -17.91 -6.59
CA TYR B 347 24.58 -18.15 -8.01
C TYR B 347 24.87 -16.85 -8.75
N LEU B 348 24.12 -15.79 -8.45
CA LEU B 348 24.29 -14.53 -9.18
C LEU B 348 25.64 -13.89 -8.90
N TRP B 349 26.06 -13.87 -7.64
CA TRP B 349 27.29 -13.16 -7.29
C TRP B 349 28.55 -13.92 -7.71
N VAL B 350 28.47 -15.25 -7.78
CA VAL B 350 29.60 -16.02 -8.30
C VAL B 350 29.82 -15.71 -9.77
N SER B 351 28.74 -15.59 -10.54
CA SER B 351 28.85 -15.23 -11.94
C SER B 351 29.43 -13.83 -12.11
N PHE B 352 29.14 -12.93 -11.18
CA PHE B 352 29.69 -11.58 -11.24
C PHE B 352 31.21 -11.60 -11.09
N VAL B 353 31.72 -12.50 -10.23
CA VAL B 353 33.17 -12.61 -10.04
C VAL B 353 33.83 -13.10 -11.33
N PHE B 354 33.19 -14.03 -12.04
CA PHE B 354 33.76 -14.54 -13.28
C PHE B 354 33.90 -13.43 -14.31
N VAL B 355 32.92 -12.54 -14.41
CA VAL B 355 33.01 -11.41 -15.33
C VAL B 355 34.12 -10.46 -14.89
N PHE B 356 34.24 -10.24 -13.59
CA PHE B 356 35.28 -9.34 -13.08
C PHE B 356 36.68 -9.87 -13.38
N LEU B 357 36.88 -11.18 -13.24
CA LEU B 357 38.20 -11.76 -13.46
C LEU B 357 38.63 -11.63 -14.92
N SER B 358 37.68 -11.61 -15.86
CA SER B 358 38.03 -11.50 -17.26
C SER B 358 38.61 -10.13 -17.59
N VAL B 359 38.19 -9.09 -16.87
CA VAL B 359 38.72 -7.75 -17.11
C VAL B 359 40.18 -7.66 -16.68
N LEU B 360 40.52 -8.26 -15.52
CA LEU B 360 41.90 -8.23 -15.07
C LEU B 360 42.79 -9.09 -15.95
N GLU B 361 42.23 -10.08 -16.63
CA GLU B 361 43.03 -10.97 -17.47
C GLU B 361 43.65 -10.21 -18.64
N TYR B 362 42.89 -9.31 -19.27
CA TYR B 362 43.43 -8.54 -20.37
C TYR B 362 44.46 -7.51 -19.90
N ALA B 363 44.31 -7.01 -18.67
CA ALA B 363 45.28 -6.04 -18.15
C ALA B 363 46.66 -6.66 -18.04
N ALA B 364 46.75 -7.92 -17.64
CA ALA B 364 48.03 -8.60 -17.59
C ALA B 364 48.62 -8.78 -18.99
N VAL B 365 47.77 -9.12 -19.97
CA VAL B 365 48.25 -9.30 -21.33
C VAL B 365 48.76 -7.99 -21.91
N ASN B 366 48.02 -6.90 -21.70
CA ASN B 366 48.41 -5.61 -22.26
C ASN B 366 49.72 -5.13 -21.64
N TYR B 367 49.87 -5.26 -20.32
CA TYR B 367 51.07 -4.78 -19.66
C TYR B 367 52.30 -5.56 -20.11
N LEU B 368 52.18 -6.89 -20.20
CA LEU B 368 53.32 -7.71 -20.60
C LEU B 368 53.74 -7.43 -22.04
N THR B 369 52.76 -7.22 -22.92
CA THR B 369 53.08 -6.90 -24.32
C THR B 369 53.83 -5.58 -24.42
N THR B 370 53.40 -4.57 -23.67
CA THR B 370 54.06 -3.26 -23.72
C THR B 370 55.49 -3.36 -23.21
N VAL B 371 55.72 -4.11 -22.13
CA VAL B 371 57.06 -4.25 -21.59
C VAL B 371 58.00 -4.92 -22.59
N GLN B 372 57.51 -5.97 -23.25
CA GLN B 372 58.33 -6.70 -24.22
C GLN B 372 58.72 -5.81 -25.39
N GLU B 373 57.78 -5.02 -25.90
CA GLU B 373 58.09 -4.15 -27.04
C GLU B 373 59.10 -3.09 -26.67
N ARG B 374 58.96 -2.48 -25.49
CA ARG B 374 59.90 -1.46 -25.06
C ARG B 374 61.30 -2.05 -24.85
N LYS B 375 61.36 -3.27 -24.30
CA LYS B 375 62.66 -3.90 -24.06
C LYS B 375 63.41 -4.15 -25.36
N GLU B 376 62.70 -4.61 -26.40
CA GLU B 376 63.35 -4.85 -27.69
C GLU B 376 63.86 -3.55 -28.30
N GLN B 377 63.09 -2.48 -28.20
CA GLN B 377 63.52 -1.19 -28.75
C GLN B 377 64.75 -0.66 -28.03
N LYS B 378 64.80 -0.83 -26.70
CA LYS B 378 65.97 -0.38 -25.94
C LYS B 378 67.21 -1.20 -26.30
N LEU B 379 67.04 -2.50 -26.54
CA LEU B 379 68.18 -3.33 -26.91
C LEU B 379 68.73 -2.96 -28.28
N ARG B 380 67.87 -2.51 -29.19
CA ARG B 380 68.30 -2.12 -30.52
C ARG B 380 68.75 -0.65 -30.55
N ASP B 451 50.94 -13.39 -33.14
CA ASP B 451 51.02 -14.60 -32.34
C ASP B 451 50.17 -14.48 -31.07
N THR B 452 49.47 -15.56 -30.74
CA THR B 452 48.62 -15.57 -29.55
C THR B 452 49.47 -15.67 -28.29
N HIS B 453 49.17 -14.84 -27.30
CA HIS B 453 49.92 -14.85 -26.06
C HIS B 453 49.61 -16.12 -25.27
N ALA B 454 50.56 -16.51 -24.41
CA ALA B 454 50.40 -17.74 -23.65
C ALA B 454 49.22 -17.66 -22.69
N ILE B 455 48.97 -16.48 -22.11
CA ILE B 455 47.85 -16.33 -21.17
C ILE B 455 46.52 -16.55 -21.89
N ASP B 456 46.39 -16.03 -23.11
CA ASP B 456 45.15 -16.20 -23.86
C ASP B 456 44.90 -17.66 -24.19
N LYS B 457 45.95 -18.41 -24.52
CA LYS B 457 45.77 -19.81 -24.89
C LYS B 457 45.20 -20.63 -23.74
N TYR B 458 45.71 -20.42 -22.52
CA TYR B 458 45.23 -21.18 -21.38
C TYR B 458 43.87 -20.69 -20.90
N SER B 459 43.60 -19.39 -21.03
CA SER B 459 42.32 -18.86 -20.58
C SER B 459 41.16 -19.45 -21.37
N ARG B 460 41.42 -19.85 -22.63
CA ARG B 460 40.36 -20.45 -23.44
C ARG B 460 39.92 -21.79 -22.90
N ILE B 461 40.75 -22.44 -22.08
CA ILE B 461 40.46 -23.77 -21.54
C ILE B 461 40.08 -23.69 -20.07
N ILE B 462 40.84 -22.92 -19.27
CA ILE B 462 40.63 -22.89 -17.84
C ILE B 462 39.28 -22.27 -17.49
N PHE B 463 38.94 -21.15 -18.12
CA PHE B 463 37.69 -20.46 -17.79
C PHE B 463 36.45 -21.30 -18.07
N PRO B 464 36.29 -21.91 -19.26
CA PRO B 464 35.11 -22.78 -19.44
C PRO B 464 35.10 -23.99 -18.51
N ALA B 465 36.26 -24.55 -18.20
CA ALA B 465 36.32 -25.72 -17.33
C ALA B 465 35.91 -25.37 -15.90
N ALA B 466 36.35 -24.21 -15.40
CA ALA B 466 36.04 -23.82 -14.04
C ALA B 466 34.54 -23.60 -13.85
N TYR B 467 33.88 -22.99 -14.84
CA TYR B 467 32.46 -22.69 -14.70
C TYR B 467 31.61 -23.96 -14.69
N ILE B 468 31.97 -24.95 -15.51
CA ILE B 468 31.23 -26.20 -15.52
C ILE B 468 31.39 -26.93 -14.19
N LEU B 469 32.59 -26.89 -13.61
CA LEU B 469 32.81 -27.52 -12.31
C LEU B 469 31.96 -26.87 -11.23
N PHE B 470 31.79 -25.55 -11.30
CA PHE B 470 30.95 -24.85 -10.31
C PHE B 470 29.51 -25.30 -10.41
N ASN B 471 29.00 -25.48 -11.63
CA ASN B 471 27.60 -25.88 -11.81
C ASN B 471 27.35 -27.27 -11.24
N LEU B 472 28.29 -28.20 -11.44
CA LEU B 472 28.11 -29.55 -10.92
C LEU B 472 28.03 -29.56 -9.41
N ILE B 473 28.89 -28.78 -8.74
CA ILE B 473 28.86 -28.72 -7.28
C ILE B 473 27.60 -28.00 -6.80
N TYR B 474 27.23 -26.90 -7.46
CA TYR B 474 26.09 -26.12 -7.02
C TYR B 474 24.79 -26.91 -7.12
N TRP B 475 24.58 -27.60 -8.24
CA TRP B 475 23.35 -28.34 -8.44
C TRP B 475 23.31 -29.66 -7.68
N SER B 476 24.45 -30.17 -7.24
CA SER B 476 24.45 -31.38 -6.43
C SER B 476 24.02 -31.11 -5.00
N ILE B 477 24.27 -29.91 -4.50
CA ILE B 477 23.90 -29.57 -3.12
C ILE B 477 22.44 -29.16 -3.04
N PHE B 478 22.01 -28.28 -3.94
CA PHE B 478 20.66 -27.74 -3.92
C PHE B 478 19.69 -28.55 -4.77
N SER B 479 20.01 -29.82 -5.04
CA SER B 479 19.12 -30.72 -5.78
C SER B 479 18.69 -30.15 -7.13
N SER C 75 -26.56 -20.01 38.44
CA SER C 75 -25.22 -19.49 38.68
C SER C 75 -25.28 -18.01 39.05
N GLU C 76 -26.30 -17.32 38.54
CA GLU C 76 -26.49 -15.90 38.82
C GLU C 76 -27.26 -15.66 40.11
N GLN C 77 -27.62 -16.72 40.83
CA GLN C 77 -28.30 -16.61 42.12
C GLN C 77 -27.45 -17.00 43.31
N LEU C 78 -26.47 -17.89 43.12
CA LEU C 78 -25.48 -18.13 44.17
C LEU C 78 -24.65 -16.88 44.44
N LEU C 79 -24.23 -16.20 43.37
CA LEU C 79 -23.55 -14.94 43.51
C LEU C 79 -24.57 -13.82 43.69
N ARG C 80 -24.35 -12.98 44.70
CA ARG C 80 -25.27 -11.88 44.99
C ARG C 80 -25.00 -10.69 44.06
N ILE C 81 -25.32 -10.89 42.79
CA ILE C 81 -25.09 -9.85 41.79
C ILE C 81 -25.99 -8.65 42.04
N ASP C 82 -27.28 -8.89 42.30
CA ASP C 82 -28.22 -7.80 42.47
C ASP C 82 -28.19 -7.19 43.87
N ASP C 83 -27.56 -7.86 44.83
CA ASP C 83 -27.54 -7.37 46.21
C ASP C 83 -26.34 -6.50 46.53
N HIS C 84 -25.43 -6.28 45.58
CA HIS C 84 -24.23 -5.49 45.82
C HIS C 84 -24.05 -4.45 44.73
N ASP C 85 -23.44 -3.34 45.10
CA ASP C 85 -23.12 -2.26 44.16
C ASP C 85 -21.72 -2.51 43.61
N PHE C 86 -21.66 -2.97 42.37
CA PHE C 86 -20.40 -3.34 41.73
C PHE C 86 -19.73 -2.18 41.00
N SER C 87 -20.25 -0.96 41.13
CA SER C 87 -19.60 0.20 40.56
C SER C 87 -18.47 0.73 41.42
N MET C 88 -18.27 0.18 42.61
CA MET C 88 -17.20 0.58 43.52
C MET C 88 -16.25 -0.58 43.73
N ARG C 89 -14.96 -0.26 43.84
CA ARG C 89 -13.94 -1.28 44.03
C ARG C 89 -14.09 -1.92 45.40
N PRO C 90 -13.64 -3.18 45.55
CA PRO C 90 -13.65 -3.82 46.87
C PRO C 90 -12.82 -3.04 47.87
N GLY C 91 -13.28 -3.00 49.11
CA GLY C 91 -12.61 -2.21 50.11
C GLY C 91 -12.67 -0.72 49.89
N PHE C 92 -13.78 -0.21 49.36
CA PHE C 92 -13.92 1.21 49.10
C PHE C 92 -13.77 2.02 50.39
N GLY C 93 -13.00 3.09 50.30
CA GLY C 93 -12.72 3.93 51.46
C GLY C 93 -11.63 3.41 52.37
N GLY C 94 -11.00 2.28 52.04
CA GLY C 94 -9.98 1.71 52.89
C GLY C 94 -8.66 1.53 52.16
N PRO C 95 -7.90 0.51 52.56
CA PRO C 95 -6.60 0.27 51.92
C PRO C 95 -6.73 -0.14 50.47
N ALA C 96 -5.65 0.05 49.72
CA ALA C 96 -5.63 -0.29 48.31
C ALA C 96 -5.72 -1.80 48.12
N ILE C 97 -6.39 -2.22 47.05
CA ILE C 97 -6.55 -3.64 46.76
C ILE C 97 -5.39 -4.09 45.87
N PRO C 98 -4.62 -5.11 46.26
CA PRO C 98 -3.51 -5.58 45.42
C PRO C 98 -4.01 -6.44 44.28
N VAL C 99 -3.44 -6.23 43.09
CA VAL C 99 -3.79 -6.98 41.89
C VAL C 99 -2.51 -7.51 41.28
N GLY C 100 -2.49 -8.81 40.98
CA GLY C 100 -1.35 -9.45 40.35
C GLY C 100 -1.57 -9.65 38.86
N VAL C 101 -0.47 -9.66 38.10
CA VAL C 101 -0.52 -9.76 36.65
C VAL C 101 0.44 -10.85 36.18
N ASP C 102 -0.04 -11.68 35.26
CA ASP C 102 0.79 -12.66 34.56
C ASP C 102 0.66 -12.44 33.06
N VAL C 103 1.76 -12.61 32.35
CA VAL C 103 1.84 -12.33 30.92
C VAL C 103 2.51 -13.50 30.22
N GLN C 104 1.90 -13.97 29.13
CA GLN C 104 2.51 -14.94 28.24
C GLN C 104 2.50 -14.39 26.82
N VAL C 105 3.67 -14.28 26.21
CA VAL C 105 3.81 -13.73 24.87
C VAL C 105 3.60 -14.84 23.86
N GLU C 106 2.73 -14.61 22.89
CA GLU C 106 2.42 -15.63 21.89
C GLU C 106 3.28 -15.51 20.65
N SER C 107 3.31 -14.33 20.03
CA SER C 107 4.11 -14.14 18.83
C SER C 107 4.27 -12.65 18.56
N LEU C 108 5.29 -12.32 17.75
CA LEU C 108 5.50 -10.98 17.24
C LEU C 108 5.10 -10.97 15.77
N ASP C 109 4.24 -10.04 15.39
CA ASP C 109 3.64 -10.04 14.06
C ASP C 109 4.48 -9.29 13.02
N SER C 110 4.86 -8.05 13.29
CA SER C 110 5.59 -7.26 12.30
C SER C 110 6.27 -6.10 13.02
N ILE C 111 7.22 -5.48 12.33
CA ILE C 111 7.93 -4.31 12.83
C ILE C 111 8.10 -3.34 11.69
N SER C 112 7.89 -2.05 11.97
CA SER C 112 7.97 -0.99 10.98
C SER C 112 9.12 -0.06 11.33
N GLU C 113 10.04 0.14 10.38
CA GLU C 113 11.19 1.01 10.61
C GLU C 113 10.91 2.46 10.26
N VAL C 114 9.86 2.73 9.48
CA VAL C 114 9.52 4.11 9.13
C VAL C 114 8.64 4.73 10.19
N ASP C 115 7.58 4.02 10.61
CA ASP C 115 6.68 4.50 11.65
C ASP C 115 7.19 4.21 13.06
N MET C 116 8.22 3.36 13.19
CA MET C 116 8.84 3.05 14.47
C MET C 116 7.83 2.48 15.48
N ASP C 117 7.30 1.31 15.14
CA ASP C 117 6.39 0.60 16.02
C ASP C 117 6.48 -0.90 15.75
N PHE C 118 5.97 -1.68 16.71
CA PHE C 118 5.94 -3.13 16.60
C PHE C 118 4.60 -3.64 17.08
N THR C 119 4.24 -4.84 16.63
CA THR C 119 2.97 -5.47 16.98
C THR C 119 3.23 -6.76 17.75
N MET C 120 2.52 -6.94 18.85
CA MET C 120 2.68 -8.10 19.72
C MET C 120 1.32 -8.66 20.10
N THR C 121 1.25 -9.99 20.22
CA THR C 121 0.05 -10.70 20.67
C THR C 121 0.41 -11.47 21.92
N LEU C 122 -0.46 -11.39 22.94
CA LEU C 122 -0.13 -11.94 24.24
C LEU C 122 -1.40 -12.30 25.00
N TYR C 123 -1.23 -13.09 26.05
CA TYR C 123 -2.29 -13.43 26.99
C TYR C 123 -2.08 -12.61 28.26
N LEU C 124 -3.15 -11.98 28.75
CA LEU C 124 -3.09 -11.16 29.95
C LEU C 124 -4.01 -11.74 31.01
N ARG C 125 -3.47 -11.92 32.22
CA ARG C 125 -4.20 -12.52 33.33
C ARG C 125 -4.14 -11.61 34.55
N HIS C 126 -5.22 -11.57 35.32
CA HIS C 126 -5.31 -10.78 36.53
C HIS C 126 -5.71 -11.66 37.70
N TYR C 127 -5.23 -11.32 38.89
CA TYR C 127 -5.54 -12.04 40.11
C TYR C 127 -5.91 -11.05 41.20
N TRP C 128 -7.08 -11.25 41.82
CA TRP C 128 -7.49 -10.43 42.95
C TRP C 128 -8.58 -11.18 43.72
N LYS C 129 -8.90 -10.68 44.91
CA LYS C 129 -9.88 -11.30 45.78
C LYS C 129 -11.03 -10.34 46.02
N ASP C 130 -12.26 -10.86 45.97
CA ASP C 130 -13.47 -10.08 46.19
C ASP C 130 -14.44 -10.93 46.99
N GLU C 131 -14.68 -10.56 48.24
CA GLU C 131 -15.55 -11.35 49.11
C GLU C 131 -17.01 -11.30 48.67
N ARG C 132 -17.39 -10.31 47.86
CA ARG C 132 -18.78 -10.19 47.44
C ARG C 132 -19.19 -11.28 46.46
N LEU C 133 -18.23 -11.99 45.88
CA LEU C 133 -18.51 -13.05 44.91
C LEU C 133 -18.44 -14.45 45.51
N SER C 134 -18.33 -14.55 46.83
CA SER C 134 -18.28 -15.85 47.48
C SER C 134 -19.64 -16.55 47.38
N PHE C 135 -19.58 -17.88 47.25
CA PHE C 135 -20.78 -18.69 47.16
C PHE C 135 -20.58 -19.94 48.02
N PRO C 136 -21.65 -20.49 48.59
CA PRO C 136 -21.51 -21.70 49.41
C PRO C 136 -21.29 -22.92 48.54
N SER C 137 -20.36 -23.77 48.95
CA SER C 137 -20.08 -25.01 48.23
C SER C 137 -19.55 -26.05 49.21
N THR C 138 -19.89 -27.31 48.94
CA THR C 138 -19.42 -28.40 49.79
C THR C 138 -18.03 -28.87 49.43
N ASN C 139 -17.45 -28.35 48.34
CA ASN C 139 -16.12 -28.74 47.91
C ASN C 139 -15.42 -27.51 47.34
N ASN C 140 -14.17 -27.71 46.90
CA ASN C 140 -13.36 -26.64 46.32
C ASN C 140 -13.56 -26.49 44.82
N LEU C 141 -14.67 -26.96 44.28
CA LEU C 141 -14.92 -26.88 42.84
C LEU C 141 -15.24 -25.44 42.46
N SER C 142 -14.41 -24.84 41.62
CA SER C 142 -14.63 -23.47 41.17
C SER C 142 -15.52 -23.45 39.94
N MET C 143 -16.25 -22.35 39.80
CA MET C 143 -17.15 -22.17 38.66
C MET C 143 -16.45 -21.40 37.55
N THR C 144 -16.92 -21.62 36.31
CA THR C 144 -16.38 -20.98 35.13
C THR C 144 -17.50 -20.22 34.43
N PHE C 145 -17.19 -19.01 33.97
CA PHE C 145 -18.17 -18.15 33.32
C PHE C 145 -17.60 -17.64 32.02
N ASP C 146 -18.34 -16.72 31.39
CA ASP C 146 -17.95 -16.16 30.10
C ASP C 146 -17.88 -14.65 30.16
N GLY C 147 -17.75 -14.00 28.99
CA GLY C 147 -17.66 -12.56 28.93
C GLY C 147 -18.94 -11.83 29.28
N ARG C 148 -20.07 -12.53 29.30
CA ARG C 148 -21.33 -11.87 29.63
C ARG C 148 -21.38 -11.44 31.10
N LEU C 149 -20.75 -12.20 31.99
CA LEU C 149 -20.75 -11.86 33.40
C LEU C 149 -19.83 -10.67 33.70
N VAL C 150 -18.88 -10.38 32.81
CA VAL C 150 -17.92 -9.31 33.05
C VAL C 150 -18.62 -7.96 33.15
N LYS C 151 -19.68 -7.76 32.37
CA LYS C 151 -20.37 -6.47 32.37
C LYS C 151 -21.10 -6.19 33.68
N LYS C 152 -21.23 -7.19 34.56
CA LYS C 152 -21.92 -7.02 35.83
C LYS C 152 -20.97 -6.85 37.01
N ILE C 153 -19.91 -7.67 37.09
CA ILE C 153 -18.98 -7.62 38.21
C ILE C 153 -17.92 -6.55 37.94
N TRP C 154 -17.21 -6.14 38.99
CA TRP C 154 -16.15 -5.16 38.85
C TRP C 154 -14.85 -5.82 38.41
N VAL C 155 -14.18 -5.20 37.45
CA VAL C 155 -12.94 -5.75 36.89
C VAL C 155 -11.92 -4.63 36.74
N PRO C 156 -10.63 -4.97 36.80
CA PRO C 156 -9.60 -3.95 36.62
C PRO C 156 -9.60 -3.37 35.21
N ASP C 157 -9.02 -2.18 35.08
CA ASP C 157 -9.07 -1.43 33.84
C ASP C 157 -7.68 -1.14 33.29
N MET C 158 -6.82 -2.15 33.27
CA MET C 158 -5.45 -1.98 32.78
C MET C 158 -5.45 -1.58 31.31
N PHE C 159 -4.55 -0.66 30.95
CA PHE C 159 -4.39 -0.23 29.57
C PHE C 159 -2.91 -0.11 29.25
N PHE C 160 -2.59 -0.17 27.96
CA PHE C 160 -1.21 -0.16 27.49
C PHE C 160 -0.83 1.27 27.13
N VAL C 161 0.21 1.79 27.78
CA VAL C 161 0.64 3.16 27.56
C VAL C 161 1.42 3.26 26.26
N HIS C 162 1.34 4.42 25.61
CA HIS C 162 2.06 4.72 24.37
C HIS C 162 1.67 3.78 23.22
N SER C 163 0.48 3.18 23.29
CA SER C 163 0.02 2.29 22.23
C SER C 163 -0.70 3.09 21.16
N LYS C 164 -0.57 2.65 19.91
CA LYS C 164 -1.24 3.31 18.79
C LYS C 164 -2.61 2.70 18.50
N ARG C 165 -2.72 1.38 18.49
CA ARG C 165 -4.00 0.73 18.25
C ARG C 165 -3.96 -0.66 18.88
N SER C 166 -5.14 -1.14 19.28
CA SER C 166 -5.25 -2.45 19.89
C SER C 166 -6.71 -2.91 19.81
N PHE C 167 -6.90 -4.22 19.89
CA PHE C 167 -8.23 -4.80 19.83
C PHE C 167 -8.21 -6.17 20.48
N ILE C 168 -9.39 -6.64 20.88
CA ILE C 168 -9.58 -7.95 21.49
C ILE C 168 -10.27 -8.86 20.48
N HIS C 169 -9.73 -10.06 20.29
CA HIS C 169 -10.31 -10.99 19.34
C HIS C 169 -11.68 -11.46 19.79
N ASP C 170 -12.56 -11.73 18.82
CA ASP C 170 -13.93 -12.12 19.13
C ASP C 170 -14.43 -13.27 18.26
N THR C 171 -13.54 -14.17 17.84
CA THR C 171 -13.92 -15.31 17.01
C THR C 171 -13.58 -16.60 17.74
N THR C 172 -14.56 -17.48 17.90
CA THR C 172 -15.92 -17.27 17.40
C THR C 172 -16.74 -16.48 18.41
N THR C 173 -16.16 -16.23 19.58
CA THR C 173 -16.78 -15.41 20.60
C THR C 173 -15.68 -14.65 21.32
N ASP C 174 -16.07 -13.81 22.27
CA ASP C 174 -15.09 -13.04 23.02
C ASP C 174 -14.14 -13.95 23.77
N ASN C 175 -12.85 -13.68 23.65
CA ASN C 175 -11.81 -14.49 24.28
C ASN C 175 -11.59 -14.00 25.71
N VAL C 176 -12.58 -14.27 26.54
CA VAL C 176 -12.56 -13.89 27.95
C VAL C 176 -13.03 -15.08 28.79
N MET C 177 -12.35 -15.32 29.91
CA MET C 177 -12.73 -16.38 30.83
C MET C 177 -12.76 -15.82 32.24
N LEU C 178 -13.59 -16.43 33.08
CA LEU C 178 -13.68 -16.09 34.49
C LEU C 178 -13.76 -17.36 35.33
N ARG C 179 -12.94 -17.42 36.37
CA ARG C 179 -12.97 -18.52 37.33
C ARG C 179 -13.05 -17.94 38.72
N VAL C 180 -14.05 -18.38 39.49
CA VAL C 180 -14.31 -17.85 40.82
C VAL C 180 -14.18 -18.98 41.83
N GLN C 181 -13.30 -18.81 42.80
CA GLN C 181 -13.15 -19.75 43.90
C GLN C 181 -14.31 -19.61 44.88
N PRO C 182 -14.57 -20.64 45.68
CA PRO C 182 -15.64 -20.53 46.68
C PRO C 182 -15.44 -19.40 47.67
N ASP C 183 -14.19 -19.09 48.03
CA ASP C 183 -13.92 -18.02 48.99
C ASP C 183 -13.84 -16.65 48.34
N GLY C 184 -14.00 -16.55 47.02
CA GLY C 184 -14.06 -15.27 46.35
C GLY C 184 -12.84 -14.90 45.52
N LYS C 185 -11.85 -15.77 45.41
CA LYS C 185 -10.71 -15.50 44.56
C LYS C 185 -11.12 -15.59 43.09
N VAL C 186 -10.67 -14.62 42.29
CA VAL C 186 -11.11 -14.46 40.92
C VAL C 186 -9.90 -14.48 39.98
N LEU C 187 -10.01 -15.23 38.90
CA LEU C 187 -9.02 -15.23 37.82
C LEU C 187 -9.67 -14.68 36.56
N TYR C 188 -9.03 -13.68 35.96
CA TYR C 188 -9.56 -13.00 34.78
C TYR C 188 -8.49 -13.01 33.70
N SER C 189 -8.82 -13.57 32.53
CA SER C 189 -7.88 -13.74 31.44
C SER C 189 -8.51 -13.28 30.13
N LEU C 190 -7.68 -12.72 29.25
CA LEU C 190 -8.15 -12.27 27.94
C LEU C 190 -6.97 -12.27 26.97
N ARG C 191 -7.30 -12.35 25.68
CA ARG C 191 -6.31 -12.38 24.61
C ARG C 191 -6.44 -11.10 23.79
N VAL C 192 -5.32 -10.39 23.64
CA VAL C 192 -5.34 -9.05 23.06
C VAL C 192 -4.08 -8.84 22.21
N THR C 193 -4.24 -8.11 21.12
CA THR C 193 -3.14 -7.71 20.25
C THR C 193 -2.95 -6.20 20.35
N VAL C 194 -1.70 -5.78 20.57
CA VAL C 194 -1.39 -4.39 20.85
C VAL C 194 -0.20 -3.95 19.99
N THR C 195 -0.28 -2.72 19.48
CA THR C 195 0.80 -2.09 18.74
C THR C 195 1.32 -0.92 19.55
N ALA C 196 2.64 -0.86 19.75
CA ALA C 196 3.26 0.14 20.58
C ALA C 196 4.42 0.81 19.85
N MET C 197 4.63 2.08 20.16
CA MET C 197 5.70 2.84 19.53
C MET C 197 7.05 2.51 20.17
N CYS C 198 8.12 2.74 19.42
CA CYS C 198 9.48 2.50 19.90
C CYS C 198 10.43 3.37 19.12
N ASN C 199 11.14 4.26 19.82
CA ASN C 199 12.12 5.12 19.18
C ASN C 199 13.33 4.30 18.74
N MET C 200 13.78 4.52 17.51
CA MET C 200 14.91 3.80 16.94
C MET C 200 15.93 4.78 16.39
N ASP C 201 17.21 4.41 16.46
CA ASP C 201 18.30 5.19 15.93
C ASP C 201 19.00 4.38 14.85
N PHE C 202 19.12 4.97 13.66
CA PHE C 202 19.72 4.30 12.50
C PHE C 202 21.07 4.87 12.12
N SER C 203 21.75 5.58 13.03
CA SER C 203 23.04 6.17 12.72
C SER C 203 24.09 5.10 12.40
N ARG C 204 24.03 3.97 13.09
CA ARG C 204 25.00 2.89 12.90
C ARG C 204 24.50 1.77 12.00
N PHE C 205 23.51 2.06 11.14
CA PHE C 205 23.00 1.05 10.22
C PHE C 205 24.13 0.59 9.29
N PRO C 206 24.21 -0.71 8.96
CA PRO C 206 23.34 -1.80 9.39
C PRO C 206 23.81 -2.54 10.64
N LEU C 207 24.72 -1.93 11.41
CA LEU C 207 25.26 -2.55 12.62
C LEU C 207 24.55 -2.07 13.88
N ASP C 208 23.38 -1.43 13.74
CA ASP C 208 22.70 -0.87 14.89
C ASP C 208 22.04 -1.96 15.73
N THR C 209 21.82 -1.65 17.00
CA THR C 209 21.11 -2.52 17.93
C THR C 209 19.98 -1.72 18.57
N GLN C 210 18.78 -2.30 18.56
CA GLN C 210 17.58 -1.60 19.02
C GLN C 210 17.02 -2.28 20.25
N THR C 211 16.44 -1.46 21.14
CA THR C 211 15.80 -1.93 22.36
C THR C 211 14.36 -1.45 22.38
N CYS C 212 13.45 -2.31 22.83
CA CYS C 212 12.03 -2.00 22.84
C CYS C 212 11.46 -2.33 24.21
N SER C 213 10.31 -1.73 24.53
CA SER C 213 9.65 -1.97 25.80
C SER C 213 8.14 -1.87 25.63
N LEU C 214 7.43 -2.59 26.47
CA LEU C 214 5.97 -2.56 26.53
C LEU C 214 5.54 -2.20 27.95
N GLU C 215 4.56 -1.31 28.07
CA GLU C 215 4.18 -0.75 29.36
C GLU C 215 2.71 -1.02 29.64
N ILE C 216 2.42 -1.41 30.89
CA ILE C 216 1.07 -1.69 31.35
C ILE C 216 0.81 -0.83 32.58
N GLU C 217 -0.35 -0.16 32.63
CA GLU C 217 -0.65 0.75 33.71
C GLU C 217 -2.16 0.83 33.91
N SER C 218 -2.56 1.09 35.16
CA SER C 218 -3.96 1.34 35.48
C SER C 218 -4.36 2.74 35.06
N TYR C 219 -5.60 2.88 34.57
CA TYR C 219 -6.01 4.16 34.01
C TYR C 219 -6.56 5.09 35.09
N ALA C 220 -7.60 4.67 35.82
CA ALA C 220 -8.35 5.56 36.67
C ALA C 220 -7.94 5.52 38.14
N TYR C 221 -7.38 4.41 38.62
CA TYR C 221 -7.08 4.23 40.03
C TYR C 221 -5.60 4.48 40.29
N THR C 222 -5.30 5.38 41.22
CA THR C 222 -3.92 5.68 41.58
C THR C 222 -3.37 4.62 42.53
N GLU C 223 -2.13 4.85 42.97
CA GLU C 223 -1.50 3.90 43.90
C GLU C 223 -2.19 3.86 45.25
N ASP C 224 -2.95 4.90 45.59
CA ASP C 224 -3.68 4.92 46.86
C ASP C 224 -4.91 4.03 46.84
N ASP C 225 -5.38 3.61 45.66
CA ASP C 225 -6.56 2.77 45.54
C ASP C 225 -6.28 1.40 44.94
N LEU C 226 -5.31 1.29 44.03
CA LEU C 226 -4.99 0.01 43.40
C LEU C 226 -3.48 -0.16 43.39
N MET C 227 -3.02 -1.33 43.82
CA MET C 227 -1.61 -1.66 43.86
C MET C 227 -1.33 -2.77 42.86
N LEU C 228 -0.42 -2.52 41.93
CA LEU C 228 -0.14 -3.42 40.81
C LEU C 228 1.27 -3.98 40.94
N TYR C 229 1.41 -5.29 40.77
CA TYR C 229 2.71 -5.94 40.91
C TYR C 229 2.70 -7.26 40.15
N TRP C 230 3.90 -7.75 39.83
CA TRP C 230 4.03 -9.07 39.23
C TRP C 230 3.79 -10.14 40.29
N LYS C 231 2.93 -11.12 39.96
CA LYS C 231 2.53 -12.10 40.95
C LYS C 231 3.69 -12.99 41.38
N LYS C 232 4.54 -13.40 40.45
CA LYS C 232 5.64 -14.33 40.75
C LYS C 232 7.00 -13.75 40.38
N GLY C 233 7.14 -12.42 40.39
CA GLY C 233 8.43 -11.82 40.09
C GLY C 233 8.82 -12.02 38.63
N ASN C 234 10.08 -12.35 38.41
CA ASN C 234 10.60 -12.52 37.06
C ASN C 234 10.11 -13.81 36.39
N ASP C 235 9.48 -14.71 37.15
CA ASP C 235 8.93 -15.93 36.57
C ASP C 235 7.57 -15.73 35.95
N SER C 236 6.99 -14.53 36.05
CA SER C 236 5.65 -14.26 35.54
C SER C 236 5.60 -14.08 34.04
N LEU C 237 6.74 -14.02 33.36
CA LEU C 237 6.81 -13.81 31.93
C LEU C 237 7.18 -15.11 31.22
N LYS C 238 6.35 -15.53 30.27
CA LYS C 238 6.60 -16.71 29.47
C LYS C 238 6.57 -16.35 27.99
N THR C 239 7.36 -17.06 27.20
CA THR C 239 7.47 -16.80 25.77
C THR C 239 7.28 -18.10 25.00
N ASP C 240 6.61 -17.99 23.85
CA ASP C 240 6.45 -19.14 22.98
C ASP C 240 7.79 -19.55 22.39
N GLU C 241 7.94 -20.86 22.15
CA GLU C 241 9.20 -21.37 21.61
C GLU C 241 9.37 -21.06 20.13
N ARG C 242 8.30 -20.68 19.44
CA ARG C 242 8.34 -20.49 17.99
C ARG C 242 8.31 -19.02 17.59
N ILE C 243 8.55 -18.11 18.52
CA ILE C 243 8.54 -16.68 18.19
C ILE C 243 9.79 -16.34 17.38
N SER C 244 9.59 -15.66 16.26
CA SER C 244 10.71 -15.31 15.39
C SER C 244 10.31 -14.14 14.50
N LEU C 245 11.31 -13.50 13.91
CA LEU C 245 11.13 -12.41 12.96
C LEU C 245 11.90 -12.71 11.68
N SER C 246 11.39 -12.15 10.57
CA SER C 246 12.01 -12.42 9.28
C SER C 246 13.39 -11.81 9.15
N GLN C 247 13.59 -10.59 9.67
CA GLN C 247 14.85 -9.89 9.49
C GLN C 247 15.49 -9.42 10.79
N PHE C 248 15.02 -9.90 11.95
CA PHE C 248 15.58 -9.50 13.22
C PHE C 248 15.77 -10.73 14.11
N LEU C 249 16.67 -10.59 15.08
CA LEU C 249 16.91 -11.62 16.09
C LEU C 249 16.46 -11.09 17.45
N ILE C 250 15.65 -11.88 18.15
CA ILE C 250 15.01 -11.46 19.40
C ILE C 250 15.69 -12.19 20.55
N GLN C 251 16.02 -11.45 21.61
CA GLN C 251 16.71 -12.02 22.75
C GLN C 251 16.51 -11.12 23.97
N GLU C 252 16.88 -11.65 25.14
CA GLU C 252 16.95 -10.88 26.38
C GLU C 252 15.58 -10.37 26.82
N PHE C 253 14.65 -11.30 27.06
CA PHE C 253 13.38 -10.94 27.66
C PHE C 253 13.49 -10.85 29.17
N HIS C 254 13.09 -9.70 29.73
CA HIS C 254 13.07 -9.53 31.18
C HIS C 254 12.07 -8.45 31.53
N THR C 255 11.67 -8.43 32.80
CA THR C 255 10.63 -7.53 33.29
C THR C 255 11.17 -6.61 34.38
N THR C 256 10.65 -5.39 34.43
CA THR C 256 11.01 -4.40 35.43
C THR C 256 9.77 -3.60 35.81
N THR C 257 9.89 -2.84 36.90
CA THR C 257 8.79 -2.03 37.41
C THR C 257 9.30 -0.63 37.72
N LYS C 258 8.40 0.35 37.65
CA LYS C 258 8.75 1.74 37.94
C LYS C 258 7.47 2.50 38.26
N LEU C 259 7.63 3.62 38.96
CA LEU C 259 6.53 4.50 39.32
C LEU C 259 6.46 5.67 38.35
N ALA C 260 5.24 6.00 37.92
CA ALA C 260 5.00 7.12 37.02
C ALA C 260 4.19 8.20 37.75
N PHE C 261 4.47 9.45 37.40
CA PHE C 261 3.82 10.59 38.03
C PHE C 261 3.12 11.44 36.98
N TYR C 262 1.90 11.85 37.27
CA TYR C 262 1.14 12.78 36.44
C TYR C 262 0.86 14.02 37.28
N SER C 263 1.08 15.20 36.69
CA SER C 263 0.97 16.43 37.44
C SER C 263 -0.45 16.68 37.93
N SER C 264 -1.45 16.40 37.09
CA SER C 264 -2.83 16.74 37.45
C SER C 264 -3.61 15.57 38.05
N THR C 265 -3.02 14.38 38.12
CA THR C 265 -3.78 13.24 38.63
C THR C 265 -3.11 12.54 39.80
N GLY C 266 -1.78 12.41 39.78
CA GLY C 266 -1.08 11.79 40.89
C GLY C 266 -0.10 10.74 40.40
N TRP C 267 0.16 9.75 41.25
CA TRP C 267 1.14 8.71 41.02
C TRP C 267 0.48 7.42 40.56
N TYR C 268 1.19 6.64 39.75
CA TYR C 268 0.70 5.38 39.23
C TYR C 268 1.83 4.35 39.19
N ASN C 269 1.47 3.08 39.39
CA ASN C 269 2.42 1.99 39.20
C ASN C 269 2.44 1.57 37.75
N ARG C 270 3.63 1.26 37.24
CA ARG C 270 3.81 0.88 35.84
C ARG C 270 4.69 -0.35 35.74
N LEU C 271 4.37 -1.22 34.77
CA LEU C 271 5.10 -2.45 34.53
C LEU C 271 5.75 -2.41 33.16
N TYR C 272 6.87 -3.11 33.02
CA TYR C 272 7.66 -3.08 31.79
C TYR C 272 8.01 -4.49 31.33
N ILE C 273 8.05 -4.68 30.01
CA ILE C 273 8.57 -5.87 29.37
C ILE C 273 9.60 -5.44 28.33
N ASN C 274 10.81 -5.97 28.42
CA ASN C 274 11.92 -5.51 27.61
C ASN C 274 12.50 -6.64 26.77
N PHE C 275 13.03 -6.28 25.60
CA PHE C 275 13.72 -7.21 24.73
C PHE C 275 14.62 -6.43 23.79
N THR C 276 15.51 -7.15 23.11
CA THR C 276 16.52 -6.55 22.23
C THR C 276 16.44 -7.18 20.84
N LEU C 277 16.79 -6.39 19.83
CA LEU C 277 16.72 -6.82 18.44
C LEU C 277 18.07 -6.61 17.76
N ARG C 278 18.43 -7.53 16.87
CA ARG C 278 19.67 -7.45 16.10
C ARG C 278 19.41 -7.86 14.66
N ARG C 279 20.31 -7.45 13.77
CA ARG C 279 20.17 -7.70 12.35
C ARG C 279 21.11 -8.81 11.89
N HIS C 280 20.96 -9.20 10.62
CA HIS C 280 21.88 -10.13 9.96
C HIS C 280 22.95 -9.31 9.25
N ILE C 281 24.17 -9.34 9.78
CA ILE C 281 25.23 -8.48 9.26
C ILE C 281 25.69 -8.94 7.89
N PHE C 282 25.85 -10.26 7.70
CA PHE C 282 26.52 -10.77 6.51
C PHE C 282 25.74 -10.49 5.23
N PHE C 283 24.42 -10.33 5.32
CA PHE C 283 23.63 -10.07 4.12
C PHE C 283 23.96 -8.69 3.55
N PHE C 284 24.05 -7.68 4.41
CA PHE C 284 24.27 -6.32 3.93
C PHE C 284 25.69 -6.13 3.40
N LEU C 285 26.66 -6.86 3.95
CA LEU C 285 28.04 -6.75 3.46
C LEU C 285 28.14 -7.21 2.00
N LEU C 286 27.46 -8.30 1.67
CA LEU C 286 27.53 -8.83 0.31
C LEU C 286 26.82 -7.91 -0.68
N GLN C 287 25.67 -7.37 -0.30
CA GLN C 287 24.86 -6.57 -1.22
C GLN C 287 25.39 -5.16 -1.43
N THR C 288 25.99 -4.54 -0.41
CA THR C 288 26.36 -3.14 -0.51
C THR C 288 27.86 -2.92 -0.51
N TYR C 289 28.55 -3.44 0.51
CA TYR C 289 29.98 -3.20 0.63
C TYR C 289 30.77 -3.95 -0.44
N PHE C 290 30.34 -5.17 -0.77
CA PHE C 290 31.10 -5.98 -1.74
C PHE C 290 31.13 -5.36 -3.13
N PRO C 291 30.01 -4.95 -3.74
CA PRO C 291 30.11 -4.34 -5.08
C PRO C 291 30.90 -3.06 -5.12
N ALA C 292 30.84 -2.25 -4.06
CA ALA C 292 31.53 -0.97 -4.06
C ALA C 292 33.04 -1.15 -4.11
N THR C 293 33.57 -2.11 -3.36
CA THR C 293 35.01 -2.33 -3.33
C THR C 293 35.54 -2.79 -4.69
N LEU C 294 34.80 -3.68 -5.37
CA LEU C 294 35.27 -4.21 -6.65
C LEU C 294 35.39 -3.11 -7.69
N MET C 295 34.41 -2.19 -7.75
CA MET C 295 34.45 -1.13 -8.74
C MET C 295 35.61 -0.18 -8.51
N VAL C 296 35.93 0.11 -7.25
CA VAL C 296 37.07 0.99 -6.95
C VAL C 296 38.37 0.33 -7.41
N MET C 297 38.53 -0.96 -7.13
CA MET C 297 39.72 -1.67 -7.59
C MET C 297 39.76 -1.78 -9.10
N LEU C 298 38.59 -1.77 -9.74
CA LEU C 298 38.52 -1.86 -11.20
C LEU C 298 39.05 -0.60 -11.87
N SER C 299 38.92 0.57 -11.23
CA SER C 299 39.42 1.80 -11.84
C SER C 299 40.93 1.89 -11.79
N TRP C 300 41.57 1.14 -10.88
CA TRP C 300 43.03 1.16 -10.78
C TRP C 300 43.69 0.45 -11.97
N VAL C 301 42.92 -0.26 -12.77
CA VAL C 301 43.47 -0.94 -13.94
C VAL C 301 44.03 0.06 -14.94
N SER C 302 43.36 1.21 -15.08
CA SER C 302 43.75 2.19 -16.08
C SER C 302 45.17 2.72 -15.86
N PHE C 303 45.69 2.59 -14.63
CA PHE C 303 47.04 3.04 -14.36
C PHE C 303 48.10 2.16 -15.01
N TRP C 304 47.73 1.00 -15.53
CA TRP C 304 48.67 0.08 -16.15
C TRP C 304 48.56 0.01 -17.66
N ILE C 305 47.63 0.75 -18.26
CA ILE C 305 47.44 0.77 -19.70
C ILE C 305 48.28 1.90 -20.29
N ASP C 306 48.78 1.68 -21.51
CA ASP C 306 49.63 2.66 -22.17
C ASP C 306 48.92 3.99 -22.33
N ARG C 307 49.62 5.09 -22.02
CA ARG C 307 49.02 6.41 -22.08
C ARG C 307 48.71 6.85 -23.51
N ARG C 308 49.33 6.25 -24.51
CA ARG C 308 49.09 6.64 -25.89
C ARG C 308 47.74 6.18 -26.41
N ALA C 309 47.10 5.23 -25.73
CA ALA C 309 45.79 4.72 -26.14
C ALA C 309 44.68 5.61 -25.59
N VAL C 310 44.57 6.81 -26.16
CA VAL C 310 43.56 7.78 -25.78
C VAL C 310 42.15 7.21 -25.96
N PRO C 311 41.81 6.55 -27.07
CA PRO C 311 40.44 6.02 -27.20
C PRO C 311 40.14 4.86 -26.27
N ALA C 312 41.09 4.42 -25.44
CA ALA C 312 40.86 3.34 -24.48
C ALA C 312 40.79 3.84 -23.04
N ARG C 313 41.69 4.75 -22.66
CA ARG C 313 41.73 5.24 -21.29
C ARG C 313 40.49 6.05 -20.93
N VAL C 314 40.04 6.90 -21.84
CA VAL C 314 38.93 7.82 -21.56
C VAL C 314 37.60 7.06 -21.42
N PRO C 315 37.20 6.20 -22.37
CA PRO C 315 35.94 5.47 -22.18
C PRO C 315 35.91 4.59 -20.94
N LEU C 316 37.05 4.01 -20.56
CA LEU C 316 37.08 3.17 -19.35
C LEU C 316 36.75 3.97 -18.11
N GLY C 317 37.32 5.17 -17.98
CA GLY C 317 37.08 6.01 -16.81
C GLY C 317 35.65 6.49 -16.65
N ILE C 318 35.06 6.98 -17.73
CA ILE C 318 33.71 7.52 -17.65
C ILE C 318 32.67 6.42 -17.42
N THR C 319 32.88 5.24 -18.01
CA THR C 319 31.92 4.15 -17.83
C THR C 319 31.90 3.64 -16.40
N THR C 320 33.05 3.64 -15.72
CA THR C 320 33.09 3.20 -14.33
C THR C 320 32.26 4.13 -13.44
N VAL C 321 32.29 5.43 -13.71
CA VAL C 321 31.48 6.38 -12.96
C VAL C 321 29.99 6.08 -13.17
N LEU C 322 29.61 5.75 -14.41
CA LEU C 322 28.22 5.41 -14.69
C LEU C 322 27.80 4.15 -13.95
N THR C 323 28.67 3.14 -13.91
CA THR C 323 28.34 1.89 -13.22
C THR C 323 28.17 2.13 -11.73
N MET C 324 29.04 2.95 -11.14
CA MET C 324 28.94 3.25 -9.71
C MET C 324 27.65 4.00 -9.39
N SER C 325 27.23 4.91 -10.27
CA SER C 325 26.03 5.68 -10.02
C SER C 325 24.78 4.79 -9.95
N THR C 326 24.70 3.79 -10.82
CA THR C 326 23.54 2.89 -10.82
C THR C 326 23.50 2.05 -9.54
N ILE C 327 24.66 1.66 -9.02
CA ILE C 327 24.69 0.86 -7.79
C ILE C 327 24.15 1.67 -6.62
N ILE C 328 24.57 2.93 -6.51
CA ILE C 328 24.14 3.77 -5.40
C ILE C 328 22.64 4.01 -5.46
N THR C 329 22.11 4.26 -6.67
CA THR C 329 20.68 4.51 -6.82
C THR C 329 19.87 3.28 -6.42
N GLY C 330 20.33 2.09 -6.79
CA GLY C 330 19.59 0.88 -6.46
C GLY C 330 19.57 0.60 -4.96
N VAL C 331 20.67 0.88 -4.28
CA VAL C 331 20.74 0.61 -2.84
C VAL C 331 19.76 1.51 -2.08
N ASN C 332 19.67 2.78 -2.47
CA ASN C 332 18.79 3.71 -1.78
C ASN C 332 17.33 3.27 -1.88
N ALA C 333 16.93 2.75 -3.05
CA ALA C 333 15.54 2.34 -3.22
C ALA C 333 15.17 1.16 -2.32
N SER C 334 16.11 0.27 -2.05
CA SER C 334 15.83 -0.90 -1.22
C SER C 334 15.77 -0.57 0.26
N MET C 335 16.52 0.41 0.72
CA MET C 335 16.54 0.77 2.14
C MET C 335 15.31 1.58 2.50
N PRO C 336 14.90 1.56 3.78
CA PRO C 336 13.74 2.35 4.20
C PRO C 336 14.00 3.83 4.08
N ARG C 337 12.91 4.59 3.92
CA ARG C 337 12.99 6.04 3.73
C ARG C 337 13.34 6.75 5.03
N VAL C 338 14.59 6.56 5.45
CA VAL C 338 15.13 7.23 6.63
C VAL C 338 15.90 8.45 6.14
N SER C 339 15.43 9.64 6.51
CA SER C 339 15.94 10.87 5.94
C SER C 339 17.04 11.53 6.76
N TYR C 340 18.10 10.80 7.07
CA TYR C 340 19.31 11.39 7.61
C TYR C 340 20.49 10.49 7.31
N ILE C 341 21.70 11.04 7.48
CA ILE C 341 22.92 10.34 7.09
C ILE C 341 23.14 9.13 7.99
N LYS C 342 23.42 7.99 7.37
CA LYS C 342 23.70 6.76 8.07
C LYS C 342 25.14 6.33 7.83
N ALA C 343 25.57 5.28 8.52
CA ALA C 343 26.93 4.79 8.37
C ALA C 343 27.19 4.26 6.98
N VAL C 344 26.21 3.58 6.38
CA VAL C 344 26.40 3.00 5.05
C VAL C 344 26.56 4.09 3.99
N ASP C 345 25.86 5.22 4.14
CA ASP C 345 25.93 6.28 3.14
C ASP C 345 27.32 6.88 3.07
N ILE C 346 28.02 6.98 4.20
CA ILE C 346 29.36 7.55 4.20
C ILE C 346 30.31 6.69 3.37
N TYR C 347 30.23 5.36 3.52
CA TYR C 347 31.14 4.48 2.80
C TYR C 347 30.92 4.55 1.29
N LEU C 348 29.67 4.61 0.85
CA LEU C 348 29.38 4.60 -0.59
C LEU C 348 29.88 5.87 -1.27
N TRP C 349 29.67 7.03 -0.65
CA TRP C 349 30.01 8.28 -1.32
C TRP C 349 31.50 8.55 -1.31
N VAL C 350 32.23 8.04 -0.32
CA VAL C 350 33.69 8.17 -0.32
C VAL C 350 34.27 7.37 -1.48
N SER C 351 33.73 6.17 -1.73
CA SER C 351 34.20 5.37 -2.86
C SER C 351 33.91 6.07 -4.18
N PHE C 352 32.80 6.82 -4.25
CA PHE C 352 32.48 7.55 -5.48
C PHE C 352 33.53 8.62 -5.76
N VAL C 353 34.04 9.27 -4.71
CA VAL C 353 35.07 10.29 -4.90
C VAL C 353 36.35 9.67 -5.44
N PHE C 354 36.69 8.47 -4.97
CA PHE C 354 37.90 7.80 -5.46
C PHE C 354 37.81 7.51 -6.96
N VAL C 355 36.64 7.09 -7.43
CA VAL C 355 36.46 6.87 -8.87
C VAL C 355 36.54 8.18 -9.63
N PHE C 356 35.98 9.25 -9.07
CA PHE C 356 36.00 10.54 -9.73
C PHE C 356 37.43 11.06 -9.87
N LEU C 357 38.25 10.88 -8.84
CA LEU C 357 39.62 11.39 -8.88
C LEU C 357 40.46 10.69 -9.93
N SER C 358 40.14 9.42 -10.24
CA SER C 358 40.92 8.70 -11.25
C SER C 358 40.70 9.28 -12.65
N VAL C 359 39.52 9.84 -12.90
CA VAL C 359 39.25 10.43 -14.21
C VAL C 359 40.08 11.69 -14.41
N LEU C 360 40.18 12.54 -13.38
CA LEU C 360 40.98 13.75 -13.49
C LEU C 360 42.46 13.43 -13.58
N GLU C 361 42.89 12.28 -13.06
CA GLU C 361 44.30 11.93 -13.08
C GLU C 361 44.81 11.75 -14.52
N TYR C 362 44.01 11.11 -15.38
CA TYR C 362 44.43 10.92 -16.76
C TYR C 362 44.40 12.23 -17.54
N ALA C 363 43.51 13.15 -17.17
CA ALA C 363 43.45 14.44 -17.86
C ALA C 363 44.75 15.21 -17.69
N ALA C 364 45.35 15.15 -16.51
CA ALA C 364 46.64 15.79 -16.29
C ALA C 364 47.73 15.13 -17.13
N VAL C 365 47.71 13.80 -17.21
CA VAL C 365 48.72 13.09 -18.00
C VAL C 365 48.59 13.43 -19.48
N ASN C 366 47.36 13.44 -19.99
CA ASN C 366 47.16 13.71 -21.41
C ASN C 366 47.58 15.14 -21.78
N TYR C 367 47.22 16.10 -20.93
CA TYR C 367 47.55 17.50 -21.23
C TYR C 367 49.06 17.72 -21.22
N LEU C 368 49.75 17.17 -20.21
CA LEU C 368 51.19 17.36 -20.12
C LEU C 368 51.92 16.71 -21.29
N THR C 369 51.46 15.53 -21.71
CA THR C 369 52.09 14.86 -22.85
C THR C 369 51.93 15.68 -24.13
N THR C 370 50.74 16.24 -24.35
CA THR C 370 50.52 17.04 -25.55
C THR C 370 51.39 18.29 -25.56
N VAL C 371 51.54 18.95 -24.41
CA VAL C 371 52.36 20.16 -24.34
C VAL C 371 53.82 19.84 -24.66
N GLN C 372 54.32 18.73 -24.11
CA GLN C 372 55.72 18.36 -24.33
C GLN C 372 55.99 18.07 -25.79
N GLU C 373 55.08 17.35 -26.46
CA GLU C 373 55.28 17.01 -27.86
C GLU C 373 55.27 18.27 -28.73
N ARG C 374 54.34 19.19 -28.47
CA ARG C 374 54.27 20.41 -29.26
C ARG C 374 55.52 21.27 -29.04
N LYS C 375 56.02 21.32 -27.81
CA LYS C 375 57.21 22.11 -27.52
C LYS C 375 58.43 21.61 -28.29
N GLU C 376 58.59 20.28 -28.36
CA GLU C 376 59.72 19.73 -29.10
C GLU C 376 59.63 20.03 -30.59
N GLN C 377 58.42 19.94 -31.15
CA GLN C 377 58.24 20.23 -32.57
C GLN C 377 58.54 21.69 -32.87
N LYS C 378 58.12 22.60 -31.99
CA LYS C 378 58.40 24.02 -32.19
C LYS C 378 59.88 24.31 -32.11
N LEU C 379 60.60 23.64 -31.20
CA LEU C 379 62.03 23.84 -31.07
C LEU C 379 62.79 23.36 -32.30
N ARG C 380 62.29 22.31 -32.96
CA ARG C 380 62.93 21.78 -34.16
C ARG C 380 62.44 22.49 -35.40
N ASP C 451 57.79 5.28 -22.46
CA ASP C 451 58.20 5.51 -21.08
C ASP C 451 57.00 5.89 -20.21
N THR C 452 56.95 5.34 -19.00
CA THR C 452 55.86 5.62 -18.07
C THR C 452 56.02 7.01 -17.48
N HIS C 453 54.92 7.77 -17.47
CA HIS C 453 54.95 9.11 -16.93
C HIS C 453 55.13 9.08 -15.42
N ALA C 454 55.68 10.17 -14.86
CA ALA C 454 55.93 10.21 -13.43
C ALA C 454 54.64 10.15 -12.62
N ILE C 455 53.57 10.76 -13.13
CA ILE C 455 52.29 10.75 -12.41
C ILE C 455 51.76 9.33 -12.30
N ASP C 456 51.86 8.55 -13.38
CA ASP C 456 51.38 7.18 -13.37
C ASP C 456 52.15 6.33 -12.37
N LYS C 457 53.46 6.54 -12.26
CA LYS C 457 54.27 5.72 -11.35
C LYS C 457 53.84 5.91 -9.90
N TYR C 458 53.59 7.16 -9.49
CA TYR C 458 53.21 7.41 -8.10
C TYR C 458 51.75 7.02 -7.84
N SER C 459 50.88 7.17 -8.85
CA SER C 459 49.48 6.83 -8.66
C SER C 459 49.30 5.34 -8.37
N ARG C 460 50.22 4.51 -8.85
CA ARG C 460 50.13 3.07 -8.60
C ARG C 460 50.33 2.75 -7.12
N ILE C 461 50.97 3.64 -6.37
CA ILE C 461 51.26 3.42 -4.96
C ILE C 461 50.35 4.25 -4.06
N ILE C 462 50.15 5.52 -4.39
CA ILE C 462 49.38 6.41 -3.51
C ILE C 462 47.92 5.98 -3.43
N PHE C 463 47.31 5.67 -4.58
CA PHE C 463 45.89 5.31 -4.58
C PHE C 463 45.59 4.06 -3.77
N PRO C 464 46.30 2.93 -3.95
CA PRO C 464 46.01 1.77 -3.08
C PRO C 464 46.28 2.04 -1.61
N ALA C 465 47.32 2.83 -1.30
CA ALA C 465 47.65 3.10 0.10
C ALA C 465 46.58 3.96 0.76
N ALA C 466 46.05 4.94 0.05
CA ALA C 466 45.04 5.83 0.64
C ALA C 466 43.76 5.07 0.96
N TYR C 467 43.35 4.14 0.09
CA TYR C 467 42.10 3.43 0.32
C TYR C 467 42.19 2.49 1.51
N ILE C 468 43.34 1.83 1.70
CA ILE C 468 43.51 0.95 2.86
C ILE C 468 43.49 1.76 4.15
N LEU C 469 44.08 2.95 4.13
CA LEU C 469 44.07 3.81 5.32
C LEU C 469 42.65 4.22 5.68
N PHE C 470 41.81 4.49 4.67
CA PHE C 470 40.42 4.85 4.93
C PHE C 470 39.67 3.71 5.59
N ASN C 471 39.91 2.48 5.15
CA ASN C 471 39.20 1.33 5.72
C ASN C 471 39.56 1.13 7.19
N LEU C 472 40.84 1.31 7.54
CA LEU C 472 41.25 1.13 8.93
C LEU C 472 40.57 2.14 9.84
N ILE C 473 40.48 3.40 9.41
CA ILE C 473 39.83 4.42 10.22
C ILE C 473 38.33 4.18 10.29
N TYR C 474 37.72 3.82 9.15
CA TYR C 474 36.27 3.65 9.10
C TYR C 474 35.82 2.48 9.99
N TRP C 475 36.51 1.35 9.92
CA TRP C 475 36.11 0.19 10.70
C TRP C 475 36.51 0.29 12.17
N SER C 476 37.45 1.17 12.52
CA SER C 476 37.79 1.35 13.93
C SER C 476 36.74 2.17 14.66
N ILE C 477 36.04 3.06 13.96
CA ILE C 477 35.02 3.88 14.61
C ILE C 477 33.71 3.13 14.72
N PHE C 478 33.27 2.51 13.63
CA PHE C 478 31.99 1.81 13.58
C PHE C 478 32.09 0.34 13.97
N SER C 479 33.14 -0.04 14.69
CA SER C 479 33.31 -1.40 15.20
C SER C 479 33.23 -2.45 14.08
N SER D 75 -23.74 3.61 44.81
CA SER D 75 -23.17 4.81 44.19
C SER D 75 -24.18 5.49 43.28
N GLU D 76 -25.09 4.70 42.72
CA GLU D 76 -26.14 5.21 41.85
C GLU D 76 -27.36 5.70 42.62
N GLN D 77 -27.32 5.65 43.95
CA GLN D 77 -28.41 6.14 44.78
C GLN D 77 -28.06 7.40 45.56
N LEU D 78 -26.78 7.62 45.88
CA LEU D 78 -26.37 8.91 46.43
C LEU D 78 -26.57 10.02 45.40
N LEU D 79 -26.21 9.76 44.15
CA LEU D 79 -26.48 10.69 43.07
C LEU D 79 -27.92 10.51 42.59
N ARG D 80 -28.65 11.62 42.47
CA ARG D 80 -30.04 11.58 42.04
C ARG D 80 -30.13 11.48 40.52
N ILE D 81 -29.73 10.31 40.01
CA ILE D 81 -29.73 10.08 38.58
C ILE D 81 -31.15 10.07 38.03
N ASP D 82 -32.06 9.34 38.70
CA ASP D 82 -33.42 9.20 38.21
C ASP D 82 -34.30 10.38 38.55
N ASP D 83 -33.87 11.26 39.46
CA ASP D 83 -34.69 12.38 39.89
C ASP D 83 -34.45 13.65 39.09
N HIS D 84 -33.53 13.64 38.13
CA HIS D 84 -33.20 14.82 37.35
C HIS D 84 -33.21 14.50 35.87
N ASP D 85 -33.54 15.51 35.06
CA ASP D 85 -33.53 15.38 33.60
C ASP D 85 -32.15 15.82 33.11
N PHE D 86 -31.34 14.84 32.73
CA PHE D 86 -29.96 15.10 32.30
C PHE D 86 -29.84 15.38 30.81
N SER D 87 -30.94 15.51 30.08
CA SER D 87 -30.88 15.89 28.67
C SER D 87 -30.72 17.39 28.48
N MET D 88 -30.75 18.18 29.56
CA MET D 88 -30.58 19.62 29.49
C MET D 88 -29.34 20.03 30.26
N ARG D 89 -28.63 21.02 29.74
CA ARG D 89 -27.40 21.49 30.36
C ARG D 89 -27.71 22.15 31.70
N PRO D 90 -26.74 22.16 32.63
CA PRO D 90 -26.94 22.86 33.89
C PRO D 90 -27.18 24.34 33.66
N GLY D 91 -28.06 24.93 34.48
CA GLY D 91 -28.42 26.32 34.28
C GLY D 91 -29.20 26.58 33.02
N PHE D 92 -30.07 25.66 32.61
CA PHE D 92 -30.86 25.84 31.40
C PHE D 92 -31.72 27.09 31.50
N GLY D 93 -31.74 27.86 30.42
CA GLY D 93 -32.47 29.10 30.38
C GLY D 93 -31.79 30.29 31.04
N GLY D 94 -30.57 30.11 31.54
CA GLY D 94 -29.85 31.17 32.20
C GLY D 94 -28.50 31.45 31.57
N PRO D 95 -27.54 31.90 32.38
CA PRO D 95 -26.22 32.21 31.86
C PRO D 95 -25.48 30.98 31.35
N ALA D 96 -24.51 31.21 30.48
CA ALA D 96 -23.72 30.13 29.92
C ALA D 96 -22.86 29.47 30.99
N ILE D 97 -22.68 28.16 30.87
CA ILE D 97 -21.87 27.40 31.83
C ILE D 97 -20.43 27.38 31.34
N PRO D 98 -19.47 27.83 32.16
CA PRO D 98 -18.06 27.81 31.73
C PRO D 98 -17.46 26.41 31.86
N VAL D 99 -16.69 26.01 30.85
CA VAL D 99 -16.02 24.71 30.82
C VAL D 99 -14.55 24.94 30.53
N GLY D 100 -13.68 24.34 31.36
CA GLY D 100 -12.25 24.43 31.18
C GLY D 100 -11.69 23.18 30.52
N VAL D 101 -10.58 23.35 29.81
CA VAL D 101 -9.97 22.28 29.03
C VAL D 101 -8.48 22.21 29.35
N ASP D 102 -7.97 21.00 29.58
CA ASP D 102 -6.55 20.75 29.71
C ASP D 102 -6.14 19.67 28.70
N VAL D 103 -4.96 19.84 28.11
CA VAL D 103 -4.48 18.96 27.06
C VAL D 103 -3.05 18.54 27.36
N GLN D 104 -2.79 17.24 27.24
CA GLN D 104 -1.42 16.70 27.32
C GLN D 104 -1.18 15.88 26.06
N VAL D 105 -0.14 16.24 25.32
CA VAL D 105 0.20 15.57 24.07
C VAL D 105 1.09 14.37 24.40
N GLU D 106 0.72 13.20 23.87
CA GLU D 106 1.49 11.98 24.17
C GLU D 106 2.55 11.70 23.11
N SER D 107 2.18 11.67 21.84
CA SER D 107 3.14 11.39 20.77
C SER D 107 2.54 11.77 19.43
N LEU D 108 3.41 11.96 18.45
CA LEU D 108 3.02 12.16 17.06
C LEU D 108 3.33 10.88 16.29
N ASP D 109 2.33 10.35 15.59
CA ASP D 109 2.46 9.04 14.96
C ASP D 109 3.07 9.08 13.57
N SER D 110 2.55 9.90 12.67
CA SER D 110 3.04 9.93 11.30
C SER D 110 2.59 11.22 10.64
N ILE D 111 3.21 11.54 9.51
CA ILE D 111 2.86 12.72 8.73
C ILE D 111 2.91 12.34 7.26
N SER D 112 1.92 12.80 6.49
CA SER D 112 1.80 12.48 5.08
C SER D 112 1.95 13.77 4.27
N GLU D 113 2.90 13.75 3.33
CA GLU D 113 3.14 14.91 2.49
C GLU D 113 2.27 14.94 1.24
N VAL D 114 1.69 13.81 0.85
CA VAL D 114 0.83 13.79 -0.32
C VAL D 114 -0.61 14.16 0.06
N ASP D 115 -1.13 13.55 1.12
CA ASP D 115 -2.48 13.85 1.59
C ASP D 115 -2.53 15.07 2.50
N MET D 116 -1.38 15.55 2.97
CA MET D 116 -1.27 16.76 3.78
C MET D 116 -2.09 16.63 5.08
N ASP D 117 -1.67 15.69 5.92
CA ASP D 117 -2.30 15.50 7.22
C ASP D 117 -1.30 14.90 8.18
N PHE D 118 -1.61 15.00 9.48
CA PHE D 118 -0.78 14.45 10.53
C PHE D 118 -1.67 13.77 11.57
N THR D 119 -1.06 12.85 12.32
CA THR D 119 -1.76 12.08 13.34
C THR D 119 -1.18 12.38 14.71
N MET D 120 -2.05 12.64 15.68
CA MET D 120 -1.63 12.98 17.03
C MET D 120 -2.46 12.21 18.05
N THR D 121 -1.82 11.84 19.15
CA THR D 121 -2.47 11.16 20.27
C THR D 121 -2.30 12.02 21.51
N LEU D 122 -3.39 12.20 22.27
CA LEU D 122 -3.37 13.15 23.37
C LEU D 122 -4.40 12.76 24.42
N TYR D 123 -4.27 13.35 25.60
CA TYR D 123 -5.24 13.22 26.68
C TYR D 123 -6.06 14.51 26.75
N LEU D 124 -7.38 14.37 26.83
CA LEU D 124 -8.29 15.49 26.87
C LEU D 124 -9.05 15.48 28.18
N ARG D 125 -9.07 16.60 28.89
CA ARG D 125 -9.72 16.72 30.19
C ARG D 125 -10.67 17.91 30.18
N HIS D 126 -11.79 17.76 30.89
CA HIS D 126 -12.80 18.80 31.01
C HIS D 126 -13.07 19.08 32.47
N TYR D 127 -13.40 20.34 32.78
CA TYR D 127 -13.72 20.77 34.13
C TYR D 127 -15.00 21.61 34.11
N TRP D 128 -15.98 21.22 34.92
CA TRP D 128 -17.20 22.01 35.07
C TRP D 128 -17.87 21.61 36.38
N LYS D 129 -18.87 22.40 36.77
CA LYS D 129 -19.60 22.18 38.01
C LYS D 129 -21.06 21.91 37.72
N ASP D 130 -21.63 20.93 38.42
CA ASP D 130 -23.03 20.55 38.26
C ASP D 130 -23.58 20.21 39.64
N GLU D 131 -24.48 21.06 40.14
CA GLU D 131 -25.02 20.86 41.48
C GLU D 131 -25.92 19.64 41.58
N ARG D 132 -26.42 19.13 40.44
CA ARG D 132 -27.31 17.98 40.47
C ARG D 132 -26.60 16.69 40.85
N LEU D 133 -25.27 16.68 40.80
CA LEU D 133 -24.49 15.49 41.11
C LEU D 133 -23.91 15.53 42.52
N SER D 134 -24.30 16.48 43.34
CA SER D 134 -23.81 16.56 44.71
C SER D 134 -24.35 15.41 45.55
N PHE D 135 -23.52 14.92 46.47
CA PHE D 135 -23.89 13.84 47.36
C PHE D 135 -23.40 14.18 48.76
N PRO D 136 -24.11 13.72 49.80
CA PRO D 136 -23.67 14.01 51.17
C PRO D 136 -22.46 13.15 51.55
N SER D 137 -21.49 13.77 52.21
CA SER D 137 -20.29 13.07 52.65
C SER D 137 -19.73 13.77 53.88
N THR D 138 -19.17 12.96 54.79
CA THR D 138 -18.57 13.51 56.00
C THR D 138 -17.14 14.00 55.78
N ASN D 139 -16.59 13.78 54.60
CA ASN D 139 -15.23 14.21 54.28
C ASN D 139 -15.18 14.65 52.83
N ASN D 140 -13.99 15.07 52.40
CA ASN D 140 -13.77 15.53 51.03
C ASN D 140 -13.36 14.40 50.09
N LEU D 141 -13.69 13.14 50.42
CA LEU D 141 -13.31 12.01 49.59
C LEU D 141 -14.20 11.99 48.34
N SER D 142 -13.59 12.13 47.17
CA SER D 142 -14.32 12.10 45.92
C SER D 142 -14.48 10.67 45.42
N MET D 143 -15.56 10.44 44.68
CA MET D 143 -15.84 9.13 44.11
C MET D 143 -15.31 9.03 42.69
N THR D 144 -15.02 7.81 42.27
CA THR D 144 -14.51 7.53 40.93
C THR D 144 -15.45 6.56 40.23
N PHE D 145 -15.71 6.81 38.96
CA PHE D 145 -16.64 5.99 38.19
C PHE D 145 -15.98 5.61 36.87
N ASP D 146 -16.77 4.98 36.00
CA ASP D 146 -16.26 4.50 34.72
C ASP D 146 -17.09 5.06 33.56
N GLY D 147 -16.87 4.53 32.36
CA GLY D 147 -17.58 5.01 31.19
C GLY D 147 -19.05 4.65 31.16
N ARG D 148 -19.50 3.72 32.01
CA ARG D 148 -20.91 3.35 32.03
C ARG D 148 -21.78 4.48 32.56
N LEU D 149 -21.27 5.27 33.51
CA LEU D 149 -22.04 6.37 34.06
C LEU D 149 -22.16 7.53 33.10
N VAL D 150 -21.27 7.61 32.11
CA VAL D 150 -21.28 8.74 31.16
C VAL D 150 -22.58 8.78 30.38
N LYS D 151 -23.14 7.62 30.03
CA LYS D 151 -24.36 7.58 29.23
C LYS D 151 -25.57 8.12 29.97
N LYS D 152 -25.47 8.33 31.28
CA LYS D 152 -26.58 8.84 32.07
C LYS D 152 -26.47 10.33 32.39
N ILE D 153 -25.29 10.80 32.79
CA ILE D 153 -25.10 12.20 33.15
C ILE D 153 -24.83 13.02 31.91
N TRP D 154 -24.97 14.34 32.01
CA TRP D 154 -24.71 15.24 30.90
C TRP D 154 -23.23 15.55 30.81
N VAL D 155 -22.68 15.51 29.59
CA VAL D 155 -21.26 15.74 29.36
C VAL D 155 -21.09 16.63 28.15
N PRO D 156 -20.00 17.40 28.10
CA PRO D 156 -19.74 18.26 26.94
C PRO D 156 -19.49 17.44 25.68
N ASP D 157 -19.68 18.10 24.53
CA ASP D 157 -19.63 17.43 23.25
C ASP D 157 -18.55 18.03 22.34
N MET D 158 -17.36 18.25 22.88
CA MET D 158 -16.28 18.84 22.10
C MET D 158 -15.90 17.93 20.93
N PHE D 159 -15.61 18.54 19.78
CA PHE D 159 -15.17 17.82 18.60
C PHE D 159 -14.04 18.58 17.93
N PHE D 160 -13.25 17.86 17.15
CA PHE D 160 -12.06 18.42 16.49
C PHE D 160 -12.44 18.87 15.08
N VAL D 161 -12.26 20.15 14.80
CA VAL D 161 -12.61 20.71 13.50
C VAL D 161 -11.57 20.32 12.46
N HIS D 162 -12.01 20.18 11.21
CA HIS D 162 -11.15 19.86 10.07
C HIS D 162 -10.45 18.51 10.22
N SER D 163 -10.99 17.61 11.04
CA SER D 163 -10.39 16.31 11.22
C SER D 163 -10.91 15.33 10.16
N LYS D 164 -10.05 14.40 9.75
CA LYS D 164 -10.45 13.40 8.77
C LYS D 164 -10.99 12.13 9.41
N ARG D 165 -10.32 11.63 10.45
CA ARG D 165 -10.78 10.45 11.15
C ARG D 165 -10.23 10.47 12.57
N SER D 166 -10.98 9.85 13.49
CA SER D 166 -10.58 9.79 14.88
C SER D 166 -11.34 8.66 15.56
N PHE D 167 -10.77 8.19 16.67
CA PHE D 167 -11.39 7.10 17.44
C PHE D 167 -10.88 7.15 18.87
N ILE D 168 -11.63 6.52 19.76
CA ILE D 168 -11.28 6.42 21.18
C ILE D 168 -10.87 4.98 21.47
N HIS D 169 -9.72 4.82 22.14
CA HIS D 169 -9.22 3.49 22.44
C HIS D 169 -10.14 2.78 23.44
N ASP D 170 -10.22 1.45 23.30
CA ASP D 170 -11.12 0.67 24.15
C ASP D 170 -10.48 -0.62 24.65
N THR D 171 -9.17 -0.64 24.86
CA THR D 171 -8.46 -1.82 25.36
C THR D 171 -7.80 -1.48 26.68
N THR D 172 -8.07 -2.28 27.71
CA THR D 172 -8.97 -3.43 27.61
C THR D 172 -10.43 -3.02 27.81
N THR D 173 -10.61 -1.74 28.15
CA THR D 173 -11.94 -1.16 28.28
C THR D 173 -11.87 0.29 27.82
N ASP D 174 -13.01 0.97 27.83
CA ASP D 174 -13.05 2.36 27.43
C ASP D 174 -12.16 3.20 28.32
N ASN D 175 -11.32 4.03 27.69
CA ASN D 175 -10.38 4.88 28.41
C ASN D 175 -11.09 6.18 28.82
N VAL D 176 -12.00 6.05 29.78
CA VAL D 176 -12.77 7.17 30.30
C VAL D 176 -12.78 7.08 31.82
N MET D 177 -12.61 8.22 32.48
CA MET D 177 -12.68 8.29 33.93
C MET D 177 -13.58 9.44 34.34
N LEU D 178 -14.19 9.30 35.51
CA LEU D 178 -15.03 10.34 36.10
C LEU D 178 -14.72 10.48 37.57
N ARG D 179 -14.53 11.72 38.02
CA ARG D 179 -14.32 12.02 39.43
C ARG D 179 -15.28 13.13 39.83
N VAL D 180 -16.07 12.89 40.87
CA VAL D 180 -17.10 13.82 41.31
C VAL D 180 -16.79 14.25 42.74
N GLN D 181 -16.64 15.55 42.93
CA GLN D 181 -16.46 16.12 44.26
C GLN D 181 -17.77 16.10 45.03
N PRO D 182 -17.72 16.18 46.37
CA PRO D 182 -18.97 16.23 47.15
C PRO D 182 -19.85 17.41 46.80
N ASP D 183 -19.27 18.55 46.45
CA ASP D 183 -20.06 19.74 46.11
C ASP D 183 -20.51 19.76 44.65
N GLY D 184 -20.14 18.77 43.86
CA GLY D 184 -20.62 18.66 42.49
C GLY D 184 -19.61 18.96 41.40
N LYS D 185 -18.37 19.26 41.75
CA LYS D 185 -17.34 19.48 40.74
C LYS D 185 -16.99 18.16 40.05
N VAL D 186 -16.88 18.20 38.73
CA VAL D 186 -16.71 17.00 37.92
C VAL D 186 -15.46 17.12 37.08
N LEU D 187 -14.66 16.04 37.05
CA LEU D 187 -13.51 15.93 36.16
C LEU D 187 -13.77 14.80 35.17
N TYR D 188 -13.62 15.11 33.88
CA TYR D 188 -13.90 14.16 32.81
C TYR D 188 -12.68 14.07 31.91
N SER D 189 -12.14 12.87 31.74
CA SER D 189 -10.92 12.66 30.98
C SER D 189 -11.08 11.48 30.03
N LEU D 190 -10.44 11.56 28.88
CA LEU D 190 -10.48 10.50 27.90
C LEU D 190 -9.24 10.57 27.01
N ARG D 191 -8.90 9.44 26.40
CA ARG D 191 -7.74 9.30 25.54
C ARG D 191 -8.20 9.05 24.11
N VAL D 192 -7.74 9.89 23.18
CA VAL D 192 -8.25 9.88 21.82
C VAL D 192 -7.12 10.18 20.84
N THR D 193 -7.19 9.52 19.68
CA THR D 193 -6.26 9.75 18.58
C THR D 193 -7.01 10.42 17.43
N VAL D 194 -6.44 11.50 16.91
CA VAL D 194 -7.11 12.34 15.91
C VAL D 194 -6.15 12.62 14.77
N THR D 195 -6.68 12.60 13.55
CA THR D 195 -5.95 12.97 12.34
C THR D 195 -6.56 14.25 11.78
N ALA D 196 -5.71 15.24 11.51
CA ALA D 196 -6.18 16.55 11.07
C ALA D 196 -5.41 16.98 9.82
N MET D 197 -6.09 17.73 8.96
CA MET D 197 -5.49 18.21 7.73
C MET D 197 -4.60 19.43 8.01
N CYS D 198 -3.64 19.66 7.10
CA CYS D 198 -2.74 20.79 7.23
C CYS D 198 -2.20 21.13 5.84
N ASN D 199 -2.49 22.35 5.38
CA ASN D 199 -2.00 22.81 4.08
C ASN D 199 -0.48 23.02 4.14
N MET D 200 0.22 22.51 3.14
CA MET D 200 1.67 22.61 3.06
C MET D 200 2.08 23.19 1.72
N ASP D 201 3.18 23.94 1.72
CA ASP D 201 3.76 24.52 0.51
C ASP D 201 5.15 23.96 0.31
N PHE D 202 5.40 23.38 -0.86
CA PHE D 202 6.68 22.75 -1.17
C PHE D 202 7.49 23.53 -2.21
N SER D 203 7.21 24.82 -2.38
CA SER D 203 7.95 25.61 -3.36
C SER D 203 9.42 25.73 -3.00
N ARG D 204 9.74 25.82 -1.71
CA ARG D 204 11.11 25.97 -1.25
C ARG D 204 11.75 24.66 -0.79
N PHE D 205 11.23 23.53 -1.24
CA PHE D 205 11.80 22.24 -0.88
C PHE D 205 13.25 22.17 -1.37
N PRO D 206 14.17 21.58 -0.58
CA PRO D 206 13.98 20.98 0.74
C PRO D 206 14.21 21.93 1.91
N LEU D 207 14.21 23.24 1.65
CA LEU D 207 14.45 24.24 2.70
C LEU D 207 13.15 24.82 3.26
N ASP D 208 12.02 24.17 2.99
CA ASP D 208 10.73 24.71 3.41
C ASP D 208 10.53 24.54 4.91
N THR D 209 9.67 25.38 5.47
CA THR D 209 9.26 25.31 6.86
C THR D 209 7.74 25.28 6.92
N GLN D 210 7.19 24.33 7.67
CA GLN D 210 5.77 24.10 7.72
C GLN D 210 5.22 24.38 9.12
N THR D 211 4.00 24.89 9.16
CA THR D 211 3.30 25.19 10.40
C THR D 211 1.98 24.43 10.41
N CYS D 212 1.62 23.89 11.57
CA CYS D 212 0.42 23.08 11.73
C CYS D 212 -0.38 23.58 12.93
N SER D 213 -1.67 23.24 12.94
CA SER D 213 -2.53 23.64 14.05
C SER D 213 -3.61 22.58 14.26
N LEU D 214 -4.07 22.48 15.51
CA LEU D 214 -5.16 21.60 15.90
C LEU D 214 -6.24 22.44 16.56
N GLU D 215 -7.50 22.18 16.20
CA GLU D 215 -8.62 23.01 16.63
C GLU D 215 -9.64 22.18 17.39
N ILE D 216 -10.14 22.75 18.49
CA ILE D 216 -11.16 22.11 19.33
C ILE D 216 -12.33 23.08 19.46
N GLU D 217 -13.55 22.57 19.28
CA GLU D 217 -14.73 23.43 19.28
C GLU D 217 -15.94 22.63 19.74
N SER D 218 -16.87 23.32 20.37
CA SER D 218 -18.16 22.72 20.74
C SER D 218 -19.06 22.61 19.51
N TYR D 219 -19.83 21.52 19.45
CA TYR D 219 -20.62 21.26 18.26
C TYR D 219 -21.97 21.97 18.31
N ALA D 220 -22.78 21.67 19.33
CA ALA D 220 -24.18 22.07 19.34
C ALA D 220 -24.45 23.35 20.12
N TYR D 221 -23.63 23.69 21.11
CA TYR D 221 -23.90 24.82 21.99
C TYR D 221 -23.07 26.03 21.56
N THR D 222 -23.74 27.15 21.33
CA THR D 222 -23.06 28.37 20.95
C THR D 222 -22.46 29.06 22.17
N GLU D 223 -21.88 30.25 21.95
CA GLU D 223 -21.27 31.00 23.03
C GLU D 223 -22.31 31.49 24.03
N ASP D 224 -23.58 31.58 23.64
CA ASP D 224 -24.63 32.00 24.56
C ASP D 224 -25.02 30.91 25.56
N ASP D 225 -24.63 29.66 25.31
CA ASP D 225 -24.96 28.56 26.19
C ASP D 225 -23.76 27.87 26.82
N LEU D 226 -22.62 27.83 26.13
CA LEU D 226 -21.42 27.20 26.65
C LEU D 226 -20.22 28.10 26.39
N MET D 227 -19.41 28.33 27.41
CA MET D 227 -18.22 29.17 27.32
C MET D 227 -16.99 28.29 27.51
N LEU D 228 -16.10 28.31 26.53
CA LEU D 228 -14.94 27.42 26.50
C LEU D 228 -13.67 28.24 26.64
N TYR D 229 -12.76 27.80 27.50
CA TYR D 229 -11.52 28.52 27.75
C TYR D 229 -10.47 27.57 28.31
N TRP D 230 -9.21 27.96 28.20
CA TRP D 230 -8.12 27.22 28.82
C TRP D 230 -8.14 27.46 30.33
N LYS D 231 -8.07 26.38 31.11
CA LYS D 231 -8.22 26.51 32.56
C LYS D 231 -7.06 27.28 33.18
N LYS D 232 -5.83 27.04 32.73
CA LYS D 232 -4.66 27.67 33.32
C LYS D 232 -3.84 28.46 32.30
N GLY D 233 -4.49 28.97 31.26
CA GLY D 233 -3.76 29.77 30.28
C GLY D 233 -2.79 28.94 29.49
N ASN D 234 -1.59 29.49 29.27
CA ASN D 234 -0.57 28.82 28.48
C ASN D 234 0.06 27.64 29.20
N ASP D 235 -0.19 27.49 30.50
CA ASP D 235 0.34 26.35 31.25
C ASP D 235 -0.52 25.09 31.10
N SER D 236 -1.64 25.18 30.38
CA SER D 236 -2.54 24.05 30.23
C SER D 236 -2.07 23.03 29.21
N LEU D 237 -0.99 23.29 28.48
CA LEU D 237 -0.49 22.39 27.47
C LEU D 237 0.80 21.74 27.96
N LYS D 238 0.83 20.41 27.94
CA LYS D 238 2.00 19.64 28.32
C LYS D 238 2.38 18.70 27.18
N THR D 239 3.67 18.43 27.06
CA THR D 239 4.19 17.59 26.00
C THR D 239 5.10 16.51 26.59
N ASP D 240 5.03 15.31 26.01
CA ASP D 240 5.91 14.23 26.43
C ASP D 240 7.35 14.55 26.06
N GLU D 241 8.28 14.07 26.87
CA GLU D 241 9.70 14.34 26.63
C GLU D 241 10.27 13.52 25.48
N ARG D 242 9.56 12.46 25.05
CA ARG D 242 10.07 11.53 24.06
C ARG D 242 9.40 11.68 22.70
N ILE D 243 8.67 12.78 22.48
CA ILE D 243 8.01 12.99 21.20
C ILE D 243 9.05 13.33 20.13
N SER D 244 8.99 12.64 19.00
CA SER D 244 9.96 12.84 17.93
C SER D 244 9.38 12.33 16.62
N LEU D 245 10.00 12.77 15.53
CA LEU D 245 9.63 12.33 14.19
C LEU D 245 10.87 11.83 13.46
N SER D 246 10.66 10.91 12.52
CA SER D 246 11.78 10.30 11.81
C SER D 246 12.50 11.29 10.90
N GLN D 247 11.75 12.16 10.21
CA GLN D 247 12.34 13.07 9.24
C GLN D 247 11.99 14.54 9.47
N PHE D 248 11.46 14.89 10.64
CA PHE D 248 11.11 16.27 10.93
C PHE D 248 11.57 16.64 12.34
N LEU D 249 11.75 17.93 12.57
CA LEU D 249 12.07 18.46 13.89
C LEU D 249 10.91 19.30 14.39
N ILE D 250 10.47 19.02 15.61
CA ILE D 250 9.27 19.62 16.19
C ILE D 250 9.69 20.63 17.24
N GLN D 251 9.08 21.82 17.20
CA GLN D 251 9.42 22.88 18.14
C GLN D 251 8.28 23.89 18.20
N GLU D 252 8.36 24.78 19.19
CA GLU D 252 7.47 25.94 19.32
C GLU D 252 6.02 25.53 19.53
N PHE D 253 5.77 24.81 20.64
CA PHE D 253 4.40 24.52 21.04
C PHE D 253 3.81 25.69 21.82
N HIS D 254 2.66 26.18 21.38
CA HIS D 254 1.95 27.23 22.09
C HIS D 254 0.48 27.18 21.73
N THR D 255 -0.34 27.82 22.56
CA THR D 255 -1.79 27.77 22.43
C THR D 255 -2.36 29.17 22.23
N THR D 256 -3.45 29.25 21.45
CA THR D 256 -4.14 30.50 21.19
C THR D 256 -5.65 30.22 21.12
N THR D 257 -6.43 31.29 21.14
CA THR D 257 -7.88 31.20 21.09
C THR D 257 -8.43 32.18 20.07
N LYS D 258 -9.60 31.87 19.52
CA LYS D 258 -10.24 32.73 18.54
C LYS D 258 -11.71 32.37 18.47
N LEU D 259 -12.51 33.32 17.97
CA LEU D 259 -13.94 33.12 17.79
C LEU D 259 -14.26 32.77 16.35
N ALA D 260 -15.14 31.79 16.16
CA ALA D 260 -15.57 31.36 14.84
C ALA D 260 -17.04 31.69 14.65
N PHE D 261 -17.41 32.02 13.42
CA PHE D 261 -18.77 32.41 13.08
C PHE D 261 -19.31 31.48 11.99
N TYR D 262 -20.55 31.03 12.18
CA TYR D 262 -21.27 30.26 11.17
C TYR D 262 -22.51 31.05 10.78
N SER D 263 -22.76 31.15 9.48
CA SER D 263 -23.85 31.98 8.99
C SER D 263 -25.21 31.49 9.46
N SER D 264 -25.44 30.18 9.45
CA SER D 264 -26.76 29.66 9.77
C SER D 264 -26.90 29.21 11.21
N THR D 265 -25.85 29.27 12.02
CA THR D 265 -25.97 28.77 13.39
C THR D 265 -25.58 29.81 14.44
N GLY D 266 -24.54 30.60 14.17
CA GLY D 266 -24.14 31.63 15.11
C GLY D 266 -22.65 31.59 15.38
N TRP D 267 -22.27 32.05 16.57
CA TRP D 267 -20.87 32.19 16.97
C TRP D 267 -20.45 31.04 17.86
N TYR D 268 -19.16 30.69 17.80
CA TYR D 268 -18.59 29.61 18.60
C TYR D 268 -17.19 29.98 19.08
N ASN D 269 -16.82 29.50 20.26
CA ASN D 269 -15.46 29.63 20.74
C ASN D 269 -14.60 28.48 20.20
N ARG D 270 -13.36 28.81 19.83
CA ARG D 270 -12.45 27.82 19.25
C ARG D 270 -11.08 27.92 19.92
N LEU D 271 -10.44 26.77 20.11
CA LEU D 271 -9.13 26.69 20.72
C LEU D 271 -8.12 26.15 19.71
N TYR D 272 -6.86 26.55 19.87
CA TYR D 272 -5.80 26.21 18.93
C TYR D 272 -4.58 25.66 19.65
N ILE D 273 -3.91 24.71 19.00
CA ILE D 273 -2.59 24.23 19.41
C ILE D 273 -1.67 24.29 18.21
N ASN D 274 -0.53 24.96 18.35
CA ASN D 274 0.35 25.26 17.23
C ASN D 274 1.73 24.69 17.46
N PHE D 275 2.39 24.32 16.35
CA PHE D 275 3.78 23.86 16.38
C PHE D 275 4.37 24.02 14.99
N THR D 276 5.69 23.90 14.91
CA THR D 276 6.44 24.11 13.68
C THR D 276 7.31 22.89 13.37
N LEU D 277 7.53 22.64 12.08
CA LEU D 277 8.30 21.49 11.61
C LEU D 277 9.43 21.96 10.70
N ARG D 278 10.57 21.27 10.79
CA ARG D 278 11.73 21.56 9.97
C ARG D 278 12.37 20.25 9.51
N ARG D 279 13.14 20.34 8.44
CA ARG D 279 13.77 19.17 7.83
C ARG D 279 15.26 19.10 8.18
N HIS D 280 15.89 18.00 7.76
CA HIS D 280 17.34 17.84 7.86
C HIS D 280 17.96 18.28 6.53
N ILE D 281 18.63 19.43 6.54
CA ILE D 281 19.12 20.01 5.29
C ILE D 281 20.28 19.20 4.73
N PHE D 282 21.21 18.76 5.59
CA PHE D 282 22.46 18.19 5.10
C PHE D 282 22.26 16.88 4.35
N PHE D 283 21.19 16.14 4.63
CA PHE D 283 20.97 14.89 3.93
C PHE D 283 20.66 15.12 2.45
N PHE D 284 19.81 16.10 2.16
CA PHE D 284 19.42 16.34 0.77
C PHE D 284 20.55 16.94 -0.05
N LEU D 285 21.43 17.71 0.57
CA LEU D 285 22.56 18.29 -0.16
C LEU D 285 23.49 17.19 -0.68
N LEU D 286 23.75 16.18 0.14
CA LEU D 286 24.65 15.10 -0.27
C LEU D 286 24.02 14.24 -1.36
N GLN D 287 22.73 13.94 -1.26
CA GLN D 287 22.09 13.03 -2.19
C GLN D 287 21.77 13.67 -3.54
N THR D 288 21.44 14.95 -3.57
CA THR D 288 20.95 15.56 -4.80
C THR D 288 21.91 16.60 -5.37
N TYR D 289 22.29 17.59 -4.55
CA TYR D 289 23.14 18.67 -5.05
C TYR D 289 24.56 18.19 -5.31
N PHE D 290 25.08 17.29 -4.45
CA PHE D 290 26.47 16.87 -4.60
C PHE D 290 26.71 16.10 -5.89
N PRO D 291 25.94 15.07 -6.26
CA PRO D 291 26.21 14.38 -7.53
C PRO D 291 26.09 15.27 -8.76
N ALA D 292 25.15 16.23 -8.74
CA ALA D 292 24.94 17.07 -9.92
C ALA D 292 26.14 17.95 -10.20
N THR D 293 26.76 18.51 -9.16
CA THR D 293 27.91 19.39 -9.35
C THR D 293 29.10 18.63 -9.93
N LEU D 294 29.34 17.41 -9.45
CA LEU D 294 30.50 16.64 -9.92
C LEU D 294 30.41 16.32 -11.40
N MET D 295 29.21 15.96 -11.87
CA MET D 295 29.05 15.61 -13.29
C MET D 295 29.27 16.82 -14.19
N VAL D 296 28.81 18.00 -13.76
CA VAL D 296 29.02 19.21 -14.56
C VAL D 296 30.51 19.51 -14.66
N MET D 297 31.24 19.41 -13.55
CA MET D 297 32.68 19.64 -13.58
C MET D 297 33.38 18.56 -14.39
N LEU D 298 32.80 17.37 -14.46
CA LEU D 298 33.41 16.28 -15.23
C LEU D 298 33.36 16.54 -16.73
N SER D 299 32.35 17.27 -17.22
CA SER D 299 32.26 17.55 -18.65
C SER D 299 33.29 18.59 -19.09
N TRP D 300 33.79 19.40 -18.15
CA TRP D 300 34.79 20.40 -18.48
C TRP D 300 36.14 19.79 -18.81
N VAL D 301 36.33 18.49 -18.54
CA VAL D 301 37.59 17.82 -18.84
C VAL D 301 37.84 17.78 -20.34
N SER D 302 36.76 17.62 -21.12
CA SER D 302 36.91 17.48 -22.57
C SER D 302 37.54 18.71 -23.21
N PHE D 303 37.49 19.86 -22.54
CA PHE D 303 38.10 21.06 -23.08
C PHE D 303 39.62 21.01 -23.07
N TRP D 304 40.22 20.04 -22.37
CA TRP D 304 41.66 19.93 -22.27
C TRP D 304 42.24 18.78 -23.08
N ILE D 305 41.40 18.00 -23.75
CA ILE D 305 41.85 16.87 -24.56
C ILE D 305 42.07 17.35 -25.99
N ASP D 306 43.04 16.75 -26.67
CA ASP D 306 43.39 17.14 -28.03
C ASP D 306 42.19 16.99 -28.96
N ARG D 307 41.96 18.00 -29.80
CA ARG D 307 40.82 17.98 -30.70
C ARG D 307 40.92 16.91 -31.78
N ARG D 308 42.13 16.43 -32.07
CA ARG D 308 42.30 15.43 -33.12
C ARG D 308 41.80 14.05 -32.71
N ALA D 309 41.59 13.82 -31.42
CA ALA D 309 41.10 12.53 -30.93
C ALA D 309 39.57 12.49 -30.98
N VAL D 310 39.06 12.39 -32.21
CA VAL D 310 37.63 12.32 -32.47
C VAL D 310 36.99 11.11 -31.77
N PRO D 311 37.58 9.90 -31.83
CA PRO D 311 36.96 8.77 -31.13
C PRO D 311 36.99 8.87 -29.62
N ALA D 312 37.59 9.92 -29.04
CA ALA D 312 37.63 10.11 -27.60
C ALA D 312 36.71 11.23 -27.12
N ARG D 313 36.69 12.36 -27.84
CA ARG D 313 35.88 13.50 -27.41
C ARG D 313 34.40 13.20 -27.50
N VAL D 314 33.96 12.54 -28.57
CA VAL D 314 32.54 12.31 -28.81
C VAL D 314 31.95 11.32 -27.82
N PRO D 315 32.53 10.13 -27.60
CA PRO D 315 31.94 9.22 -26.59
C PRO D 315 31.91 9.80 -25.19
N LEU D 316 32.89 10.62 -24.82
CA LEU D 316 32.90 11.22 -23.49
C LEU D 316 31.70 12.13 -23.28
N GLY D 317 31.38 12.96 -24.28
CA GLY D 317 30.28 13.89 -24.17
C GLY D 317 28.91 13.24 -24.07
N ILE D 318 28.65 12.25 -24.93
CA ILE D 318 27.34 11.60 -24.94
C ILE D 318 27.11 10.77 -23.69
N THR D 319 28.16 10.12 -23.17
CA THR D 319 28.00 9.28 -21.99
C THR D 319 27.69 10.11 -20.75
N THR D 320 28.24 11.32 -20.66
CA THR D 320 27.95 12.19 -19.52
C THR D 320 26.47 12.56 -19.49
N VAL D 321 25.87 12.80 -20.66
CA VAL D 321 24.44 13.10 -20.73
C VAL D 321 23.63 11.91 -20.24
N LEU D 322 24.04 10.70 -20.61
CA LEU D 322 23.35 9.50 -20.14
C LEU D 322 23.45 9.36 -18.64
N THR D 323 24.62 9.62 -18.07
CA THR D 323 24.79 9.51 -16.62
C THR D 323 23.92 10.52 -15.88
N MET D 324 23.85 11.75 -16.40
CA MET D 324 23.03 12.78 -15.77
C MET D 324 21.55 12.41 -15.82
N SER D 325 21.11 11.81 -16.92
CA SER D 325 19.70 11.45 -17.05
C SER D 325 19.27 10.43 -16.01
N THR D 326 20.13 9.45 -15.73
CA THR D 326 19.79 8.43 -14.72
C THR D 326 19.71 9.02 -13.32
N ILE D 327 20.55 10.02 -13.01
CA ILE D 327 20.52 10.64 -11.70
C ILE D 327 19.19 11.37 -11.49
N ILE D 328 18.74 12.11 -12.51
CA ILE D 328 17.51 12.88 -12.39
C ILE D 328 16.31 11.95 -12.23
N THR D 329 16.30 10.85 -12.98
CA THR D 329 15.19 9.89 -12.87
C THR D 329 15.12 9.27 -11.49
N GLY D 330 16.28 8.93 -10.91
CA GLY D 330 16.29 8.31 -9.59
C GLY D 330 15.81 9.25 -8.50
N VAL D 331 16.17 10.54 -8.60
CA VAL D 331 15.77 11.50 -7.57
C VAL D 331 14.26 11.68 -7.56
N ASN D 332 13.64 11.75 -8.74
CA ASN D 332 12.19 11.96 -8.82
C ASN D 332 11.43 10.82 -8.17
N ALA D 333 11.91 9.58 -8.33
CA ALA D 333 11.22 8.43 -7.76
C ALA D 333 11.23 8.47 -6.24
N SER D 334 12.31 8.98 -5.63
CA SER D 334 12.42 9.01 -4.18
C SER D 334 11.58 10.12 -3.55
N MET D 335 11.38 11.23 -4.24
CA MET D 335 10.61 12.34 -3.69
C MET D 335 9.13 12.06 -3.77
N PRO D 336 8.33 12.69 -2.90
CA PRO D 336 6.87 12.48 -2.96
C PRO D 336 6.27 13.03 -4.24
N ARG D 337 5.13 12.47 -4.62
CA ARG D 337 4.46 12.83 -5.87
C ARG D 337 3.78 14.19 -5.75
N VAL D 338 4.61 15.23 -5.69
CA VAL D 338 4.15 16.61 -5.64
C VAL D 338 4.22 17.14 -7.07
N SER D 339 3.06 17.48 -7.65
CA SER D 339 2.98 17.78 -9.07
C SER D 339 3.06 19.27 -9.37
N TYR D 340 4.12 19.94 -8.92
CA TYR D 340 4.43 21.28 -9.37
C TYR D 340 5.92 21.55 -9.16
N ILE D 341 6.40 22.60 -9.81
CA ILE D 341 7.83 22.90 -9.81
C ILE D 341 8.29 23.29 -8.42
N LYS D 342 9.39 22.68 -7.99
CA LYS D 342 9.99 22.96 -6.70
C LYS D 342 11.37 23.59 -6.90
N ALA D 343 11.98 24.02 -5.79
CA ALA D 343 13.30 24.63 -5.85
C ALA D 343 14.37 23.65 -6.33
N VAL D 344 14.28 22.39 -5.92
CA VAL D 344 15.28 21.40 -6.30
C VAL D 344 15.22 21.11 -7.79
N ASP D 345 14.03 21.12 -8.38
CA ASP D 345 13.90 20.79 -9.80
C ASP D 345 14.59 21.83 -10.67
N ILE D 346 14.58 23.09 -10.27
CA ILE D 346 15.22 24.14 -11.05
C ILE D 346 16.73 23.90 -11.13
N TYR D 347 17.35 23.53 -10.01
CA TYR D 347 18.79 23.33 -9.98
C TYR D 347 19.22 22.16 -10.87
N LEU D 348 18.46 21.07 -10.84
CA LEU D 348 18.86 19.87 -11.59
C LEU D 348 18.78 20.11 -13.10
N TRP D 349 17.72 20.76 -13.57
CA TRP D 349 17.55 20.91 -15.01
C TRP D 349 18.47 21.96 -15.61
N VAL D 350 18.86 22.97 -14.82
CA VAL D 350 19.85 23.93 -15.30
C VAL D 350 21.20 23.25 -15.52
N SER D 351 21.58 22.36 -14.61
CA SER D 351 22.83 21.61 -14.77
C SER D 351 22.76 20.72 -16.01
N PHE D 352 21.58 20.19 -16.33
CA PHE D 352 21.44 19.36 -17.52
C PHE D 352 21.71 20.16 -18.79
N VAL D 353 21.30 21.43 -18.81
CA VAL D 353 21.54 22.28 -19.98
C VAL D 353 23.03 22.53 -20.15
N PHE D 354 23.76 22.70 -19.05
CA PHE D 354 25.20 22.93 -19.13
C PHE D 354 25.92 21.73 -19.76
N VAL D 355 25.50 20.51 -19.41
CA VAL D 355 26.09 19.32 -20.03
C VAL D 355 25.72 19.25 -21.50
N PHE D 356 24.49 19.62 -21.85
CA PHE D 356 24.06 19.57 -23.24
C PHE D 356 24.85 20.56 -24.09
N LEU D 357 25.12 21.75 -23.56
CA LEU D 357 25.84 22.76 -24.34
C LEU D 357 27.27 22.34 -24.64
N SER D 358 27.87 21.52 -23.77
CA SER D 358 29.25 21.09 -24.00
C SER D 358 29.34 20.15 -25.20
N VAL D 359 28.28 19.39 -25.48
CA VAL D 359 28.29 18.48 -26.63
C VAL D 359 28.27 19.27 -27.92
N LEU D 360 27.45 20.32 -27.99
CA LEU D 360 27.39 21.13 -29.20
C LEU D 360 28.68 21.93 -29.41
N GLU D 361 29.42 22.20 -28.32
CA GLU D 361 30.64 22.99 -28.44
C GLU D 361 31.69 22.25 -29.27
N TYR D 362 31.83 20.94 -29.07
CA TYR D 362 32.81 20.18 -29.85
C TYR D 362 32.36 20.03 -31.29
N ALA D 363 31.06 20.01 -31.55
CA ALA D 363 30.58 19.88 -32.93
C ALA D 363 31.02 21.08 -33.77
N ALA D 364 31.00 22.28 -33.18
CA ALA D 364 31.48 23.45 -33.91
C ALA D 364 32.97 23.36 -34.17
N VAL D 365 33.74 22.87 -33.19
CA VAL D 365 35.19 22.75 -33.36
C VAL D 365 35.52 21.73 -34.46
N ASN D 366 34.83 20.59 -34.44
CA ASN D 366 35.11 19.54 -35.42
C ASN D 366 34.77 20.00 -36.83
N TYR D 367 33.62 20.66 -37.00
CA TYR D 367 33.22 21.11 -38.33
C TYR D 367 34.17 22.15 -38.89
N LEU D 368 34.56 23.12 -38.07
CA LEU D 368 35.46 24.18 -38.54
C LEU D 368 36.82 23.62 -38.90
N THR D 369 37.33 22.66 -38.13
CA THR D 369 38.62 22.05 -38.43
C THR D 369 38.58 21.32 -39.76
N THR D 370 37.50 20.58 -40.02
CA THR D 370 37.38 19.84 -41.28
C THR D 370 37.31 20.78 -42.48
N VAL D 371 36.58 21.89 -42.35
CA VAL D 371 36.46 22.84 -43.45
C VAL D 371 37.83 23.45 -43.77
N GLN D 372 38.58 23.82 -42.73
CA GLN D 372 39.89 24.45 -42.95
C GLN D 372 40.86 23.50 -43.65
N GLU D 373 40.86 22.23 -43.24
CA GLU D 373 41.77 21.27 -43.86
C GLU D 373 41.43 21.04 -45.33
N ARG D 374 40.13 20.92 -45.63
CA ARG D 374 39.72 20.71 -47.02
C ARG D 374 40.06 21.93 -47.88
N LYS D 375 39.89 23.13 -47.32
CA LYS D 375 40.17 24.34 -48.10
C LYS D 375 41.65 24.42 -48.46
N GLU D 376 42.54 24.07 -47.54
CA GLU D 376 43.97 24.11 -47.83
C GLU D 376 44.34 23.09 -48.90
N GLN D 377 43.75 21.90 -48.85
CA GLN D 377 44.04 20.87 -49.86
C GLN D 377 43.57 21.31 -51.24
N LYS D 378 42.39 21.95 -51.30
CA LYS D 378 41.89 22.43 -52.59
C LYS D 378 42.76 23.54 -53.15
N LEU D 379 43.27 24.42 -52.29
CA LEU D 379 44.15 25.50 -52.76
C LEU D 379 45.47 24.96 -53.30
N ARG D 380 45.96 23.86 -52.75
CA ARG D 380 47.21 23.27 -53.21
C ARG D 380 46.97 22.29 -54.36
N ASP D 451 47.92 22.99 -32.35
CA ASP D 451 47.53 24.28 -31.82
C ASP D 451 46.09 24.25 -31.30
N THR D 452 45.87 24.89 -30.15
CA THR D 452 44.55 24.92 -29.55
C THR D 452 43.64 25.88 -30.31
N HIS D 453 42.42 25.42 -30.60
CA HIS D 453 41.47 26.24 -31.33
C HIS D 453 41.00 27.40 -30.46
N ALA D 454 40.56 28.48 -31.12
CA ALA D 454 40.12 29.66 -30.38
C ALA D 454 38.90 29.38 -29.52
N ILE D 455 37.98 28.53 -30.00
CA ILE D 455 36.77 28.22 -29.23
C ILE D 455 37.14 27.50 -27.94
N ASP D 456 38.10 26.58 -28.01
CA ASP D 456 38.50 25.84 -26.81
C ASP D 456 39.12 26.77 -25.77
N LYS D 457 39.92 27.75 -26.22
CA LYS D 457 40.57 28.64 -25.28
C LYS D 457 39.57 29.46 -24.46
N TYR D 458 38.53 29.96 -25.11
CA TYR D 458 37.53 30.77 -24.39
C TYR D 458 36.59 29.90 -23.57
N SER D 459 36.30 28.68 -24.03
CA SER D 459 35.40 27.81 -23.29
C SER D 459 35.98 27.43 -21.93
N ARG D 460 37.31 27.42 -21.82
CA ARG D 460 37.94 27.09 -20.54
C ARG D 460 37.67 28.16 -19.49
N ILE D 461 37.32 29.37 -19.91
CA ILE D 461 37.08 30.48 -18.99
C ILE D 461 35.59 30.78 -18.85
N ILE D 462 34.86 30.81 -19.97
CA ILE D 462 33.46 31.22 -19.94
C ILE D 462 32.62 30.20 -19.18
N PHE D 463 32.81 28.91 -19.45
CA PHE D 463 31.98 27.89 -18.81
C PHE D 463 32.15 27.86 -17.30
N PRO D 464 33.35 27.83 -16.72
CA PRO D 464 33.44 27.91 -15.24
C PRO D 464 32.88 29.20 -14.67
N ALA D 465 33.06 30.31 -15.36
CA ALA D 465 32.57 31.60 -14.84
C ALA D 465 31.05 31.64 -14.83
N ALA D 466 30.41 31.11 -15.87
CA ALA D 466 28.95 31.15 -15.94
C ALA D 466 28.31 30.32 -14.83
N TYR D 467 28.88 29.16 -14.52
CA TYR D 467 28.30 28.29 -13.50
C TYR D 467 28.41 28.90 -12.11
N ILE D 468 29.52 29.56 -11.79
CA ILE D 468 29.66 30.20 -10.49
C ILE D 468 28.66 31.35 -10.35
N LEU D 469 28.43 32.10 -11.43
CA LEU D 469 27.46 33.18 -11.39
C LEU D 469 26.05 32.65 -11.12
N PHE D 470 25.72 31.49 -11.70
CA PHE D 470 24.41 30.90 -11.46
C PHE D 470 24.22 30.52 -9.99
N ASN D 471 25.27 29.97 -9.37
CA ASN D 471 25.16 29.57 -7.98
C ASN D 471 24.94 30.76 -7.06
N LEU D 472 25.61 31.88 -7.32
CA LEU D 472 25.44 33.07 -6.49
C LEU D 472 24.00 33.58 -6.55
N ILE D 473 23.42 33.62 -7.74
CA ILE D 473 22.05 34.09 -7.89
C ILE D 473 21.07 33.09 -7.27
N TYR D 474 21.30 31.80 -7.50
CA TYR D 474 20.37 30.77 -7.00
C TYR D 474 20.32 30.75 -5.48
N TRP D 475 21.49 30.79 -4.83
CA TRP D 475 21.54 30.72 -3.38
C TRP D 475 21.17 32.03 -2.70
N SER D 476 21.20 33.16 -3.42
CA SER D 476 20.77 34.41 -2.83
C SER D 476 19.25 34.51 -2.74
N ILE D 477 18.54 33.85 -3.65
CA ILE D 477 17.08 33.91 -3.65
C ILE D 477 16.50 32.90 -2.66
N PHE D 478 16.99 31.67 -2.70
CA PHE D 478 16.46 30.60 -1.87
C PHE D 478 17.20 30.47 -0.53
N SER D 479 17.87 31.54 -0.09
CA SER D 479 18.55 31.57 1.20
C SER D 479 19.54 30.41 1.37
N SER E 75 -37.52 17.29 29.64
CA SER E 75 -37.51 17.60 28.21
C SER E 75 -38.26 16.53 27.41
N GLU E 76 -38.24 15.30 27.94
CA GLU E 76 -38.92 14.18 27.31
C GLU E 76 -40.40 14.09 27.70
N GLN E 77 -40.88 15.03 28.51
CA GLN E 77 -42.28 15.08 28.90
C GLN E 77 -43.05 16.23 28.30
N LEU E 78 -42.39 17.35 27.98
CA LEU E 78 -43.04 18.39 27.20
C LEU E 78 -43.38 17.90 25.81
N LEU E 79 -42.45 17.17 25.18
CA LEU E 79 -42.73 16.53 23.90
C LEU E 79 -43.47 15.21 24.14
N ARG E 80 -44.56 15.02 23.41
CA ARG E 80 -45.38 13.81 23.55
C ARG E 80 -44.76 12.65 22.77
N ILE E 81 -43.61 12.19 23.26
CA ILE E 81 -42.89 11.10 22.60
C ILE E 81 -43.68 9.81 22.67
N ASP E 82 -44.20 9.47 23.85
CA ASP E 82 -44.90 8.21 24.03
C ASP E 82 -46.35 8.25 23.55
N ASP E 83 -46.90 9.44 23.29
CA ASP E 83 -48.29 9.57 22.90
C ASP E 83 -48.50 9.56 21.39
N HIS E 84 -47.43 9.48 20.61
CA HIS E 84 -47.54 9.51 19.15
C HIS E 84 -46.75 8.37 18.53
N ASP E 85 -47.22 7.91 17.38
CA ASP E 85 -46.55 6.86 16.61
C ASP E 85 -45.60 7.52 15.63
N PHE E 86 -44.31 7.47 15.95
CA PHE E 86 -43.28 8.14 15.15
C PHE E 86 -42.74 7.26 14.03
N SER E 87 -43.31 6.09 13.78
CA SER E 87 -42.90 5.26 12.66
C SER E 87 -43.54 5.70 11.35
N MET E 88 -44.44 6.67 11.39
CA MET E 88 -45.10 7.19 10.19
C MET E 88 -44.75 8.66 10.00
N ARG E 89 -44.58 9.06 8.74
CA ARG E 89 -44.21 10.43 8.42
C ARG E 89 -45.36 11.37 8.78
N PRO E 90 -45.04 12.64 9.06
CA PRO E 90 -46.10 13.62 9.31
C PRO E 90 -47.01 13.77 8.10
N GLY E 91 -48.30 13.96 8.36
CA GLY E 91 -49.26 14.03 7.28
C GLY E 91 -49.45 12.73 6.53
N PHE E 92 -49.39 11.60 7.24
CA PHE E 92 -49.56 10.30 6.61
C PHE E 92 -50.92 10.20 5.93
N GLY E 93 -50.92 9.68 4.70
CA GLY E 93 -52.13 9.57 3.93
C GLY E 93 -52.56 10.84 3.22
N GLY E 94 -51.79 11.91 3.33
CA GLY E 94 -52.14 13.17 2.71
C GLY E 94 -51.07 13.68 1.77
N PRO E 95 -50.96 15.00 1.65
CA PRO E 95 -49.97 15.59 0.75
C PRO E 95 -48.55 15.32 1.22
N ALA E 96 -47.61 15.41 0.27
CA ALA E 96 -46.20 15.18 0.57
C ALA E 96 -45.65 16.28 1.47
N ILE E 97 -44.74 15.89 2.36
CA ILE E 97 -44.13 16.85 3.29
C ILE E 97 -42.88 17.43 2.65
N PRO E 98 -42.77 18.76 2.52
CA PRO E 98 -41.57 19.36 1.93
C PRO E 98 -40.41 19.39 2.91
N VAL E 99 -39.22 19.06 2.42
CA VAL E 99 -38.00 19.05 3.23
C VAL E 99 -36.94 19.87 2.50
N GLY E 100 -36.33 20.81 3.21
CA GLY E 100 -35.27 21.63 2.66
C GLY E 100 -33.90 21.14 3.09
N VAL E 101 -32.90 21.41 2.25
CA VAL E 101 -31.54 20.92 2.46
C VAL E 101 -30.57 22.08 2.31
N ASP E 102 -29.62 22.19 3.24
CA ASP E 102 -28.50 23.10 3.14
C ASP E 102 -27.20 22.34 3.27
N VAL E 103 -26.20 22.73 2.48
CA VAL E 103 -24.93 22.02 2.41
C VAL E 103 -23.78 23.02 2.54
N GLN E 104 -22.82 22.70 3.40
CA GLN E 104 -21.57 23.45 3.50
C GLN E 104 -20.41 22.48 3.34
N VAL E 105 -19.56 22.74 2.35
CA VAL E 105 -18.42 21.87 2.05
C VAL E 105 -17.25 22.29 2.93
N GLU E 106 -16.64 21.33 3.62
CA GLU E 106 -15.54 21.64 4.51
C GLU E 106 -14.18 21.50 3.83
N SER E 107 -13.90 20.35 3.22
CA SER E 107 -12.63 20.14 2.56
C SER E 107 -12.72 18.94 1.64
N LEU E 108 -11.80 18.86 0.69
CA LEU E 108 -11.62 17.70 -0.17
C LEU E 108 -10.36 16.96 0.28
N ASP E 109 -10.49 15.66 0.55
CA ASP E 109 -9.42 14.90 1.15
C ASP E 109 -8.43 14.32 0.15
N SER E 110 -8.89 13.62 -0.87
CA SER E 110 -7.99 12.99 -1.83
C SER E 110 -8.77 12.64 -3.08
N ILE E 111 -8.04 12.34 -4.15
CA ILE E 111 -8.63 11.94 -5.42
C ILE E 111 -7.77 10.81 -5.99
N SER E 112 -8.43 9.79 -6.55
CA SER E 112 -7.76 8.62 -7.09
C SER E 112 -8.03 8.56 -8.58
N GLU E 113 -6.96 8.50 -9.37
CA GLU E 113 -7.09 8.44 -10.83
C GLU E 113 -7.22 7.01 -11.35
N VAL E 114 -6.84 6.02 -10.55
CA VAL E 114 -6.98 4.63 -10.99
C VAL E 114 -8.37 4.10 -10.68
N ASP E 115 -8.84 4.31 -9.45
CA ASP E 115 -10.18 3.87 -9.06
C ASP E 115 -11.26 4.86 -9.44
N MET E 116 -10.89 6.07 -9.85
CA MET E 116 -11.83 7.09 -10.33
C MET E 116 -12.88 7.43 -9.26
N ASP E 117 -12.41 7.99 -8.15
CA ASP E 117 -13.28 8.44 -7.08
C ASP E 117 -12.62 9.58 -6.31
N PHE E 118 -13.44 10.30 -5.56
CA PHE E 118 -12.96 11.41 -4.74
C PHE E 118 -13.64 11.36 -3.38
N THR E 119 -13.00 11.97 -2.39
CA THR E 119 -13.49 12.00 -1.02
C THR E 119 -13.80 13.43 -0.61
N MET E 120 -14.98 13.63 -0.01
CA MET E 120 -15.43 14.96 0.41
C MET E 120 -16.00 14.89 1.82
N THR E 121 -15.78 15.96 2.58
CA THR E 121 -16.33 16.11 3.92
C THR E 121 -17.20 17.36 3.94
N LEU E 122 -18.40 17.25 4.52
CA LEU E 122 -19.37 18.33 4.44
C LEU E 122 -20.31 18.28 5.62
N TYR E 123 -21.04 19.39 5.82
CA TYR E 123 -22.11 19.48 6.80
C TYR E 123 -23.44 19.40 6.08
N LEU E 124 -24.35 18.56 6.58
CA LEU E 124 -25.65 18.37 5.97
C LEU E 124 -26.74 18.79 6.95
N ARG E 125 -27.66 19.62 6.51
CA ARG E 125 -28.73 20.15 7.34
C ARG E 125 -30.08 19.91 6.68
N HIS E 126 -31.10 19.64 7.50
CA HIS E 126 -32.45 19.40 7.04
C HIS E 126 -33.41 20.34 7.75
N TYR E 127 -34.47 20.74 7.04
CA TYR E 127 -35.50 21.60 7.60
C TYR E 127 -36.87 21.04 7.27
N TRP E 128 -37.70 20.87 8.30
CA TRP E 128 -39.08 20.42 8.10
C TRP E 128 -39.88 20.79 9.34
N LYS E 129 -41.20 20.67 9.24
CA LYS E 129 -42.11 21.01 10.31
C LYS E 129 -42.90 19.78 10.74
N ASP E 130 -43.04 19.59 12.05
CA ASP E 130 -43.77 18.46 12.61
C ASP E 130 -44.55 18.97 13.82
N GLU E 131 -45.88 19.02 13.70
CA GLU E 131 -46.71 19.54 14.78
C GLU E 131 -46.71 18.64 16.02
N ARG E 132 -46.33 17.38 15.87
CA ARG E 132 -46.34 16.46 16.99
C ARG E 132 -45.26 16.78 18.02
N LEU E 133 -44.27 17.60 17.66
CA LEU E 133 -43.17 17.95 18.55
C LEU E 133 -43.36 19.32 19.19
N SER E 134 -44.52 19.93 19.04
CA SER E 134 -44.77 21.24 19.65
C SER E 134 -44.85 21.12 21.17
N PHE E 135 -44.36 22.14 21.86
CA PHE E 135 -44.40 22.19 23.31
C PHE E 135 -44.79 23.59 23.74
N PRO E 136 -45.48 23.72 24.88
CA PRO E 136 -45.89 25.06 25.34
C PRO E 136 -44.69 25.82 25.90
N SER E 137 -44.61 27.10 25.56
CA SER E 137 -43.53 27.96 26.04
C SER E 137 -44.03 29.40 26.08
N THR E 138 -43.54 30.15 27.08
CA THR E 138 -43.91 31.55 27.21
C THR E 138 -43.07 32.46 26.33
N ASN E 139 -42.06 31.92 25.66
CA ASN E 139 -41.19 32.71 24.79
C ASN E 139 -40.80 31.86 23.59
N ASN E 140 -40.00 32.46 22.71
CA ASN E 140 -39.53 31.79 21.50
C ASN E 140 -38.23 31.02 21.71
N LEU E 141 -37.90 30.66 22.95
CA LEU E 141 -36.66 29.95 23.23
C LEU E 141 -36.78 28.51 22.76
N SER E 142 -35.93 28.13 21.81
CA SER E 142 -35.93 26.77 21.29
C SER E 142 -35.04 25.87 22.14
N MET E 143 -35.39 24.59 22.16
CA MET E 143 -34.62 23.61 22.91
C MET E 143 -33.60 22.92 22.02
N THR E 144 -32.53 22.43 22.64
CA THR E 144 -31.46 21.74 21.94
C THR E 144 -31.31 20.34 22.53
N PHE E 145 -31.11 19.35 21.65
CA PHE E 145 -31.01 17.96 22.07
C PHE E 145 -29.77 17.34 21.43
N ASP E 146 -29.64 16.02 21.60
CA ASP E 146 -28.48 15.31 21.09
C ASP E 146 -28.92 14.14 20.21
N GLY E 147 -27.97 13.27 19.85
CA GLY E 147 -28.27 12.14 18.98
C GLY E 147 -29.12 11.06 19.63
N ARG E 148 -29.27 11.09 20.96
CA ARG E 148 -30.09 10.07 21.62
C ARG E 148 -31.56 10.25 21.30
N LEU E 149 -32.02 11.49 21.12
CA LEU E 149 -33.42 11.73 20.80
C LEU E 149 -33.76 11.33 19.37
N VAL E 150 -32.76 11.24 18.49
CA VAL E 150 -33.00 10.92 17.08
C VAL E 150 -33.65 9.55 16.93
N LYS E 151 -33.25 8.58 17.77
CA LYS E 151 -33.78 7.23 17.66
C LYS E 151 -35.26 7.14 17.99
N LYS E 152 -35.84 8.19 18.57
CA LYS E 152 -37.26 8.20 18.93
C LYS E 152 -38.14 8.94 17.94
N ILE E 153 -37.71 10.13 17.50
CA ILE E 153 -38.51 10.95 16.59
C ILE E 153 -38.26 10.51 15.16
N TRP E 154 -39.14 10.90 14.24
CA TRP E 154 -39.00 10.57 12.84
C TRP E 154 -38.07 11.56 12.15
N VAL E 155 -37.15 11.04 11.34
CA VAL E 155 -36.16 11.86 10.65
C VAL E 155 -36.04 11.40 9.21
N PRO E 156 -35.66 12.30 8.31
CA PRO E 156 -35.48 11.93 6.90
C PRO E 156 -34.33 10.95 6.73
N ASP E 157 -34.36 10.23 5.60
CA ASP E 157 -33.43 9.15 5.35
C ASP E 157 -32.61 9.39 4.07
N MET E 158 -32.10 10.60 3.90
CA MET E 158 -31.33 10.94 2.71
C MET E 158 -30.06 10.08 2.63
N PHE E 159 -29.73 9.65 1.41
CA PHE E 159 -28.52 8.88 1.17
C PHE E 159 -27.86 9.38 -0.12
N PHE E 160 -26.56 9.12 -0.22
CA PHE E 160 -25.75 9.58 -1.34
C PHE E 160 -25.69 8.50 -2.41
N VAL E 161 -26.16 8.82 -3.61
CA VAL E 161 -26.20 7.85 -4.69
C VAL E 161 -24.80 7.67 -5.28
N HIS E 162 -24.53 6.47 -5.79
CA HIS E 162 -23.26 6.13 -6.44
C HIS E 162 -22.07 6.26 -5.50
N SER E 163 -22.29 6.20 -4.20
CA SER E 163 -21.19 6.30 -3.24
C SER E 163 -20.60 4.93 -2.97
N LYS E 164 -19.29 4.89 -2.72
CA LYS E 164 -18.61 3.64 -2.42
C LYS E 164 -18.55 3.35 -0.93
N ARG E 165 -18.23 4.35 -0.12
CA ARG E 165 -18.18 4.17 1.33
C ARG E 165 -18.38 5.53 1.99
N SER E 166 -18.95 5.50 3.19
CA SER E 166 -19.20 6.71 3.95
C SER E 166 -19.39 6.35 5.42
N PHE E 167 -19.18 7.34 6.28
CA PHE E 167 -19.34 7.14 7.73
C PHE E 167 -19.58 8.48 8.39
N ILE E 168 -20.14 8.43 9.60
CA ILE E 168 -20.40 9.61 10.41
C ILE E 168 -19.42 9.63 11.57
N HIS E 169 -18.78 10.78 11.78
CA HIS E 169 -17.80 10.90 12.85
C HIS E 169 -18.48 10.79 14.22
N ASP E 170 -17.74 10.22 15.18
CA ASP E 170 -18.30 9.99 16.51
C ASP E 170 -17.32 10.35 17.63
N THR E 171 -16.46 11.34 17.43
CA THR E 171 -15.49 11.78 18.43
C THR E 171 -15.74 13.23 18.77
N THR E 172 -15.91 13.52 20.06
CA THR E 172 -15.87 12.52 21.12
C THR E 172 -17.24 11.87 21.30
N THR E 173 -18.22 12.38 20.57
CA THR E 173 -19.56 11.79 20.55
C THR E 173 -20.13 11.97 19.15
N ASP E 174 -21.33 11.46 18.94
CA ASP E 174 -21.98 11.58 17.64
C ASP E 174 -22.17 13.05 17.28
N ASN E 175 -21.77 13.40 16.06
CA ASN E 175 -21.87 14.78 15.57
C ASN E 175 -23.27 15.02 15.00
N VAL E 176 -24.25 15.06 15.90
CA VAL E 176 -25.64 15.28 15.54
C VAL E 176 -26.22 16.31 16.50
N MET E 177 -27.01 17.24 15.97
CA MET E 177 -27.69 18.24 16.78
C MET E 177 -29.16 18.30 16.37
N LEU E 178 -29.99 18.69 17.33
CA LEU E 178 -31.42 18.88 17.09
C LEU E 178 -31.89 20.16 17.76
N ARG E 179 -32.62 20.98 17.03
CA ARG E 179 -33.22 22.20 17.56
C ARG E 179 -34.70 22.21 17.19
N VAL E 180 -35.56 22.37 18.19
CA VAL E 180 -37.00 22.30 18.01
C VAL E 180 -37.60 23.63 18.43
N GLN E 181 -38.31 24.28 17.51
CA GLN E 181 -39.03 25.50 17.79
C GLN E 181 -40.29 25.19 18.60
N PRO E 182 -40.84 26.18 19.31
CA PRO E 182 -42.08 25.95 20.06
C PRO E 182 -43.24 25.50 19.18
N ASP E 183 -43.32 25.99 17.94
CA ASP E 183 -44.41 25.61 17.04
C ASP E 183 -44.14 24.31 16.29
N GLY E 184 -42.99 23.68 16.50
CA GLY E 184 -42.72 22.39 15.91
C GLY E 184 -41.73 22.37 14.77
N LYS E 185 -41.13 23.50 14.42
CA LYS E 185 -40.10 23.51 13.39
C LYS E 185 -38.82 22.85 13.92
N VAL E 186 -38.22 22.01 13.08
CA VAL E 186 -37.10 21.17 13.49
C VAL E 186 -35.92 21.41 12.57
N LEU E 187 -34.74 21.57 13.16
CA LEU E 187 -33.48 21.65 12.43
C LEU E 187 -32.63 20.43 12.79
N TYR E 188 -32.16 19.72 11.76
CA TYR E 188 -31.39 18.50 11.94
C TYR E 188 -30.09 18.63 11.16
N SER E 189 -28.96 18.48 11.85
CA SER E 189 -27.65 18.67 11.24
C SER E 189 -26.72 17.53 11.63
N LEU E 190 -25.84 17.16 10.72
CA LEU E 190 -24.86 16.11 10.99
C LEU E 190 -23.65 16.30 10.08
N ARG E 191 -22.52 15.75 10.52
CA ARG E 191 -21.26 15.85 9.81
C ARG E 191 -20.86 14.48 9.29
N VAL E 192 -20.61 14.38 7.98
CA VAL E 192 -20.42 13.09 7.32
C VAL E 192 -19.37 13.22 6.23
N THR E 193 -18.58 12.16 6.07
CA THR E 193 -17.58 12.05 5.01
C THR E 193 -18.03 10.98 4.02
N VAL E 194 -18.01 11.32 2.73
CA VAL E 194 -18.54 10.46 1.69
C VAL E 194 -17.55 10.36 0.55
N THR E 195 -17.41 9.16 -0.01
CA THR E 195 -16.60 8.90 -1.19
C THR E 195 -17.52 8.51 -2.34
N ALA E 196 -17.36 9.18 -3.49
CA ALA E 196 -18.24 8.98 -4.62
C ALA E 196 -17.42 8.73 -5.88
N MET E 197 -17.97 7.93 -6.79
CA MET E 197 -17.30 7.60 -8.04
C MET E 197 -17.46 8.74 -9.04
N CYS E 198 -16.52 8.80 -9.99
CA CYS E 198 -16.55 9.82 -11.03
C CYS E 198 -15.79 9.30 -12.24
N ASN E 199 -16.48 9.18 -13.37
CA ASN E 199 -15.86 8.73 -14.61
C ASN E 199 -14.90 9.80 -15.13
N MET E 200 -13.70 9.39 -15.52
CA MET E 200 -12.68 10.30 -16.01
C MET E 200 -12.16 9.81 -17.35
N ASP E 201 -11.78 10.75 -18.21
CA ASP E 201 -11.19 10.45 -19.52
C ASP E 201 -9.79 11.04 -19.57
N PHE E 202 -8.81 10.19 -19.88
CA PHE E 202 -7.41 10.59 -19.91
C PHE E 202 -6.84 10.63 -21.33
N SER E 203 -7.69 10.73 -22.34
CA SER E 203 -7.20 10.77 -23.72
C SER E 203 -6.35 12.01 -23.98
N ARG E 204 -6.69 13.14 -23.38
CA ARG E 204 -5.98 14.39 -23.60
C ARG E 204 -4.98 14.71 -22.49
N PHE E 205 -4.54 13.71 -21.74
CA PHE E 205 -3.56 13.92 -20.70
C PHE E 205 -2.27 14.49 -21.30
N PRO E 206 -1.60 15.45 -20.64
CA PRO E 206 -1.95 16.06 -19.35
C PRO E 206 -2.80 17.33 -19.46
N LEU E 207 -3.42 17.56 -20.62
CA LEU E 207 -4.23 18.75 -20.83
C LEU E 207 -5.72 18.49 -20.61
N ASP E 208 -6.07 17.37 -19.98
CA ASP E 208 -7.47 17.01 -19.81
C ASP E 208 -8.13 17.88 -18.74
N THR E 209 -9.46 17.99 -18.84
CA THR E 209 -10.28 18.67 -17.86
C THR E 209 -11.38 17.74 -17.40
N GLN E 210 -11.55 17.62 -16.09
CA GLN E 210 -12.47 16.65 -15.52
C GLN E 210 -13.60 17.38 -14.78
N THR E 211 -14.79 16.78 -14.81
CA THR E 211 -15.97 17.30 -14.13
C THR E 211 -16.50 16.22 -13.20
N CYS E 212 -16.93 16.63 -12.01
CA CYS E 212 -17.41 15.71 -10.99
C CYS E 212 -18.75 16.20 -10.46
N SER E 213 -19.51 15.28 -9.85
CA SER E 213 -20.80 15.63 -9.28
C SER E 213 -21.07 14.76 -8.07
N LEU E 214 -21.85 15.30 -7.14
CA LEU E 214 -22.31 14.59 -5.95
C LEU E 214 -23.83 14.62 -5.92
N GLU E 215 -24.44 13.49 -5.60
CA GLU E 215 -25.88 13.32 -5.69
C GLU E 215 -26.48 12.95 -4.34
N ILE E 216 -27.61 13.57 -4.00
CA ILE E 216 -28.33 13.30 -2.76
C ILE E 216 -29.77 12.95 -3.12
N GLU E 217 -30.28 11.89 -2.52
CA GLU E 217 -31.61 11.39 -2.86
C GLU E 217 -32.22 10.70 -1.66
N SER E 218 -33.55 10.75 -1.57
CA SER E 218 -34.29 10.00 -0.57
C SER E 218 -34.37 8.53 -0.96
N TYR E 219 -34.30 7.65 0.04
CA TYR E 219 -34.23 6.22 -0.25
C TYR E 219 -35.62 5.61 -0.40
N ALA E 220 -36.45 5.72 0.64
CA ALA E 220 -37.69 4.96 0.70
C ALA E 220 -38.92 5.73 0.24
N TYR E 221 -38.92 7.05 0.34
CA TYR E 221 -40.11 7.85 0.06
C TYR E 221 -40.01 8.46 -1.34
N THR E 222 -41.03 8.23 -2.15
CA THR E 222 -41.07 8.77 -3.50
C THR E 222 -41.52 10.23 -3.47
N GLU E 223 -41.67 10.82 -4.67
CA GLU E 223 -42.10 12.20 -4.77
C GLU E 223 -43.53 12.39 -4.29
N ASP E 224 -44.33 11.33 -4.24
CA ASP E 224 -45.70 11.43 -3.75
C ASP E 224 -45.78 11.54 -2.24
N ASP E 225 -44.71 11.22 -1.53
CA ASP E 225 -44.69 11.29 -0.08
C ASP E 225 -43.70 12.29 0.50
N LEU E 226 -42.57 12.51 -0.17
CA LEU E 226 -41.57 13.45 0.31
C LEU E 226 -41.10 14.31 -0.86
N MET E 227 -41.07 15.62 -0.65
CA MET E 227 -40.64 16.57 -1.66
C MET E 227 -39.35 17.24 -1.19
N LEU E 228 -38.30 17.13 -2.01
CA LEU E 228 -36.96 17.57 -1.65
C LEU E 228 -36.56 18.74 -2.54
N TYR E 229 -36.01 19.79 -1.93
CA TYR E 229 -35.62 20.98 -2.67
C TYR E 229 -34.57 21.75 -1.89
N TRP E 230 -33.83 22.60 -2.59
CA TRP E 230 -32.88 23.50 -1.94
C TRP E 230 -33.65 24.62 -1.24
N LYS E 231 -33.32 24.87 0.02
CA LYS E 231 -34.10 25.84 0.81
C LYS E 231 -33.95 27.26 0.29
N LYS E 232 -32.75 27.65 -0.12
CA LYS E 232 -32.49 29.02 -0.57
C LYS E 232 -31.92 29.08 -1.98
N GLY E 233 -32.25 28.10 -2.82
CA GLY E 233 -31.78 28.13 -4.19
C GLY E 233 -30.28 27.93 -4.28
N ASN E 234 -29.64 28.73 -5.14
CA ASN E 234 -28.21 28.61 -5.35
C ASN E 234 -27.39 29.16 -4.19
N ASP E 235 -28.01 29.86 -3.24
CA ASP E 235 -27.30 30.35 -2.08
C ASP E 235 -27.15 29.31 -0.98
N SER E 236 -27.71 28.12 -1.16
CA SER E 236 -27.67 27.08 -0.15
C SER E 236 -26.34 26.35 -0.07
N LEU E 237 -25.42 26.61 -1.00
CA LEU E 237 -24.13 25.94 -1.03
C LEU E 237 -23.04 26.91 -0.57
N LYS E 238 -22.27 26.49 0.42
CA LYS E 238 -21.15 27.27 0.93
C LYS E 238 -19.88 26.43 0.89
N THR E 239 -18.75 27.09 0.69
CA THR E 239 -17.47 26.41 0.58
C THR E 239 -16.46 27.06 1.51
N ASP E 240 -15.60 26.25 2.11
CA ASP E 240 -14.54 26.76 2.95
C ASP E 240 -13.52 27.53 2.12
N GLU E 241 -12.92 28.55 2.71
CA GLU E 241 -11.95 29.36 1.99
C GLU E 241 -10.60 28.66 1.80
N ARG E 242 -10.35 27.59 2.55
CA ARG E 242 -9.05 26.93 2.55
C ARG E 242 -9.07 25.59 1.81
N ILE E 243 -10.11 25.32 1.04
CA ILE E 243 -10.18 24.06 0.29
C ILE E 243 -9.18 24.09 -0.85
N SER E 244 -8.38 23.04 -0.97
CA SER E 244 -7.36 22.98 -2.00
C SER E 244 -6.95 21.53 -2.23
N LEU E 245 -6.29 21.29 -3.36
CA LEU E 245 -5.76 19.98 -3.71
C LEU E 245 -4.29 20.11 -4.08
N SER E 246 -3.54 19.02 -3.87
CA SER E 246 -2.11 19.06 -4.11
C SER E 246 -1.77 19.19 -5.59
N GLN E 247 -2.52 18.51 -6.46
CA GLN E 247 -2.20 18.49 -7.89
C GLN E 247 -3.36 18.89 -8.79
N PHE E 248 -4.43 19.47 -8.24
CA PHE E 248 -5.57 19.88 -9.03
C PHE E 248 -6.01 21.28 -8.61
N LEU E 249 -6.70 21.95 -9.52
CA LEU E 249 -7.31 23.26 -9.25
C LEU E 249 -8.83 23.12 -9.28
N ILE E 250 -9.49 23.61 -8.24
CA ILE E 250 -10.93 23.44 -8.05
C ILE E 250 -11.62 24.76 -8.32
N GLN E 251 -12.71 24.71 -9.10
CA GLN E 251 -13.44 25.92 -9.46
C GLN E 251 -14.85 25.54 -9.89
N GLU E 252 -15.69 26.57 -10.02
CA GLU E 252 -17.03 26.45 -10.60
C GLU E 252 -17.94 25.54 -9.77
N PHE E 253 -18.17 25.93 -8.52
CA PHE E 253 -19.16 25.24 -7.70
C PHE E 253 -20.56 25.78 -7.99
N HIS E 254 -21.48 24.88 -8.31
CA HIS E 254 -22.87 25.26 -8.52
C HIS E 254 -23.76 24.04 -8.30
N THR E 255 -25.04 24.30 -8.10
CA THR E 255 -26.01 23.27 -7.76
C THR E 255 -27.11 23.19 -8.80
N THR E 256 -27.62 21.98 -9.02
CA THR E 256 -28.71 21.73 -9.95
C THR E 256 -29.62 20.64 -9.39
N THR E 257 -30.79 20.49 -9.99
CA THR E 257 -31.77 19.49 -9.57
C THR E 257 -32.29 18.74 -10.79
N LYS E 258 -32.72 17.50 -10.55
CA LYS E 258 -33.27 16.66 -11.62
C LYS E 258 -34.11 15.56 -11.00
N LEU E 259 -35.00 15.00 -11.81
CA LEU E 259 -35.85 13.90 -11.39
C LEU E 259 -35.29 12.58 -11.87
N ALA E 260 -35.30 11.58 -11.00
CA ALA E 260 -34.83 10.24 -11.33
C ALA E 260 -36.00 9.25 -11.30
N PHE E 261 -35.94 8.26 -12.18
CA PHE E 261 -37.00 7.27 -12.32
C PHE E 261 -36.42 5.87 -12.10
N TYR E 262 -37.14 5.07 -11.32
CA TYR E 262 -36.82 3.66 -11.12
C TYR E 262 -37.99 2.84 -11.63
N SER E 263 -37.69 1.79 -12.41
CA SER E 263 -38.74 1.02 -13.05
C SER E 263 -39.64 0.32 -12.04
N SER E 264 -39.07 -0.25 -10.97
CA SER E 264 -39.86 -1.03 -10.04
C SER E 264 -40.31 -0.25 -8.82
N THR E 265 -39.91 1.01 -8.66
CA THR E 265 -40.28 1.74 -7.46
C THR E 265 -41.00 3.04 -7.74
N GLY E 266 -40.59 3.78 -8.77
CA GLY E 266 -41.27 5.01 -9.12
C GLY E 266 -40.28 6.14 -9.33
N TRP E 267 -40.75 7.36 -9.08
CA TRP E 267 -39.99 8.58 -9.33
C TRP E 267 -39.40 9.12 -8.03
N TYR E 268 -38.25 9.79 -8.14
CA TYR E 268 -37.57 10.38 -6.99
C TYR E 268 -36.97 11.73 -7.37
N ASN E 269 -36.92 12.64 -6.41
CA ASN E 269 -36.20 13.89 -6.58
C ASN E 269 -34.73 13.71 -6.24
N ARG E 270 -33.86 14.34 -7.03
CA ARG E 270 -32.42 14.21 -6.85
C ARG E 270 -31.77 15.59 -6.89
N LEU E 271 -30.74 15.77 -6.08
CA LEU E 271 -29.99 17.02 -6.00
C LEU E 271 -28.54 16.79 -6.44
N TYR E 272 -27.93 17.84 -6.98
CA TYR E 272 -26.59 17.75 -7.55
C TYR E 272 -25.70 18.86 -7.04
N ILE E 273 -24.42 18.54 -6.85
CA ILE E 273 -23.37 19.53 -6.59
C ILE E 273 -22.24 19.29 -7.59
N ASN E 274 -21.86 20.34 -8.31
CA ASN E 274 -20.93 20.20 -9.43
C ASN E 274 -19.70 21.08 -9.22
N PHE E 275 -18.58 20.61 -9.76
CA PHE E 275 -17.33 21.37 -9.75
C PHE E 275 -16.42 20.83 -10.84
N THR E 276 -15.36 21.58 -11.13
CA THR E 276 -14.43 21.27 -12.21
C THR E 276 -13.01 21.23 -11.69
N LEU E 277 -12.18 20.39 -12.32
CA LEU E 277 -10.80 20.19 -11.91
C LEU E 277 -9.86 20.42 -13.09
N ARG E 278 -8.69 21.01 -12.81
CA ARG E 278 -7.68 21.25 -13.82
C ARG E 278 -6.30 20.93 -13.25
N ARG E 279 -5.35 20.72 -14.14
CA ARG E 279 -3.99 20.33 -13.77
C ARG E 279 -3.03 21.50 -13.90
N HIS E 280 -1.79 21.27 -13.48
CA HIS E 280 -0.69 22.22 -13.67
C HIS E 280 0.06 21.81 -14.94
N ILE E 281 -0.11 22.61 -16.00
CA ILE E 281 0.43 22.24 -17.30
C ILE E 281 1.96 22.33 -17.31
N PHE E 282 2.50 23.39 -16.71
CA PHE E 282 3.94 23.68 -16.89
C PHE E 282 4.83 22.62 -16.27
N PHE E 283 4.35 21.90 -15.27
CA PHE E 283 5.18 20.86 -14.65
C PHE E 283 5.44 19.72 -15.61
N PHE E 284 4.40 19.27 -16.31
CA PHE E 284 4.55 18.12 -17.21
C PHE E 284 5.37 18.46 -18.44
N LEU E 285 5.32 19.70 -18.90
CA LEU E 285 6.11 20.09 -20.06
C LEU E 285 7.60 19.97 -19.77
N LEU E 286 8.02 20.40 -18.57
CA LEU E 286 9.44 20.35 -18.22
C LEU E 286 9.92 18.92 -18.04
N GLN E 287 9.11 18.07 -17.41
CA GLN E 287 9.54 16.72 -17.09
C GLN E 287 9.51 15.77 -18.28
N THR E 288 8.56 15.94 -19.20
CA THR E 288 8.38 14.95 -20.26
C THR E 288 8.73 15.50 -21.64
N TYR E 289 8.11 16.63 -22.02
CA TYR E 289 8.33 17.16 -23.37
C TYR E 289 9.72 17.74 -23.52
N PHE E 290 10.24 18.40 -22.47
CA PHE E 290 11.55 19.05 -22.59
C PHE E 290 12.68 18.06 -22.83
N PRO E 291 12.84 16.97 -22.05
CA PRO E 291 13.95 16.05 -22.33
C PRO E 291 13.87 15.39 -23.70
N ALA E 292 12.65 15.10 -24.18
CA ALA E 292 12.51 14.40 -25.45
C ALA E 292 13.00 15.25 -26.62
N THR E 293 12.71 16.56 -26.59
CA THR E 293 13.13 17.42 -27.69
C THR E 293 14.64 17.56 -27.75
N LEU E 294 15.31 17.66 -26.59
CA LEU E 294 16.76 17.84 -26.58
C LEU E 294 17.47 16.63 -27.18
N MET E 295 17.01 15.42 -26.86
CA MET E 295 17.68 14.23 -27.38
C MET E 295 17.52 14.11 -28.89
N VAL E 296 16.36 14.49 -29.43
CA VAL E 296 16.17 14.45 -30.88
C VAL E 296 17.11 15.42 -31.56
N MET E 297 17.24 16.64 -31.03
CA MET E 297 18.16 17.60 -31.60
C MET E 297 19.60 17.15 -31.43
N LEU E 298 19.88 16.34 -30.40
CA LEU E 298 21.24 15.86 -30.18
C LEU E 298 21.67 14.86 -31.24
N SER E 299 20.74 14.11 -31.82
CA SER E 299 21.11 13.14 -32.84
C SER E 299 21.45 13.82 -34.16
N TRP E 300 20.96 15.04 -34.38
CA TRP E 300 21.26 15.76 -35.61
C TRP E 300 22.72 16.21 -35.68
N VAL E 301 23.46 16.12 -34.57
CA VAL E 301 24.87 16.50 -34.56
C VAL E 301 25.68 15.60 -35.47
N SER E 302 25.32 14.31 -35.53
CA SER E 302 26.10 13.35 -36.31
C SER E 302 26.13 13.68 -37.79
N PHE E 303 25.18 14.49 -38.27
CA PHE E 303 25.17 14.88 -39.67
C PHE E 303 26.29 15.85 -40.02
N TRP E 304 26.98 16.41 -39.03
CA TRP E 304 28.04 17.37 -39.26
C TRP E 304 29.43 16.81 -38.99
N ILE E 305 29.54 15.57 -38.56
CA ILE E 305 30.82 14.93 -38.30
C ILE E 305 31.30 14.23 -39.56
N ASP E 306 32.61 14.18 -39.74
CA ASP E 306 33.21 13.58 -40.93
C ASP E 306 32.81 12.10 -41.04
N ARG E 307 32.43 11.69 -42.25
CA ARG E 307 31.97 10.32 -42.46
C ARG E 307 33.08 9.29 -42.31
N ARG E 308 34.35 9.71 -42.42
CA ARG E 308 35.47 8.78 -42.31
C ARG E 308 35.70 8.31 -40.87
N ALA E 309 35.15 9.01 -39.89
CA ALA E 309 35.32 8.64 -38.48
C ALA E 309 34.26 7.59 -38.08
N VAL E 310 34.45 6.38 -38.60
CA VAL E 310 33.56 5.25 -38.31
C VAL E 310 33.50 4.96 -36.80
N PRO E 311 34.62 4.92 -36.07
CA PRO E 311 34.52 4.65 -34.63
C PRO E 311 33.86 5.77 -33.82
N ALA E 312 33.47 6.88 -34.46
CA ALA E 312 32.80 7.97 -33.76
C ALA E 312 31.32 8.07 -34.10
N ARG E 313 30.97 7.92 -35.39
CA ARG E 313 29.58 8.05 -35.80
C ARG E 313 28.71 6.94 -35.23
N VAL E 314 29.20 5.71 -35.23
CA VAL E 314 28.40 4.55 -34.83
C VAL E 314 28.12 4.56 -33.33
N PRO E 315 29.11 4.73 -32.45
CA PRO E 315 28.79 4.77 -31.00
C PRO E 315 27.86 5.90 -30.61
N LEU E 316 27.96 7.05 -31.29
CA LEU E 316 27.09 8.17 -30.97
C LEU E 316 25.62 7.83 -31.24
N GLY E 317 25.35 7.19 -32.37
CA GLY E 317 23.99 6.84 -32.74
C GLY E 317 23.32 5.83 -31.82
N ILE E 318 24.04 4.76 -31.48
CA ILE E 318 23.46 3.70 -30.66
C ILE E 318 23.25 4.18 -29.23
N THR E 319 24.15 5.00 -28.70
CA THR E 319 24.03 5.47 -27.32
C THR E 319 22.83 6.40 -27.16
N THR E 320 22.51 7.20 -28.18
CA THR E 320 21.35 8.07 -28.10
C THR E 320 20.05 7.27 -27.99
N VAL E 321 19.98 6.14 -28.69
CA VAL E 321 18.81 5.27 -28.59
C VAL E 321 18.68 4.72 -27.18
N LEU E 322 19.81 4.35 -26.56
CA LEU E 322 19.79 3.84 -25.20
C LEU E 322 19.32 4.92 -24.23
N THR E 323 19.78 6.17 -24.41
CA THR E 323 19.38 7.25 -23.52
C THR E 323 17.89 7.52 -23.63
N MET E 324 17.36 7.51 -24.87
CA MET E 324 15.94 7.73 -25.07
C MET E 324 15.09 6.64 -24.43
N SER E 325 15.56 5.39 -24.49
CA SER E 325 14.80 4.28 -23.93
C SER E 325 14.63 4.42 -22.42
N THR E 326 15.69 4.87 -21.72
CA THR E 326 15.60 5.04 -20.27
C THR E 326 14.63 6.15 -19.89
N ILE E 327 14.56 7.22 -20.69
CA ILE E 327 13.64 8.31 -20.40
C ILE E 327 12.19 7.83 -20.48
N ILE E 328 11.88 7.06 -21.53
CA ILE E 328 10.51 6.59 -21.73
C ILE E 328 10.10 5.66 -20.60
N THR E 329 11.02 4.77 -20.19
CA THR E 329 10.70 3.83 -19.11
C THR E 329 10.44 4.57 -17.80
N GLY E 330 11.22 5.60 -17.50
CA GLY E 330 11.04 6.34 -16.26
C GLY E 330 9.71 7.09 -16.22
N VAL E 331 9.30 7.65 -17.36
CA VAL E 331 8.05 8.42 -17.40
C VAL E 331 6.85 7.52 -17.13
N ASN E 332 6.85 6.31 -17.72
CA ASN E 332 5.72 5.40 -17.54
C ASN E 332 5.55 5.01 -16.08
N ALA E 333 6.65 4.81 -15.35
CA ALA E 333 6.56 4.41 -13.96
C ALA E 333 5.92 5.50 -13.09
N SER E 334 6.17 6.77 -13.42
CA SER E 334 5.63 7.86 -12.63
C SER E 334 4.15 8.12 -12.88
N MET E 335 3.66 7.85 -14.08
CA MET E 335 2.27 8.09 -14.43
C MET E 335 1.39 6.99 -13.87
N PRO E 336 0.11 7.29 -13.62
CA PRO E 336 -0.80 6.25 -13.12
C PRO E 336 -1.02 5.14 -14.14
N ARG E 337 -1.37 3.96 -13.62
CA ARG E 337 -1.54 2.77 -14.45
C ARG E 337 -2.85 2.85 -15.25
N VAL E 338 -2.85 3.75 -16.23
CA VAL E 338 -3.97 3.91 -17.14
C VAL E 338 -3.63 3.13 -18.40
N SER E 339 -4.41 2.09 -18.69
CA SER E 339 -4.06 1.13 -19.73
C SER E 339 -4.71 1.44 -21.07
N TYR E 340 -4.50 2.65 -21.59
CA TYR E 340 -4.85 2.94 -22.98
C TYR E 340 -4.01 4.13 -23.44
N ILE E 341 -3.99 4.32 -24.77
CA ILE E 341 -3.12 5.32 -25.37
C ILE E 341 -3.57 6.72 -24.98
N LYS E 342 -2.62 7.55 -24.55
CA LYS E 342 -2.87 8.93 -24.17
C LYS E 342 -2.14 9.86 -25.13
N ALA E 343 -2.41 11.15 -24.97
CA ALA E 343 -1.77 12.15 -25.83
C ALA E 343 -0.26 12.19 -25.64
N VAL E 344 0.22 12.03 -24.40
CA VAL E 344 1.64 12.10 -24.13
C VAL E 344 2.38 10.93 -24.76
N ASP E 345 1.75 9.74 -24.80
CA ASP E 345 2.42 8.56 -25.34
C ASP E 345 2.71 8.72 -26.82
N ILE E 346 1.82 9.40 -27.56
CA ILE E 346 2.02 9.59 -28.99
C ILE E 346 3.27 10.42 -29.24
N TYR E 347 3.47 11.49 -28.47
CA TYR E 347 4.60 12.38 -28.69
C TYR E 347 5.93 11.67 -28.42
N LEU E 348 5.99 10.86 -27.36
CA LEU E 348 7.25 10.21 -26.99
C LEU E 348 7.68 9.19 -28.02
N TRP E 349 6.74 8.37 -28.53
CA TRP E 349 7.13 7.29 -29.44
C TRP E 349 7.45 7.80 -30.84
N VAL E 350 6.85 8.92 -31.25
CA VAL E 350 7.22 9.51 -32.53
C VAL E 350 8.66 10.02 -32.49
N SER E 351 9.06 10.62 -31.37
CA SER E 351 10.45 11.06 -31.22
C SER E 351 11.40 9.88 -31.24
N PHE E 352 10.98 8.74 -30.71
CA PHE E 352 11.83 7.54 -30.74
C PHE E 352 12.10 7.08 -32.16
N VAL E 353 11.10 7.20 -33.04
CA VAL E 353 11.28 6.81 -34.43
C VAL E 353 12.29 7.73 -35.12
N PHE E 354 12.27 9.02 -34.80
CA PHE E 354 13.21 9.95 -35.40
C PHE E 354 14.65 9.59 -35.04
N VAL E 355 14.89 9.19 -33.79
CA VAL E 355 16.23 8.77 -33.39
C VAL E 355 16.61 7.47 -34.10
N PHE E 356 15.66 6.55 -34.26
CA PHE E 356 15.94 5.29 -34.93
C PHE E 356 16.32 5.51 -36.39
N LEU E 357 15.63 6.43 -37.06
CA LEU E 357 15.90 6.66 -38.49
C LEU E 357 17.29 7.24 -38.71
N SER E 358 17.82 7.98 -37.73
CA SER E 358 19.16 8.56 -37.90
C SER E 358 20.24 7.49 -37.90
N VAL E 359 20.02 6.37 -37.19
CA VAL E 359 20.99 5.30 -37.18
C VAL E 359 21.07 4.61 -38.53
N LEU E 360 19.92 4.37 -39.16
CA LEU E 360 19.91 3.74 -40.48
C LEU E 360 20.49 4.67 -41.55
N GLU E 361 20.43 5.99 -41.32
CA GLU E 361 20.92 6.94 -42.31
C GLU E 361 22.42 6.80 -42.50
N TYR E 362 23.18 6.62 -41.41
CA TYR E 362 24.62 6.46 -41.55
C TYR E 362 24.99 5.12 -42.16
N ALA E 363 24.16 4.09 -41.95
CA ALA E 363 24.44 2.78 -42.54
C ALA E 363 24.44 2.85 -44.05
N ALA E 364 23.52 3.62 -44.63
CA ALA E 364 23.51 3.80 -46.08
C ALA E 364 24.74 4.54 -46.55
N VAL E 365 25.17 5.57 -45.81
CA VAL E 365 26.34 6.33 -46.19
C VAL E 365 27.60 5.46 -46.13
N ASN E 366 27.74 4.68 -45.07
CA ASN E 366 28.93 3.84 -44.92
C ASN E 366 29.01 2.77 -46.01
N TYR E 367 27.87 2.14 -46.32
CA TYR E 367 27.89 1.08 -47.32
C TYR E 367 28.21 1.62 -48.70
N LEU E 368 27.62 2.76 -49.07
CA LEU E 368 27.87 3.33 -50.39
C LEU E 368 29.31 3.77 -50.53
N THR E 369 29.89 4.34 -49.47
CA THR E 369 31.29 4.76 -49.53
C THR E 369 32.21 3.58 -49.73
N THR E 370 31.95 2.46 -49.03
CA THR E 370 32.79 1.28 -49.16
C THR E 370 32.72 0.70 -50.57
N VAL E 371 31.51 0.67 -51.15
CA VAL E 371 31.35 0.12 -52.50
C VAL E 371 32.13 0.96 -53.51
N GLN E 372 32.04 2.28 -53.38
CA GLN E 372 32.72 3.17 -54.33
C GLN E 372 34.23 3.00 -54.28
N GLU E 373 34.79 2.90 -53.06
CA GLU E 373 36.23 2.74 -52.93
C GLU E 373 36.71 1.42 -53.51
N ARG E 374 35.97 0.33 -53.26
CA ARG E 374 36.35 -0.97 -53.80
C ARG E 374 36.27 -0.97 -55.33
N LYS E 375 35.25 -0.31 -55.88
CA LYS E 375 35.10 -0.29 -57.33
C LYS E 375 36.27 0.42 -58.00
N GLU E 376 36.73 1.53 -57.43
CA GLU E 376 37.86 2.26 -57.99
C GLU E 376 39.13 1.42 -57.95
N GLN E 377 39.35 0.71 -56.84
CA GLN E 377 40.54 -0.13 -56.72
C GLN E 377 40.53 -1.26 -57.74
N LYS E 378 39.35 -1.86 -57.96
CA LYS E 378 39.24 -2.93 -58.95
C LYS E 378 39.48 -2.42 -60.36
N LEU E 379 39.01 -1.22 -60.66
CA LEU E 379 39.23 -0.65 -61.99
C LEU E 379 40.70 -0.34 -62.25
N ARG E 380 41.45 0.02 -61.20
CA ARG E 380 42.87 0.32 -61.34
C ARG E 380 43.71 -0.96 -61.21
N ASP E 451 34.97 15.29 -49.13
CA ASP E 451 33.75 15.81 -49.72
C ASP E 451 32.52 15.24 -49.02
N THR E 452 31.53 16.10 -48.78
CA THR E 452 30.31 15.69 -48.10
C THR E 452 29.44 14.87 -49.04
N HIS E 453 28.93 13.75 -48.53
CA HIS E 453 28.09 12.88 -49.34
C HIS E 453 26.74 13.55 -49.61
N ALA E 454 26.09 13.15 -50.70
CA ALA E 454 24.81 13.75 -51.07
C ALA E 454 23.74 13.48 -50.03
N ILE E 455 23.75 12.29 -49.42
CA ILE E 455 22.74 11.95 -48.41
C ILE E 455 22.87 12.87 -47.20
N ASP E 456 24.11 13.15 -46.77
CA ASP E 456 24.32 14.02 -45.62
C ASP E 456 23.83 15.43 -45.89
N LYS E 457 24.03 15.94 -47.12
CA LYS E 457 23.62 17.30 -47.42
C LYS E 457 22.11 17.47 -47.30
N TYR E 458 21.33 16.51 -47.80
CA TYR E 458 19.88 16.63 -47.74
C TYR E 458 19.35 16.33 -46.34
N SER E 459 20.00 15.43 -45.61
CA SER E 459 19.54 15.11 -44.26
C SER E 459 19.61 16.31 -43.33
N ARG E 460 20.54 17.24 -43.61
CA ARG E 460 20.64 18.44 -42.77
C ARG E 460 19.43 19.33 -42.90
N ILE E 461 18.67 19.19 -43.99
CA ILE E 461 17.49 20.03 -44.24
C ILE E 461 16.20 19.26 -43.99
N ILE E 462 16.11 18.02 -44.49
CA ILE E 462 14.86 17.27 -44.41
C ILE E 462 14.51 16.94 -42.97
N PHE E 463 15.48 16.48 -42.18
CA PHE E 463 15.20 16.08 -40.81
C PHE E 463 14.70 17.24 -39.94
N PRO E 464 15.35 18.41 -39.90
CA PRO E 464 14.77 19.52 -39.12
C PRO E 464 13.41 19.97 -39.63
N ALA E 465 13.19 19.95 -40.94
CA ALA E 465 11.92 20.40 -41.49
C ALA E 465 10.78 19.45 -41.11
N ALA E 466 11.05 18.14 -41.14
CA ALA E 466 10.01 17.17 -40.84
C ALA E 466 9.55 17.27 -39.38
N TYR E 467 10.49 17.50 -38.46
CA TYR E 467 10.14 17.56 -37.05
C TYR E 467 9.30 18.80 -36.73
N ILE E 468 9.60 19.93 -37.35
CA ILE E 468 8.82 21.13 -37.12
C ILE E 468 7.40 20.96 -37.65
N LEU E 469 7.26 20.29 -38.80
CA LEU E 469 5.93 20.02 -39.35
C LEU E 469 5.11 19.15 -38.41
N PHE E 470 5.74 18.17 -37.77
CA PHE E 470 5.04 17.30 -36.84
C PHE E 470 4.51 18.10 -35.64
N ASN E 471 5.31 19.04 -35.13
CA ASN E 471 4.90 19.81 -33.98
C ASN E 471 3.68 20.68 -34.30
N LEU E 472 3.65 21.28 -35.49
CA LEU E 472 2.53 22.13 -35.86
C LEU E 472 1.23 21.33 -35.93
N ILE E 473 1.28 20.12 -36.49
CA ILE E 473 0.09 19.29 -36.58
C ILE E 473 -0.32 18.79 -35.19
N TYR E 474 0.66 18.36 -34.39
CA TYR E 474 0.37 17.81 -33.07
C TYR E 474 -0.28 18.83 -32.15
N TRP E 475 0.27 20.05 -32.11
CA TRP E 475 -0.25 21.08 -31.22
C TRP E 475 -1.52 21.73 -31.74
N SER E 476 -1.83 21.59 -33.03
CA SER E 476 -3.09 22.12 -33.54
C SER E 476 -4.28 21.24 -33.17
N ILE E 477 -4.05 19.94 -33.00
CA ILE E 477 -5.13 19.02 -32.66
C ILE E 477 -5.39 19.03 -31.16
N PHE E 478 -4.34 18.93 -30.36
CA PHE E 478 -4.46 18.84 -28.91
C PHE E 478 -4.40 20.21 -28.23
N SER E 479 -4.69 21.28 -28.97
CA SER E 479 -4.76 22.63 -28.42
C SER E 479 -3.47 23.02 -27.69
C5 A1IIN F . -23.81 -25.26 5.86
C2 A1IIN F . -25.11 -23.16 3.10
C3 A1IIN F . -24.72 -24.07 4.19
C4 A1IIN F . -23.60 -24.19 4.92
N1 A1IIN F . -26.57 -23.09 2.94
N7 A1IIN F . -25.07 -25.70 5.63
O6 A1IIN F . -23.02 -25.70 6.71
O8 A1IIN F . -25.66 -24.97 4.59
C1 NAG G . -58.39 -0.92 -3.90
C2 NAG G . -59.00 -2.16 -4.55
C3 NAG G . -60.52 -2.03 -4.61
C4 NAG G . -61.03 -1.02 -3.59
C5 NAG G . -60.41 0.35 -3.89
C6 NAG G . -60.44 1.31 -2.71
C7 NAG G . -57.85 -3.48 -6.28
C8 NAG G . -57.36 -3.45 -7.71
N2 NAG G . -58.45 -2.35 -5.86
O3 NAG G . -61.08 -3.30 -4.42
O4 NAG G . -62.43 -1.00 -3.67
O5 NAG G . -59.07 0.22 -4.34
O6 NAG G . -60.96 2.55 -3.14
O7 NAG G . -57.71 -4.47 -5.58
C1 NAG H . -31.23 -14.77 -20.56
C2 NAG H . -31.47 -16.27 -20.72
C3 NAG H . -30.17 -16.95 -21.15
C4 NAG H . -29.60 -16.26 -22.38
C5 NAG H . -29.45 -14.76 -22.10
C6 NAG H . -28.89 -13.98 -23.27
C7 NAG H . -33.21 -17.34 -19.35
C8 NAG H . -33.52 -17.91 -17.99
N2 NAG H . -31.98 -16.85 -19.51
O3 NAG H . -30.45 -18.30 -21.38
O4 NAG H . -28.36 -16.87 -22.65
O5 NAG H . -30.70 -14.22 -21.74
O6 NAG H . -27.58 -14.43 -23.56
O7 NAG H . -34.05 -17.34 -20.25
C1 OCT I . 5.03 -6.89 -34.68
C2 OCT I . 3.79 -6.15 -34.20
C3 OCT I . 4.06 -4.65 -34.23
C4 OCT I . 2.80 -3.89 -33.83
C5 OCT I . 3.05 -2.39 -33.91
C6 OCT I . 1.79 -1.64 -33.49
C7 OCT I . 2.06 -0.13 -33.53
C8 OCT I . 0.81 0.61 -33.07
C1 HEX J . 0.86 -8.18 -36.61
C2 HEX J . -0.19 -7.79 -35.56
C3 HEX J . -1.29 -8.85 -35.51
C4 HEX J . -2.28 -8.50 -34.40
C5 HEX J . -3.34 -9.60 -34.31
C6 HEX J . -4.33 -9.24 -33.22
C1 HEX K . 15.93 -9.22 -47.21
C2 HEX K . 17.34 -8.68 -47.36
C3 HEX K . 17.83 -8.93 -48.79
C4 HEX K . 19.33 -8.61 -48.87
C5 HEX K . 19.86 -9.04 -50.24
C6 HEX K . 21.38 -8.94 -50.25
C1 OCT L . 29.77 -20.87 -45.76
C2 OCT L . 29.04 -21.14 -44.44
C3 OCT L . 28.08 -19.98 -44.15
C4 OCT L . 27.37 -20.23 -42.82
C5 OCT L . 26.47 -19.03 -42.50
C6 OCT L . 25.80 -19.25 -41.14
C7 OCT L . 24.95 -18.04 -40.80
C8 OCT L . 24.22 -18.28 -39.48
C1 HEX M . 25.99 -18.24 -34.98
C2 HEX M . 26.73 -18.24 -36.32
C3 HEX M . 28.04 -19.02 -36.18
C4 HEX M . 28.68 -19.21 -37.56
C5 HEX M . 29.92 -20.09 -37.43
C6 HEX M . 30.46 -20.41 -38.82
C1 D10 N . 9.78 -7.91 -39.15
C2 D10 N . 8.34 -8.04 -38.64
C3 D10 N . 7.59 -9.07 -39.48
C4 D10 N . 6.16 -9.18 -38.98
C5 D10 N . 5.41 -10.23 -39.80
C6 D10 N . 3.97 -10.33 -39.29
C7 D10 N . 3.24 -11.44 -40.04
C8 D10 N . 1.83 -11.59 -39.45
C9 D10 N . 1.09 -12.72 -40.16
C10 D10 N . -0.25 -12.96 -39.48
C1 HEX O . 17.61 -3.26 -41.56
C2 HEX O . 17.37 -4.22 -42.73
C3 HEX O . 17.66 -3.48 -44.04
C4 HEX O . 17.40 -4.41 -45.22
C5 HEX O . 17.64 -3.65 -46.53
C6 HEX O . 17.36 -4.56 -47.71
C1 OCT P . 33.51 -17.32 -29.31
C2 OCT P . 33.53 -17.39 -30.83
C3 OCT P . 34.60 -18.40 -31.28
C4 OCT P . 34.62 -18.46 -32.80
C5 OCT P . 35.45 -19.66 -33.25
C6 OCT P . 35.23 -19.90 -34.74
C7 OCT P . 35.82 -21.25 -35.14
C8 OCT P . 35.43 -21.56 -36.58
C1 OCT Q . 14.17 -19.39 -25.31
C2 OCT Q . 12.99 -19.45 -24.33
C3 OCT Q . 11.90 -20.34 -24.91
C4 OCT Q . 10.81 -20.56 -23.86
C5 OCT Q . 9.81 -21.58 -24.37
C6 OCT Q . 8.79 -21.90 -23.28
C7 OCT Q . 7.77 -22.91 -23.81
C8 OCT Q . 6.73 -23.20 -22.73
C1 OCT R . 2.75 -24.27 -25.42
C2 OCT R . 2.88 -23.54 -26.75
C3 OCT R . 4.32 -23.11 -26.96
C4 OCT R . 4.44 -22.33 -28.27
C5 OCT R . 5.90 -21.97 -28.52
C6 OCT R . 6.02 -21.30 -29.89
C7 OCT R . 7.49 -21.01 -30.19
C8 OCT R . 7.62 -20.42 -31.59
C5 A1IIN S . -5.45 -19.08 29.08
C2 A1IIN S . -6.43 -21.20 26.19
C3 A1IIN S . -6.10 -20.46 27.43
C4 A1IIN S . -5.51 -19.27 27.65
N1 A1IIN S . -7.46 -22.22 26.44
N7 A1IIN S . -6.02 -20.18 29.62
O6 A1IIN S . -4.99 -18.12 29.71
O8 A1IIN S . -6.43 -21.06 28.61
C1 NAG T . -39.97 -40.46 13.76
C2 NAG T . -39.45 -41.70 14.51
C3 NAG T . -40.59 -42.68 14.77
C4 NAG T . -41.94 -41.97 14.73
C5 NAG T . -42.14 -41.36 13.34
C6 NAG T . -43.18 -40.26 13.29
C7 NAG T . -37.18 -42.60 14.20
C8 NAG T . -36.26 -43.27 13.21
N2 NAG T . -38.41 -42.34 13.74
O3 NAG T . -40.36 -43.31 16.01
O4 NAG T . -42.93 -42.93 15.03
O5 NAG T . -40.93 -40.86 12.81
O6 NAG T . -44.08 -40.50 12.23
O7 NAG T . -36.81 -42.32 15.34
C1 NAG U . -5.83 -39.06 7.54
C2 NAG U . -5.09 -39.79 8.66
C3 NAG U . -3.61 -39.47 8.59
C4 NAG U . -3.06 -39.75 7.20
C5 NAG U . -3.91 -38.99 6.17
C6 NAG U . -3.46 -39.20 4.74
C7 NAG U . -6.31 -40.29 10.74
C8 NAG U . -6.78 -39.71 12.06
N2 NAG U . -5.63 -39.45 9.95
O3 NAG U . -2.95 -40.24 9.58
O4 NAG U . -1.72 -39.34 7.18
O5 NAG U . -5.26 -39.37 6.29
O6 NAG U . -2.15 -38.72 4.57
O7 NAG U . -6.55 -41.45 10.44
C1 OCT V . 21.72 -23.22 -16.28
C2 OCT V . 20.20 -23.45 -16.24
C3 OCT V . 19.57 -22.82 -17.49
C4 OCT V . 18.08 -23.13 -17.50
C5 OCT V . 17.45 -22.54 -18.77
C6 OCT V . 15.95 -22.82 -18.78
C7 OCT V . 15.32 -22.21 -20.02
C8 OCT V . 13.81 -22.46 -19.99
C1 HEX W . 20.21 -27.66 -15.32
C2 HEX W . 18.81 -27.46 -14.74
C3 HEX W . 18.60 -28.47 -13.61
C4 HEX W . 17.24 -28.22 -12.96
C5 HEX W . 17.04 -29.17 -11.79
C6 HEX W . 15.67 -28.94 -11.16
C1 HEX X . 36.01 -25.74 -24.67
C2 HEX X . 36.79 -24.76 -25.56
C3 HEX X . 37.87 -25.52 -26.32
C4 HEX X . 38.81 -24.53 -27.00
C5 HEX X . 39.98 -25.29 -27.62
C6 HEX X . 41.03 -24.28 -28.09
C1 OCT Y . 51.90 -19.49 -18.52
C2 OCT Y . 50.98 -19.13 -17.35
C3 OCT Y . 49.53 -19.17 -17.83
C4 OCT Y . 48.60 -18.78 -16.67
C5 OCT Y . 47.16 -18.75 -17.16
C6 OCT Y . 46.25 -18.30 -16.02
C7 OCT Y . 44.80 -18.22 -16.53
C8 OCT Y . 43.88 -17.84 -15.37
C1 HEX Z . 43.29 -13.55 -13.26
C2 HEX Z . 44.37 -14.01 -14.23
C3 HEX Z . 45.69 -13.32 -13.89
C4 HEX Z . 46.82 -13.94 -14.71
C5 HEX Z . 48.14 -13.31 -14.29
C6 HEX Z . 49.29 -14.05 -15.00
C1 D10 AA . 27.54 -23.63 -19.35
C2 D10 AA . 26.36 -24.23 -18.58
C3 D10 AA . 26.74 -25.62 -18.10
C4 D10 AA . 25.56 -26.23 -17.33
C5 D10 AA . 25.95 -27.62 -16.81
C6 D10 AA . 24.76 -28.21 -16.06
C7 D10 AA . 25.15 -29.56 -15.45
C8 D10 AA . 23.98 -30.09 -14.64
C9 D10 AA . 24.38 -31.42 -13.98
C10 D10 AA . 23.26 -31.88 -13.04
C1 HEX BA . 31.58 -18.83 -26.40
C2 HEX BA . 32.42 -20.11 -26.29
C3 HEX BA . 32.75 -20.61 -27.69
C4 HEX BA . 33.56 -21.90 -27.60
C5 HEX BA . 33.85 -22.41 -29.00
C6 HEX BA . 34.64 -23.72 -28.92
C1 OCT CA . 45.85 -4.46 -12.62
C2 OCT CA . 46.53 -5.53 -13.46
C3 OCT CA . 48.04 -5.47 -13.22
C4 OCT CA . 48.72 -6.54 -14.08
C5 OCT CA . 50.18 -6.70 -13.64
C6 OCT CA . 50.75 -7.97 -14.26
C7 OCT CA . 52.10 -8.29 -13.62
C8 OCT CA . 52.59 -9.64 -14.11
C1 OCT DA . 31.42 -14.70 -3.61
C2 OCT DA . 30.21 -14.79 -2.69
C3 OCT DA . 30.16 -16.17 -2.05
C4 OCT DA . 29.07 -16.21 -0.99
C5 OCT DA . 29.12 -17.54 -0.24
C6 OCT DA . 28.11 -17.53 0.91
C7 OCT DA . 28.17 -18.86 1.65
C8 OCT DA . 27.13 -18.87 2.77
C1 OCT EA . 25.96 -23.63 3.07
C2 OCT EA . 26.19 -24.26 1.70
C3 OCT EA . 27.09 -23.34 0.87
C4 OCT EA . 27.27 -23.95 -0.52
C5 OCT EA . 28.23 -23.08 -1.33
C6 OCT EA . 28.50 -23.74 -2.68
C7 OCT EA . 29.52 -22.91 -3.46
C8 OCT EA . 29.86 -23.63 -4.77
C5 A1IIN FA . -5.21 10.90 33.07
C2 A1IIN FA . -3.55 7.59 33.26
C3 A1IIN FA . -4.23 8.90 33.32
C4 A1IIN FA . -4.56 9.80 32.40
N1 A1IIN FA . -3.81 6.77 34.46
N7 A1IIN FA . -5.22 10.56 34.38
O6 A1IIN FA . -5.66 11.94 32.58
O8 A1IIN FA . -4.61 9.31 34.58
C1 NAG GA . -11.87 -28.67 49.62
C2 NAG GA . -11.10 -28.20 50.87
C3 NAG GA . -11.48 -29.05 52.07
C4 NAG GA . -12.83 -29.73 51.86
C5 NAG GA . -12.75 -30.64 50.62
C6 NAG GA . -14.09 -30.99 50.03
C7 NAG GA . -8.83 -27.24 50.78
C8 NAG GA . -7.39 -27.55 50.48
N2 NAG GA . -9.68 -28.26 50.63
O3 NAG GA . -11.47 -28.23 53.21
O4 NAG GA . -13.13 -30.45 53.03
O5 NAG GA . -11.93 -30.07 49.62
O6 NAG GA . -14.17 -32.39 49.83
O7 NAG GA . -9.19 -26.12 51.13
C1 NAG HA . 14.52 -10.68 35.93
C2 NAG HA . 14.99 -9.65 36.96
C3 NAG HA . 15.92 -8.65 36.28
C4 NAG HA . 17.03 -9.37 35.54
C5 NAG HA . 16.43 -10.39 34.57
C6 NAG HA . 17.45 -11.17 33.79
C7 NAG HA . 13.55 -9.14 38.88
C8 NAG HA . 12.35 -8.33 39.32
N2 NAG HA . 13.89 -8.99 37.59
O3 NAG HA . 16.42 -7.78 37.27
O4 NAG HA . 17.79 -8.39 34.86
O5 NAG HA . 15.62 -11.29 35.30
O6 NAG HA . 18.20 -10.31 32.97
O7 NAG HA . 14.15 -9.87 39.65
C1 OCT IA . 35.29 -4.74 2.63
C2 OCT IA . 34.32 -5.76 3.21
C3 OCT IA . 34.03 -6.84 2.17
C4 OCT IA . 33.13 -7.90 2.79
C5 OCT IA . 32.87 -9.01 1.76
C6 OCT IA . 31.95 -10.06 2.38
C7 OCT IA . 31.66 -11.15 1.34
C8 OCT IA . 30.70 -12.18 1.94
C1 HEX JA . 36.30 -6.42 6.98
C2 HEX JA . 34.94 -6.86 7.54
C3 HEX JA . 34.88 -6.52 9.04
C4 HEX JA . 33.49 -6.86 9.58
C5 HEX JA . 33.41 -6.47 11.05
C6 HEX JA . 32.04 -6.83 11.59
C1 HEX KA . 50.45 -2.25 -4.11
C2 HEX KA . 50.84 -2.06 -5.58
C3 HEX KA . 52.34 -2.13 -5.72
C4 HEX KA . 52.74 -1.70 -7.13
C5 HEX KA . 54.27 -1.61 -7.22
C6 HEX KA . 54.66 -0.96 -8.54
C1 OCT LA . 55.89 14.21 -9.48
C2 OCT LA . 54.54 14.55 -8.84
C3 OCT LA . 53.71 13.28 -8.70
C4 OCT LA . 52.36 13.63 -8.09
C5 OCT LA . 51.50 12.35 -8.01
C6 OCT LA . 50.12 12.71 -7.45
C7 OCT LA . 49.25 11.46 -7.44
C8 OCT LA . 47.90 11.79 -6.80
C1 HEX MA . 44.20 14.24 -8.71
C2 HEX MA . 45.65 14.11 -9.21
C3 HEX MA . 46.06 15.42 -9.88
C4 HEX MA . 47.56 15.36 -10.19
C5 HEX MA . 48.00 16.70 -10.78
C6 HEX MA . 49.52 16.72 -10.92
C1 D10 NA . 40.98 -3.30 -0.40
C2 D10 NA . 40.16 -3.69 0.83
C3 D10 NA . 41.01 -3.55 2.09
C4 D10 NA . 40.18 -3.95 3.30
C5 D10 NA . 41.02 -3.77 4.57
C6 D10 NA . 40.19 -4.20 5.79
C7 D10 NA . 40.98 -3.94 7.06
C8 D10 NA . 40.09 -4.28 8.26
C9 D10 NA . 40.85 -3.99 9.55
C10 D10 NA . 39.92 -4.19 10.75
C1 HEX OA . 44.11 -4.13 -9.25
C2 HEX OA . 45.37 -3.91 -8.43
C3 HEX OA . 46.48 -4.83 -8.95
C4 HEX OA . 47.74 -4.65 -8.12
C5 HEX OA . 48.82 -5.62 -8.62
C6 HEX OA . 50.08 -5.47 -7.78
C1 OCT PA . 40.71 19.16 -15.99
C2 OCT PA . 42.15 18.68 -15.84
C3 OCT PA . 43.11 19.83 -16.14
C4 OCT PA . 44.55 19.34 -15.99
C5 OCT PA . 45.50 20.54 -16.00
C6 OCT PA . 46.89 20.07 -15.55
C7 OCT PA . 47.76 21.28 -15.28
C8 OCT PA . 49.08 20.82 -14.65
C1 OCT QA . 32.35 13.01 0.93
C2 OCT QA . 31.15 12.86 1.86
C3 OCT QA . 31.61 12.84 3.31
C4 OCT QA . 30.40 12.87 4.24
C5 OCT QA . 30.89 13.02 5.68
C6 OCT QA . 29.67 13.17 6.61
C7 OCT QA . 30.16 13.31 8.06
C8 OCT QA . 28.96 13.42 8.98
C1 OCT RA . 30.66 11.40 13.13
C2 OCT RA . 31.73 10.38 12.74
C3 OCT RA . 32.21 10.66 11.33
C4 OCT RA . 33.25 9.62 10.92
C5 OCT RA . 33.79 9.93 9.53
C6 OCT RA . 34.90 8.96 9.19
C7 OCT RA . 35.50 9.33 7.83
C8 OCT RA . 36.68 8.41 7.52
C5 A1IIN SA . -23.41 23.23 12.31
C2 A1IIN SA . -20.44 23.40 14.54
C3 A1IIN SA . -21.70 23.42 13.74
C4 A1IIN SA . -22.05 22.84 12.60
N1 A1IIN SA . -20.68 23.81 15.93
N7 A1IIN SA . -23.78 24.03 13.34
O6 A1IIN SA . -24.12 22.92 11.35
O8 A1IIN SA . -22.72 24.17 14.25
C1 NAG TA . -12.90 18.16 54.12
C2 NAG TA . -13.12 19.67 54.28
C3 NAG TA . -13.42 20.00 55.75
C4 NAG TA . -13.93 18.78 56.49
C5 NAG TA . -12.85 17.68 56.46
C6 NAG TA . -13.38 16.28 56.73
C7 NAG TA . -11.99 21.37 52.89
C8 NAG TA . -10.65 21.98 52.58
N2 NAG TA . -11.96 20.39 53.83
O3 NAG TA . -14.33 21.07 55.78
O4 NAG TA . -14.22 19.18 57.80
O5 NAG TA . -12.16 17.67 55.21
O6 NAG TA . -12.58 15.66 57.70
O7 NAG TA . -13.01 21.74 52.34
C1 NAG UA . 1.69 31.12 25.38
C2 NAG UA . 1.04 32.47 25.06
C3 NAG UA . 1.41 32.91 23.66
C4 NAG UA . 2.93 32.88 23.48
C5 NAG UA . 3.46 31.49 23.86
C6 NAG UA . 4.97 31.35 23.74
C7 NAG UA . -1.08 33.06 26.17
C8 NAG UA . -2.58 32.84 26.12
N2 NAG UA . -0.39 32.41 25.21
O3 NAG UA . 0.88 34.19 23.43
O4 NAG UA . 3.21 33.20 22.13
O5 NAG UA . 3.08 31.20 25.19
O6 NAG UA . 5.34 31.53 22.39
O7 NAG UA . -0.57 33.75 27.02
C1 OCT VA . 27.02 22.99 -4.09
C2 OCT VA . 26.64 22.46 -2.72
C3 OCT VA . 27.45 21.20 -2.42
C4 OCT VA . 27.14 20.72 -1.00
C5 OCT VA . 28.00 19.49 -0.68
C6 OCT VA . 27.68 19.00 0.73
C7 OCT VA . 28.49 17.75 1.04
C8 OCT VA . 28.13 17.23 2.43
C1 HEX WA . 26.89 26.15 -0.52
C2 HEX WA . 25.92 25.54 0.50
C3 HEX WA . 25.08 26.66 1.12
C4 HEX WA . 24.05 26.03 2.07
C5 HEX WA . 23.16 27.13 2.64
C6 HEX WA . 22.14 26.52 3.60
C1 HEX XA . 39.30 28.77 -13.93
C2 HEX XA . 40.08 28.05 -15.02
C3 HEX XA . 41.27 28.90 -15.45
C4 HEX XA . 41.89 28.30 -16.71
C5 HEX XA . 42.98 29.25 -17.23
C6 HEX XA . 43.44 28.78 -18.61
C1 OCT YA . 36.23 33.65 -31.14
C2 OCT YA . 34.81 33.34 -30.67
C3 OCT YA . 34.87 32.52 -29.39
C4 OCT YA . 33.45 32.18 -28.93
C5 OCT YA . 33.51 31.29 -27.70
C6 OCT YA . 32.09 30.90 -27.28
C7 OCT YA . 32.15 29.97 -26.08
C8 OCT YA . 30.73 29.65 -25.61
C1 HEX ZA . 27.48 26.71 -27.64
C2 HEX ZA . 28.79 27.24 -28.20
C3 HEX ZA . 28.65 27.44 -29.71
C4 HEX ZA . 29.88 28.17 -30.24
C5 HEX ZA . 29.70 28.47 -31.73
C6 HEX ZA . 30.84 29.34 -32.22
C1 D10 AB . 31.53 24.97 -8.46
C2 D10 AB . 30.67 25.18 -7.23
C3 D10 AB . 30.68 26.65 -6.83
C4 D10 AB . 29.81 26.84 -5.59
C5 D10 AB . 29.79 28.32 -5.20
C6 D10 AB . 28.94 28.50 -3.95
C7 D10 AB . 28.83 29.99 -3.61
C8 D10 AB . 27.90 30.16 -2.41
C9 D10 AB . 27.74 31.64 -2.09
C10 D10 AB . 26.71 31.82 -0.99
C1 HEX BB . 37.89 20.52 -13.82
C2 HEX BB . 38.35 21.97 -13.83
C3 HEX BB . 39.88 22.02 -13.72
C4 HEX BB . 40.35 23.48 -13.72
C5 HEX BB . 41.86 23.51 -13.55
C6 HEX BB . 42.34 24.96 -13.50
C1 OCT CB . 25.20 20.92 -34.76
C2 OCT CB . 26.45 21.80 -34.67
C3 OCT CB . 26.62 22.56 -35.98
C4 OCT CB . 27.87 23.43 -35.89
C5 OCT CB . 27.89 24.42 -37.07
C6 OCT CB . 28.96 25.47 -36.81
C7 OCT CB . 28.81 26.61 -37.81
C8 OCT CB . 29.76 27.75 -37.44
C1 OCT DB . 15.66 25.48 -17.95
C2 OCT DB . 14.50 25.31 -16.97
C3 OCT DB . 14.26 26.62 -16.23
C4 OCT DB . 12.98 26.51 -15.39
C5 OCT DB . 12.66 27.88 -14.80
C6 OCT DB . 11.32 27.80 -14.05
C7 OCT DB . 11.00 29.16 -13.44
C8 OCT DB . 9.68 29.08 -12.67
C1 OCT EB . 10.34 32.44 -9.14
C2 OCT EB . 11.84 32.54 -8.87
C3 OCT EB . 12.61 31.94 -10.04
C4 OCT EB . 14.11 32.00 -9.74
C5 OCT EB . 14.89 31.46 -10.94
C6 OCT EB . 16.39 31.63 -10.68
C7 OCT EB . 17.17 31.18 -11.92
C8 OCT EB . 18.65 31.44 -11.70
C1 OCT FB . 20.74 -1.63 -43.00
C2 OCT FB . 21.11 -0.50 -43.94
C3 OCT FB . 21.35 -1.06 -45.34
C4 OCT FB . 21.73 0.07 -46.29
C5 OCT FB . 21.69 -0.42 -47.73
C6 OCT FB . 21.75 0.77 -48.68
C7 OCT FB . 21.43 0.32 -50.10
C8 OCT FB . 21.32 1.55 -51.00
C1 OCT GB . 4.42 5.46 -34.17
C2 OCT GB . 3.29 5.34 -33.16
C3 OCT GB . 2.07 6.11 -33.68
C4 OCT GB . 0.87 5.85 -32.77
C5 OCT GB . -0.37 6.48 -33.38
C6 OCT GB . -1.59 6.13 -32.54
C7 OCT GB . -2.83 6.77 -33.14
C8 OCT GB . -4.06 6.44 -32.28
C1 OCT HB . -6.91 10.39 -32.97
C2 OCT HB . -6.00 11.57 -33.28
C3 OCT HB . -4.62 11.05 -33.70
C4 OCT HB . -3.70 12.24 -33.97
C5 OCT HB . -2.35 11.74 -34.47
C6 OCT HB . -1.46 12.93 -34.84
C7 OCT HB . -0.15 12.42 -35.41
C8 OCT HB . 0.70 13.61 -35.88
C5 A1IIN IB . -34.90 0.89 -4.50
C2 A1IIN IB . -33.77 4.40 -4.11
C3 A1IIN IB . -34.36 3.05 -4.25
C4 A1IIN IB . -33.83 1.83 -4.38
N1 A1IIN IB . -34.74 5.36 -3.55
N7 A1IIN IB . -36.04 1.63 -4.42
O6 A1IIN IB . -34.85 -0.34 -4.63
O8 A1IIN IB . -35.73 2.99 -4.27
C1 NAG JB . -41.65 35.32 21.05
C2 NAG JB . -42.72 35.77 20.04
C3 NAG JB . -43.73 36.71 20.72
C4 NAG JB . -43.71 36.52 22.23
C5 NAG JB . -42.31 36.84 22.77
C6 NAG JB . -42.02 36.26 24.14
C7 NAG JB . -42.29 36.05 17.64
C8 NAG JB . -41.54 36.88 16.62
N2 NAG JB . -42.11 36.41 18.92
O3 NAG JB . -44.99 36.48 20.17
O4 NAG JB . -44.69 37.38 22.77
O5 NAG JB . -41.30 36.40 21.87
O6 NAG JB . -41.49 37.26 24.98
O7 NAG JB . -43.00 35.12 17.29
C1 NAG KB . -26.59 28.61 -9.52
C2 NAG KB . -27.68 28.40 -10.58
C3 NAG KB . -27.07 27.79 -11.83
C4 NAG KB . -25.89 28.63 -12.31
C5 NAG KB . -24.89 28.80 -11.16
C6 NAG KB . -23.68 29.63 -11.52
C7 NAG KB . -29.99 27.99 -9.81
C8 NAG KB . -30.92 26.93 -9.29
N2 NAG KB . -28.73 27.56 -10.07
O3 NAG KB . -28.07 27.70 -12.80
O4 NAG KB . -25.31 27.96 -13.42
O5 NAG KB . -25.55 29.39 -10.06
O6 NAG KB . -22.95 28.99 -12.54
O7 NAG KB . -30.35 29.14 -9.99
C1 OCT LB . 8.31 21.67 -27.15
C2 OCT LB . 7.77 22.23 -25.83
C3 OCT LB . 8.93 22.56 -24.91
C4 OCT LB . 8.40 23.21 -23.63
C5 OCT LB . 9.58 23.59 -22.73
C6 OCT LB . 9.03 24.22 -21.44
C7 OCT LB . 10.20 24.57 -20.52
C8 OCT LB . 9.65 25.14 -19.21
C1 HEX MB . 4.98 25.08 -27.45
C2 HEX MB . 4.21 24.98 -26.14
C3 HEX MB . 2.73 25.23 -26.41
C4 HEX MB . 1.94 25.03 -25.11
C5 HEX MB . 0.45 25.21 -25.39
C6 HEX MB . -0.33 25.04 -24.09
C1 HEX NB . 17.97 24.47 -40.57
C2 HEX NB . 19.38 23.97 -40.85
C3 HEX NB . 19.95 24.70 -42.07
C4 HEX NB . 21.25 24.03 -42.50
C5 HEX NB . 21.72 24.67 -43.81
C6 HEX NB . 22.87 23.85 -44.39
C1 OCT OB . 20.09 11.98 -53.54
C2 OCT OB . 19.06 11.30 -52.66
C3 OCT OB . 19.03 11.97 -51.29
C4 OCT OB . 18.01 11.27 -50.40
C5 OCT OB . 18.03 11.89 -49.01
C6 OCT OB . 17.06 11.15 -48.10
C7 OCT OB . 17.13 11.74 -46.69
C8 OCT OB . 16.10 11.06 -45.80
C1 HEX PB . 16.23 6.64 -43.87
C2 HEX PB . 17.11 7.25 -44.96
C3 HEX PB . 17.51 6.17 -45.96
C4 HEX PB . 18.21 6.81 -47.15
C5 HEX PB . 18.52 5.75 -48.20
C6 HEX PB . 19.06 6.41 -49.46
C1 D10 QB . 12.26 22.13 -32.41
C2 D10 QB . 11.00 22.50 -31.61
C3 D10 QB . 10.03 23.25 -32.52
C4 D10 QB . 8.79 23.62 -31.71
C5 D10 QB . 7.79 24.34 -32.62
C6 D10 QB . 6.56 24.73 -31.81
C7 D10 QB . 5.51 25.37 -32.71
C8 D10 QB . 4.25 25.66 -31.91
C9 D10 QB . 3.18 26.25 -32.81
C10 D10 QB . 1.88 26.40 -32.03
C1 HEX RB . 21.52 21.06 -33.78
C2 HEX RB . 21.05 21.80 -35.03
C3 HEX RB . 22.07 22.87 -35.41
C4 HEX RB . 21.60 23.64 -36.64
C5 HEX RB . 22.60 24.73 -36.96
C6 HEX RB . 22.12 25.53 -38.18
#